data_2KLM
#
_entry.id   2KLM
#
_entity_poly.entity_id   1
_entity_poly.type   'polypeptide(L)'
_entity_poly.pdbx_seq_one_letter_code
;MKKVVAVVKLQLPAGKATPAPPVGPALGQHGANIMEFVKAFNAATANMGDAIVPVEITIYADRSFTFVTKTPPASYLIRK
AAGLEKGAHKPGREKVGRITWEQVLEIAKQKMPDLNTTDLEAAARMIAGSARSMGVEVVGAPEVKDA
;
_entity_poly.pdbx_strand_id   A
#
# COMPACT_ATOMS: atom_id res chain seq x y z
N MET A 1 -12.52 31.76 1.60
CA MET A 1 -11.99 30.60 0.83
C MET A 1 -10.52 30.86 0.48
N LYS A 2 -9.66 29.93 0.88
CA LYS A 2 -8.22 30.06 0.61
C LYS A 2 -7.63 28.67 0.38
N LYS A 3 -6.31 28.59 0.36
CA LYS A 3 -5.63 27.31 0.15
C LYS A 3 -5.98 26.35 1.27
N VAL A 4 -5.18 25.30 1.45
CA VAL A 4 -5.44 24.33 2.51
C VAL A 4 -5.85 25.07 3.79
N VAL A 5 -7.04 24.76 4.31
CA VAL A 5 -7.54 25.41 5.53
C VAL A 5 -7.64 24.39 6.65
N ALA A 6 -7.79 23.11 6.31
CA ALA A 6 -7.88 22.09 7.36
C ALA A 6 -7.12 20.83 6.97
N VAL A 7 -6.27 20.39 7.88
CA VAL A 7 -5.46 19.19 7.68
C VAL A 7 -5.77 18.17 8.77
N VAL A 8 -6.42 17.07 8.44
CA VAL A 8 -6.75 16.11 9.50
C VAL A 8 -5.60 15.11 9.68
N LYS A 9 -4.66 15.47 10.55
CA LYS A 9 -3.50 14.61 10.84
C LYS A 9 -3.88 13.59 11.90
N LEU A 10 -3.83 12.32 11.51
CA LEU A 10 -4.17 11.24 12.44
C LEU A 10 -4.02 9.88 11.76
N GLN A 11 -4.34 8.83 12.51
CA GLN A 11 -4.30 7.45 11.98
C GLN A 11 -5.67 7.13 11.44
N LEU A 12 -5.76 6.13 10.57
CA LEU A 12 -7.09 5.71 10.09
C LEU A 12 -7.03 4.21 9.74
N PRO A 13 -8.00 3.39 10.14
CA PRO A 13 -7.96 1.94 9.81
C PRO A 13 -8.45 1.61 8.40
N ALA A 14 -7.58 1.02 7.57
CA ALA A 14 -8.00 0.61 6.25
C ALA A 14 -9.26 -0.24 6.47
N GLY A 15 -10.28 -0.04 5.63
CA GLY A 15 -11.55 -0.74 5.79
C GLY A 15 -12.04 -0.48 7.22
N LYS A 16 -12.85 -1.38 7.79
CA LYS A 16 -13.32 -1.18 9.16
C LYS A 16 -13.66 0.29 9.43
N ALA A 17 -13.95 1.03 8.36
CA ALA A 17 -14.33 2.43 8.49
C ALA A 17 -15.85 2.51 8.47
N THR A 18 -16.42 3.60 8.99
CA THR A 18 -17.87 3.71 9.01
C THR A 18 -18.32 5.15 9.32
N PRO A 19 -19.59 5.46 9.12
CA PRO A 19 -20.11 6.82 9.45
C PRO A 19 -19.99 7.15 10.96
N ALA A 20 -18.87 6.77 11.57
CA ALA A 20 -18.65 7.07 12.97
C ALA A 20 -17.16 7.32 13.24
N PRO A 21 -16.54 8.22 12.50
CA PRO A 21 -15.10 8.53 12.73
C PRO A 21 -14.89 9.47 13.91
N PRO A 22 -13.67 9.60 14.40
CA PRO A 22 -13.39 10.54 15.52
C PRO A 22 -13.72 11.98 15.13
N VAL A 23 -13.67 12.25 13.83
CA VAL A 23 -13.95 13.60 13.33
C VAL A 23 -15.47 13.80 13.19
N GLY A 24 -16.06 13.04 12.25
CA GLY A 24 -17.48 13.12 11.94
C GLY A 24 -17.92 14.58 11.82
N PRO A 25 -18.51 15.20 12.83
CA PRO A 25 -18.87 16.64 12.69
C PRO A 25 -17.65 17.45 12.25
N ALA A 26 -16.58 17.37 13.05
CA ALA A 26 -15.37 18.14 12.76
C ALA A 26 -15.03 18.07 11.27
N LEU A 27 -15.63 17.10 10.58
CA LEU A 27 -15.41 16.93 9.13
C LEU A 27 -16.69 17.26 8.37
N GLY A 28 -17.82 16.86 8.93
CA GLY A 28 -19.10 17.10 8.27
C GLY A 28 -19.35 18.58 8.04
N GLN A 29 -19.19 19.41 9.08
CA GLN A 29 -19.47 20.84 8.95
C GLN A 29 -18.95 21.37 7.61
N HIS A 30 -17.89 20.73 7.12
CA HIS A 30 -17.29 21.13 5.85
C HIS A 30 -18.40 21.36 4.82
N GLY A 31 -19.43 20.50 4.91
CA GLY A 31 -20.58 20.59 4.01
C GLY A 31 -20.46 19.56 2.90
N ALA A 32 -19.23 19.15 2.63
CA ALA A 32 -18.91 18.19 1.58
C ALA A 32 -19.82 16.98 1.61
N ASN A 33 -19.25 15.78 1.45
CA ASN A 33 -20.05 14.57 1.48
C ASN A 33 -19.34 13.47 2.30
N ILE A 34 -19.84 13.17 3.50
CA ILE A 34 -19.20 12.14 4.31
C ILE A 34 -19.08 10.86 3.47
N MET A 35 -20.21 10.22 3.20
CA MET A 35 -20.20 8.97 2.44
C MET A 35 -19.18 9.05 1.30
N GLU A 36 -19.09 10.19 0.63
CA GLU A 36 -18.11 10.34 -0.44
C GLU A 36 -16.71 10.17 0.15
N PHE A 37 -16.46 10.85 1.28
CA PHE A 37 -15.16 10.73 1.95
C PHE A 37 -14.82 9.28 2.15
N VAL A 38 -15.64 8.63 2.96
CA VAL A 38 -15.46 7.24 3.31
C VAL A 38 -15.44 6.36 2.07
N LYS A 39 -16.36 6.62 1.15
CA LYS A 39 -16.40 5.84 -0.10
C LYS A 39 -15.00 5.74 -0.68
N ALA A 40 -14.43 6.89 -1.07
CA ALA A 40 -13.10 6.86 -1.66
C ALA A 40 -12.12 6.19 -0.73
N PHE A 41 -12.23 6.43 0.58
CA PHE A 41 -11.36 5.75 1.51
C PHE A 41 -11.67 4.26 1.43
N ASN A 42 -12.78 3.85 2.04
CA ASN A 42 -13.14 2.43 2.08
C ASN A 42 -12.87 1.74 0.75
N ALA A 43 -13.29 2.42 -0.32
CA ALA A 43 -13.14 1.90 -1.68
C ALA A 43 -11.68 1.63 -2.03
N ALA A 44 -10.77 2.46 -1.53
CA ALA A 44 -9.34 2.23 -1.83
C ALA A 44 -8.77 1.27 -0.81
N THR A 45 -9.12 1.46 0.44
CA THR A 45 -8.65 0.58 1.49
C THR A 45 -9.28 -0.80 1.28
N ALA A 46 -10.39 -0.83 0.56
CA ALA A 46 -11.06 -2.09 0.26
C ALA A 46 -10.35 -2.72 -0.94
N ASN A 47 -9.95 -1.86 -1.88
CA ASN A 47 -9.23 -2.33 -3.05
C ASN A 47 -7.88 -2.90 -2.63
N MET A 48 -7.41 -2.48 -1.44
CA MET A 48 -6.11 -2.95 -0.92
C MET A 48 -6.33 -3.93 0.26
N GLY A 49 -7.43 -3.77 0.99
CA GLY A 49 -7.73 -4.65 2.14
C GLY A 49 -7.78 -3.85 3.45
N ASP A 50 -8.21 -4.50 4.53
CA ASP A 50 -8.28 -3.83 5.83
C ASP A 50 -6.88 -3.70 6.43
N ALA A 51 -6.60 -2.58 7.09
CA ALA A 51 -5.27 -2.38 7.69
C ALA A 51 -5.21 -1.09 8.51
N ILE A 52 -4.03 -0.47 8.58
CA ILE A 52 -3.90 0.80 9.30
C ILE A 52 -2.99 1.70 8.50
N VAL A 53 -3.35 2.97 8.36
CA VAL A 53 -2.51 3.88 7.59
C VAL A 53 -2.50 5.31 8.19
N PRO A 54 -1.33 5.93 8.35
CA PRO A 54 -1.29 7.34 8.82
C PRO A 54 -1.65 8.29 7.67
N VAL A 55 -2.54 9.23 7.94
CA VAL A 55 -2.97 10.17 6.90
C VAL A 55 -3.15 11.57 7.45
N GLU A 56 -3.05 12.53 6.52
CA GLU A 56 -3.26 13.94 6.82
C GLU A 56 -4.22 14.49 5.78
N ILE A 57 -5.51 14.27 6.02
CA ILE A 57 -6.53 14.70 5.07
C ILE A 57 -6.37 16.17 4.74
N THR A 58 -5.67 16.43 3.64
CA THR A 58 -5.40 17.81 3.24
C THR A 58 -6.68 18.37 2.62
N ILE A 59 -7.41 19.17 3.40
CA ILE A 59 -8.68 19.74 2.94
C ILE A 59 -8.51 21.23 2.58
N TYR A 60 -8.87 21.54 1.32
CA TYR A 60 -8.81 22.93 0.84
C TYR A 60 -10.21 23.52 0.89
N ALA A 61 -10.25 24.82 1.24
CA ALA A 61 -11.53 25.51 1.42
C ALA A 61 -12.43 25.38 0.20
N ASP A 62 -11.84 25.10 -0.95
CA ASP A 62 -12.65 24.91 -2.14
C ASP A 62 -13.48 23.63 -1.95
N ARG A 63 -13.39 23.09 -0.73
CA ARG A 63 -14.08 21.88 -0.37
C ARG A 63 -13.55 20.71 -1.19
N SER A 64 -12.32 20.33 -0.87
CA SER A 64 -11.65 19.21 -1.54
C SER A 64 -10.72 18.50 -0.57
N PHE A 65 -10.88 17.18 -0.43
CA PHE A 65 -10.04 16.41 0.49
C PHE A 65 -8.99 15.64 -0.29
N THR A 66 -7.75 16.13 -0.29
CA THR A 66 -6.68 15.45 -1.00
C THR A 66 -6.02 14.49 -0.02
N PHE A 67 -5.98 13.22 -0.41
CA PHE A 67 -5.42 12.19 0.43
C PHE A 67 -5.64 10.79 -0.18
N VAL A 68 -4.55 10.11 -0.47
CA VAL A 68 -4.61 8.75 -1.02
C VAL A 68 -3.37 7.97 -0.60
N THR A 69 -3.59 6.76 -0.10
CA THR A 69 -2.49 5.88 0.32
C THR A 69 -2.76 4.46 -0.20
N LYS A 70 -1.68 3.72 -0.44
CA LYS A 70 -1.79 2.37 -0.97
C LYS A 70 -0.41 1.72 -1.00
N THR A 71 -0.26 0.70 -1.84
CA THR A 71 1.02 0.00 -1.96
C THR A 71 1.20 -1.02 -0.83
N PRO A 72 0.30 -1.99 -0.72
CA PRO A 72 0.39 -3.03 0.34
C PRO A 72 1.82 -3.58 0.51
N PRO A 73 2.04 -4.48 1.46
CA PRO A 73 3.42 -5.00 1.74
C PRO A 73 4.16 -5.58 0.52
N ALA A 74 3.55 -6.55 -0.15
CA ALA A 74 4.18 -7.19 -1.31
C ALA A 74 3.12 -7.58 -2.34
N SER A 75 2.25 -8.54 -1.97
CA SER A 75 1.23 -9.05 -2.88
C SER A 75 0.67 -7.91 -3.74
N TYR A 76 0.86 -6.68 -3.26
CA TYR A 76 0.39 -5.49 -3.96
C TYR A 76 0.63 -5.65 -5.46
N LEU A 77 1.90 -5.67 -5.87
CA LEU A 77 2.27 -5.82 -7.27
C LEU A 77 2.91 -7.19 -7.47
N ILE A 78 3.38 -7.78 -6.37
CA ILE A 78 3.98 -9.10 -6.42
C ILE A 78 3.00 -10.07 -7.05
N ARG A 79 1.73 -9.95 -6.65
CA ARG A 79 0.69 -10.84 -7.17
C ARG A 79 0.83 -10.99 -8.68
N LYS A 80 1.17 -9.91 -9.37
CA LYS A 80 1.34 -9.96 -10.81
C LYS A 80 2.73 -10.48 -11.17
N ALA A 81 3.76 -9.77 -10.72
CA ALA A 81 5.14 -10.17 -11.02
C ALA A 81 5.39 -11.61 -10.60
N ALA A 82 4.59 -12.10 -9.66
CA ALA A 82 4.73 -13.46 -9.17
C ALA A 82 3.96 -14.45 -10.05
N GLY A 83 2.65 -14.52 -9.88
CA GLY A 83 1.82 -15.44 -10.68
C GLY A 83 0.89 -16.27 -9.80
N LEU A 84 0.31 -15.64 -8.79
CA LEU A 84 -0.60 -16.34 -7.88
C LEU A 84 -2.05 -16.16 -8.36
N GLU A 85 -2.67 -17.25 -8.80
CA GLU A 85 -4.05 -17.16 -9.29
C GLU A 85 -5.04 -17.43 -8.15
N LYS A 86 -5.32 -18.70 -7.89
CA LYS A 86 -6.26 -19.06 -6.83
C LYS A 86 -5.71 -18.62 -5.47
N GLY A 87 -4.42 -18.85 -5.25
CA GLY A 87 -3.76 -18.49 -3.99
C GLY A 87 -2.96 -19.66 -3.45
N ALA A 88 -2.73 -19.68 -2.14
CA ALA A 88 -1.99 -20.76 -1.51
C ALA A 88 -2.93 -21.92 -1.22
N HIS A 89 -2.36 -23.12 -1.07
CA HIS A 89 -3.17 -24.31 -0.79
C HIS A 89 -2.29 -25.38 -0.14
N LYS A 90 -2.86 -26.56 0.05
CA LYS A 90 -2.12 -27.65 0.66
C LYS A 90 -0.75 -27.81 -0.02
N PRO A 91 0.25 -28.34 0.67
CA PRO A 91 1.58 -28.52 0.03
C PRO A 91 1.49 -29.27 -1.31
N GLY A 92 2.34 -28.89 -2.25
CA GLY A 92 2.37 -29.52 -3.57
C GLY A 92 3.76 -29.43 -4.17
N ARG A 93 4.01 -30.24 -5.20
CA ARG A 93 5.33 -30.27 -5.85
C ARG A 93 5.34 -29.36 -7.07
N GLU A 94 4.25 -28.63 -7.28
CA GLU A 94 4.15 -27.73 -8.42
C GLU A 94 5.17 -26.59 -8.29
N LYS A 95 5.41 -26.15 -7.06
CA LYS A 95 6.36 -25.06 -6.83
C LYS A 95 5.95 -23.83 -7.63
N VAL A 96 5.58 -22.76 -6.94
CA VAL A 96 5.17 -21.52 -7.61
C VAL A 96 5.75 -20.31 -6.89
N GLY A 97 5.83 -19.18 -7.60
CA GLY A 97 6.37 -17.96 -7.02
C GLY A 97 7.78 -17.69 -7.54
N ARG A 98 7.85 -17.06 -8.72
CA ARG A 98 9.15 -16.75 -9.32
C ARG A 98 9.18 -15.33 -9.87
N ILE A 99 9.87 -14.44 -9.14
CA ILE A 99 10.01 -13.04 -9.55
C ILE A 99 11.44 -12.79 -9.98
N THR A 100 11.63 -11.87 -10.93
CA THR A 100 12.98 -11.58 -11.42
C THR A 100 13.63 -10.49 -10.57
N TRP A 101 14.95 -10.41 -10.63
CA TRP A 101 15.70 -9.44 -9.84
C TRP A 101 15.32 -8.00 -10.17
N GLU A 102 15.38 -7.59 -11.43
CA GLU A 102 15.04 -6.21 -11.77
C GLU A 102 13.61 -5.87 -11.37
N GLN A 103 12.69 -6.77 -11.65
CA GLN A 103 11.31 -6.49 -11.34
C GLN A 103 11.12 -6.22 -9.86
N VAL A 104 11.72 -7.04 -8.99
CA VAL A 104 11.57 -6.77 -7.56
C VAL A 104 12.23 -5.45 -7.22
N LEU A 105 13.31 -5.11 -7.93
CA LEU A 105 13.96 -3.84 -7.66
C LEU A 105 12.99 -2.69 -7.92
N GLU A 106 12.62 -2.47 -9.18
CA GLU A 106 11.69 -1.40 -9.50
C GLU A 106 10.54 -1.38 -8.51
N ILE A 107 10.04 -2.56 -8.16
CA ILE A 107 8.94 -2.65 -7.19
C ILE A 107 9.43 -2.21 -5.81
N ALA A 108 10.72 -2.41 -5.54
CA ALA A 108 11.30 -2.03 -4.25
C ALA A 108 11.87 -0.61 -4.31
N LYS A 109 11.81 0.01 -5.49
CA LYS A 109 12.31 1.37 -5.65
C LYS A 109 11.24 2.39 -5.27
N GLN A 110 10.24 2.55 -6.13
CA GLN A 110 9.17 3.51 -5.87
C GLN A 110 8.44 3.20 -4.57
N LYS A 111 8.86 2.12 -3.92
CA LYS A 111 8.21 1.71 -2.66
C LYS A 111 8.50 2.70 -1.53
N MET A 112 9.51 3.55 -1.71
CA MET A 112 9.88 4.53 -0.69
C MET A 112 9.86 5.95 -1.24
N PRO A 113 8.70 6.51 -1.52
CA PRO A 113 8.63 7.90 -2.04
C PRO A 113 9.36 8.90 -1.13
N ASP A 114 9.21 8.71 0.17
CA ASP A 114 9.85 9.60 1.15
C ASP A 114 10.16 8.84 2.44
N LEU A 115 10.11 7.51 2.37
CA LEU A 115 10.38 6.66 3.53
C LEU A 115 11.88 6.71 3.86
N ASN A 116 12.21 6.33 5.10
CA ASN A 116 13.60 6.32 5.54
C ASN A 116 14.36 5.20 4.84
N THR A 117 14.50 5.29 3.53
CA THR A 117 15.20 4.25 2.79
C THR A 117 15.63 4.74 1.41
N THR A 118 16.84 4.35 1.00
CA THR A 118 17.36 4.76 -0.30
C THR A 118 18.33 3.70 -0.85
N ASP A 119 18.56 2.66 -0.08
CA ASP A 119 19.47 1.57 -0.49
C ASP A 119 18.70 0.49 -1.25
N LEU A 120 19.14 0.19 -2.46
CA LEU A 120 18.47 -0.83 -3.28
C LEU A 120 18.53 -2.18 -2.58
N GLU A 121 19.70 -2.48 -2.04
CA GLU A 121 19.96 -3.72 -1.32
C GLU A 121 18.98 -3.87 -0.15
N ALA A 122 18.65 -2.79 0.52
CA ALA A 122 17.70 -2.91 1.62
C ALA A 122 16.30 -3.16 1.05
N ALA A 123 15.71 -2.17 0.39
CA ALA A 123 14.39 -2.35 -0.20
C ALA A 123 14.33 -3.67 -0.97
N ALA A 124 15.46 -4.04 -1.58
CA ALA A 124 15.50 -5.30 -2.32
C ALA A 124 15.19 -6.44 -1.35
N ARG A 125 16.10 -6.66 -0.40
CA ARG A 125 15.91 -7.73 0.56
C ARG A 125 14.48 -7.68 1.11
N MET A 126 13.93 -6.47 1.24
CA MET A 126 12.56 -6.34 1.72
C MET A 126 11.62 -7.09 0.79
N ILE A 127 11.37 -6.54 -0.40
CA ILE A 127 10.46 -7.18 -1.35
C ILE A 127 10.82 -8.65 -1.56
N ALA A 128 12.10 -8.91 -1.79
CA ALA A 128 12.53 -10.29 -1.98
C ALA A 128 12.39 -11.02 -0.65
N GLY A 129 13.24 -10.70 0.30
CA GLY A 129 13.18 -11.36 1.61
C GLY A 129 11.73 -11.49 2.06
N SER A 130 10.95 -10.42 1.93
CA SER A 130 9.55 -10.47 2.31
C SER A 130 8.89 -11.60 1.53
N ALA A 131 9.23 -11.69 0.23
CA ALA A 131 8.66 -12.75 -0.60
C ALA A 131 8.99 -14.08 0.07
N ARG A 132 10.24 -14.24 0.48
CA ARG A 132 10.65 -15.45 1.18
C ARG A 132 9.72 -15.63 2.37
N SER A 133 9.45 -14.56 3.10
CA SER A 133 8.51 -14.67 4.22
C SER A 133 7.24 -15.31 3.66
N MET A 134 6.52 -14.58 2.82
CA MET A 134 5.29 -15.08 2.20
C MET A 134 5.48 -16.53 1.75
N GLY A 135 6.35 -16.74 0.76
CA GLY A 135 6.61 -18.08 0.24
C GLY A 135 6.88 -18.03 -1.25
N VAL A 136 7.85 -17.20 -1.63
CA VAL A 136 8.23 -17.03 -3.03
C VAL A 136 9.75 -17.06 -3.15
N GLU A 137 10.27 -17.30 -4.37
CA GLU A 137 11.72 -17.33 -4.58
C GLU A 137 12.09 -16.33 -5.67
N VAL A 138 13.32 -15.81 -5.63
CA VAL A 138 13.79 -14.88 -6.65
C VAL A 138 14.74 -15.64 -7.56
N VAL A 139 14.55 -15.46 -8.86
CA VAL A 139 15.37 -16.14 -9.86
C VAL A 139 16.78 -15.57 -9.87
N GLY A 140 17.01 -14.54 -9.04
CA GLY A 140 18.32 -13.90 -8.96
C GLY A 140 18.74 -13.76 -7.50
N ALA A 141 19.78 -14.48 -7.12
CA ALA A 141 20.27 -14.44 -5.76
C ALA A 141 21.47 -15.37 -5.60
N PRO A 142 22.60 -15.05 -6.22
CA PRO A 142 23.81 -15.92 -6.13
C PRO A 142 24.22 -16.17 -4.67
N GLU A 143 24.51 -17.42 -4.32
CA GLU A 143 24.91 -17.76 -2.96
C GLU A 143 25.06 -19.28 -2.79
N VAL A 144 25.28 -19.99 -3.89
CA VAL A 144 25.43 -21.44 -3.84
C VAL A 144 26.65 -21.88 -4.65
N LYS A 145 27.46 -22.76 -4.06
CA LYS A 145 28.65 -23.25 -4.74
C LYS A 145 28.24 -24.24 -5.83
N ASP A 146 28.94 -24.20 -6.95
CA ASP A 146 28.63 -25.11 -8.07
C ASP A 146 29.32 -26.45 -7.88
N ALA A 147 30.09 -26.57 -6.81
CA ALA A 147 30.81 -27.82 -6.54
C ALA A 147 31.34 -27.84 -5.11
N MET A 1 -11.06 31.28 2.80
CA MET A 1 -11.53 30.09 2.03
C MET A 1 -10.82 30.03 0.68
N LYS A 2 -9.51 29.76 0.70
CA LYS A 2 -8.75 29.68 -0.54
C LYS A 2 -7.55 28.76 -0.36
N LYS A 3 -7.37 27.82 -1.28
CA LYS A 3 -6.26 26.88 -1.18
C LYS A 3 -6.50 25.90 -0.02
N VAL A 4 -5.45 25.20 0.39
CA VAL A 4 -5.58 24.26 1.49
C VAL A 4 -5.93 25.02 2.76
N VAL A 5 -7.08 24.71 3.36
CA VAL A 5 -7.50 25.39 4.59
C VAL A 5 -7.54 24.39 5.74
N ALA A 6 -7.70 23.11 5.45
CA ALA A 6 -7.72 22.12 6.54
C ALA A 6 -7.03 20.84 6.12
N VAL A 7 -6.18 20.34 7.01
CA VAL A 7 -5.44 19.10 6.75
C VAL A 7 -5.70 18.12 7.88
N VAL A 8 -6.16 16.91 7.59
CA VAL A 8 -6.44 15.97 8.69
C VAL A 8 -5.40 14.87 8.76
N LYS A 9 -4.37 15.09 9.59
CA LYS A 9 -3.32 14.09 9.78
C LYS A 9 -3.78 13.09 10.83
N LEU A 10 -3.90 11.84 10.43
CA LEU A 10 -4.33 10.81 11.36
C LEU A 10 -4.19 9.41 10.75
N GLN A 11 -4.67 8.39 11.46
CA GLN A 11 -4.63 7.03 10.95
C GLN A 11 -5.92 6.76 10.17
N LEU A 12 -5.83 5.90 9.16
CA LEU A 12 -7.00 5.58 8.34
C LEU A 12 -7.01 4.08 7.99
N PRO A 13 -7.68 3.23 8.76
CA PRO A 13 -7.66 1.77 8.51
C PRO A 13 -8.37 1.35 7.22
N ALA A 14 -7.65 0.66 6.32
CA ALA A 14 -8.30 0.16 5.11
C ALA A 14 -9.51 -0.65 5.57
N GLY A 15 -10.65 -0.47 4.90
CA GLY A 15 -11.87 -1.14 5.29
C GLY A 15 -12.13 -0.82 6.76
N LYS A 16 -12.88 -1.67 7.47
CA LYS A 16 -13.14 -1.41 8.89
C LYS A 16 -13.44 0.06 9.13
N ALA A 17 -13.82 0.78 8.08
CA ALA A 17 -14.17 2.20 8.21
C ALA A 17 -15.67 2.30 8.32
N THR A 18 -16.15 3.40 8.87
CA THR A 18 -17.59 3.55 9.04
C THR A 18 -17.97 4.99 9.37
N PRO A 19 -19.25 5.33 9.30
CA PRO A 19 -19.72 6.69 9.68
C PRO A 19 -19.46 7.01 11.16
N ALA A 20 -18.29 6.63 11.66
CA ALA A 20 -17.95 6.92 13.05
C ALA A 20 -16.44 7.09 13.21
N PRO A 21 -15.85 7.99 12.45
CA PRO A 21 -14.38 8.22 12.56
C PRO A 21 -14.02 9.09 13.77
N PRO A 22 -12.76 9.12 14.16
CA PRO A 22 -12.34 9.99 15.29
C PRO A 22 -12.55 11.47 14.97
N VAL A 23 -12.58 11.78 13.68
CA VAL A 23 -12.74 13.16 13.26
C VAL A 23 -14.22 13.56 13.40
N GLY A 24 -15.07 12.90 12.62
CA GLY A 24 -16.50 13.19 12.61
C GLY A 24 -16.74 14.69 12.60
N PRO A 25 -17.03 15.32 13.73
CA PRO A 25 -17.22 16.78 13.70
C PRO A 25 -16.07 17.47 12.96
N ALA A 26 -14.87 17.28 13.46
CA ALA A 26 -13.70 17.91 12.84
C ALA A 26 -13.78 17.76 11.32
N LEU A 27 -14.52 16.74 10.85
CA LEU A 27 -14.69 16.52 9.41
C LEU A 27 -16.16 16.60 9.04
N GLY A 28 -16.90 17.43 9.77
CA GLY A 28 -18.33 17.57 9.52
C GLY A 28 -18.71 19.02 9.30
N GLN A 29 -18.54 19.87 10.32
CA GLN A 29 -18.91 21.27 10.19
C GLN A 29 -18.48 21.79 8.82
N HIS A 30 -17.44 21.13 8.28
CA HIS A 30 -16.91 21.49 6.98
C HIS A 30 -18.07 21.75 6.01
N GLY A 31 -19.11 20.94 6.14
CA GLY A 31 -20.30 21.06 5.31
C GLY A 31 -20.23 20.09 4.15
N ALA A 32 -19.01 19.70 3.78
CA ALA A 32 -18.76 18.78 2.67
C ALA A 32 -19.65 17.54 2.73
N ASN A 33 -19.08 16.37 2.49
CA ASN A 33 -19.86 15.13 2.54
C ASN A 33 -19.08 14.03 3.26
N ILE A 34 -19.72 13.36 4.23
CA ILE A 34 -19.04 12.27 4.93
C ILE A 34 -19.14 10.99 4.11
N MET A 35 -20.33 10.41 4.03
CA MET A 35 -20.52 9.17 3.29
C MET A 35 -19.70 9.21 2.00
N GLU A 36 -19.67 10.36 1.33
CA GLU A 36 -18.89 10.47 0.12
C GLU A 36 -17.42 10.22 0.45
N PHE A 37 -16.92 10.91 1.48
CA PHE A 37 -15.53 10.71 1.91
C PHE A 37 -15.24 9.23 2.02
N VAL A 38 -16.00 8.59 2.89
CA VAL A 38 -15.88 7.18 3.17
C VAL A 38 -16.11 6.35 1.90
N LYS A 39 -17.12 6.70 1.13
CA LYS A 39 -17.40 6.00 -0.11
C LYS A 39 -16.09 5.83 -0.89
N ALA A 40 -15.52 6.94 -1.35
CA ALA A 40 -14.29 6.86 -2.13
C ALA A 40 -13.20 6.16 -1.32
N PHE A 41 -13.11 6.43 -0.04
CA PHE A 41 -12.15 5.71 0.77
C PHE A 41 -12.53 4.24 0.76
N ASN A 42 -13.57 3.88 1.51
CA ASN A 42 -13.97 2.49 1.60
C ASN A 42 -13.89 1.77 0.26
N ALA A 43 -14.40 2.46 -0.76
CA ALA A 43 -14.44 1.95 -2.12
C ALA A 43 -13.06 1.58 -2.63
N ALA A 44 -12.03 2.34 -2.23
CA ALA A 44 -10.67 2.02 -2.66
C ALA A 44 -10.07 0.97 -1.73
N THR A 45 -10.25 1.18 -0.45
CA THR A 45 -9.76 0.22 0.51
C THR A 45 -10.52 -1.07 0.34
N ALA A 46 -11.71 -0.97 -0.26
CA ALA A 46 -12.52 -2.15 -0.54
C ALA A 46 -11.93 -2.85 -1.75
N ASN A 47 -11.60 -2.07 -2.78
CA ASN A 47 -10.99 -2.61 -3.98
C ASN A 47 -9.64 -3.22 -3.61
N MET A 48 -9.15 -2.87 -2.43
CA MET A 48 -7.87 -3.39 -1.94
C MET A 48 -8.10 -4.41 -0.82
N GLY A 49 -8.53 -3.97 0.36
CA GLY A 49 -8.78 -4.89 1.46
C GLY A 49 -8.78 -4.16 2.79
N ASP A 50 -8.62 -4.90 3.89
CA ASP A 50 -8.60 -4.31 5.23
C ASP A 50 -7.15 -4.17 5.71
N ALA A 51 -6.73 -2.94 6.03
CA ALA A 51 -5.35 -2.72 6.48
C ALA A 51 -5.24 -1.45 7.32
N ILE A 52 -4.05 -0.84 7.31
CA ILE A 52 -3.81 0.40 8.04
C ILE A 52 -2.99 1.33 7.19
N VAL A 53 -3.47 2.57 7.03
CA VAL A 53 -2.74 3.53 6.23
C VAL A 53 -2.87 4.97 6.80
N PRO A 54 -1.77 5.65 7.09
CA PRO A 54 -1.84 7.05 7.57
C PRO A 54 -2.20 8.00 6.42
N VAL A 55 -2.92 9.08 6.73
CA VAL A 55 -3.29 10.04 5.69
C VAL A 55 -3.26 11.47 6.23
N GLU A 56 -3.19 12.40 5.31
CA GLU A 56 -3.22 13.83 5.63
C GLU A 56 -4.28 14.46 4.73
N ILE A 57 -5.53 14.25 5.11
CA ILE A 57 -6.64 14.74 4.31
C ILE A 57 -6.49 16.21 3.98
N THR A 58 -5.78 16.48 2.87
CA THR A 58 -5.57 17.86 2.45
C THR A 58 -6.89 18.39 1.88
N ILE A 59 -7.68 19.07 2.71
CA ILE A 59 -8.96 19.60 2.28
C ILE A 59 -8.82 21.06 1.85
N TYR A 60 -9.26 21.35 0.61
CA TYR A 60 -9.21 22.73 0.08
C TYR A 60 -10.61 23.31 0.19
N ALA A 61 -10.66 24.60 0.56
CA ALA A 61 -11.93 25.27 0.78
C ALA A 61 -12.90 25.09 -0.38
N ASP A 62 -12.36 24.82 -1.56
CA ASP A 62 -13.23 24.57 -2.71
C ASP A 62 -13.98 23.28 -2.45
N ARG A 63 -13.80 22.74 -1.24
CA ARG A 63 -14.42 21.49 -0.84
C ARG A 63 -13.91 20.35 -1.69
N SER A 64 -12.63 20.02 -1.49
CA SER A 64 -12.00 18.91 -2.22
C SER A 64 -10.99 18.23 -1.31
N PHE A 65 -11.08 16.90 -1.15
CA PHE A 65 -10.15 16.19 -0.26
C PHE A 65 -9.09 15.44 -1.08
N THR A 66 -7.88 15.98 -1.15
CA THR A 66 -6.80 15.30 -1.86
C THR A 66 -6.02 14.49 -0.83
N PHE A 67 -5.92 13.18 -1.05
CA PHE A 67 -5.25 12.30 -0.10
C PHE A 67 -5.39 10.87 -0.57
N VAL A 68 -5.36 9.92 0.37
CA VAL A 68 -5.47 8.50 0.05
C VAL A 68 -4.14 7.93 -0.43
N THR A 69 -3.58 6.96 0.29
CA THR A 69 -2.31 6.36 -0.12
C THR A 69 -2.49 4.85 -0.23
N LYS A 70 -2.12 4.29 -1.38
CA LYS A 70 -2.27 2.86 -1.59
C LYS A 70 -1.10 2.33 -2.42
N THR A 71 -1.21 1.08 -2.85
CA THR A 71 -0.16 0.45 -3.62
C THR A 71 1.10 0.28 -2.77
N PRO A 72 0.98 -0.33 -1.59
CA PRO A 72 2.16 -0.55 -0.72
C PRO A 72 3.07 -1.67 -1.25
N PRO A 73 4.31 -1.73 -0.78
CA PRO A 73 5.26 -2.80 -1.22
C PRO A 73 4.94 -4.18 -0.62
N ALA A 74 4.14 -4.98 -1.30
CA ALA A 74 3.80 -6.31 -0.81
C ALA A 74 2.86 -6.98 -1.80
N SER A 75 2.30 -8.14 -1.43
CA SER A 75 1.39 -8.87 -2.32
C SER A 75 0.48 -7.88 -3.05
N TYR A 76 0.39 -6.66 -2.54
CA TYR A 76 -0.44 -5.63 -3.15
C TYR A 76 -0.23 -5.61 -4.67
N LEU A 77 1.04 -5.74 -5.11
CA LEU A 77 1.39 -5.78 -6.55
C LEU A 77 2.32 -6.97 -6.81
N ILE A 78 2.84 -7.50 -5.70
CA ILE A 78 3.74 -8.63 -5.73
C ILE A 78 2.98 -9.82 -6.26
N ARG A 79 1.74 -9.97 -5.80
CA ARG A 79 0.90 -11.07 -6.25
C ARG A 79 0.87 -11.09 -7.78
N LYS A 80 0.77 -9.93 -8.40
CA LYS A 80 0.74 -9.89 -9.85
C LYS A 80 2.07 -10.43 -10.37
N ALA A 81 3.16 -9.74 -10.07
CA ALA A 81 4.46 -10.19 -10.55
C ALA A 81 4.75 -11.62 -10.06
N ALA A 82 4.27 -11.93 -8.87
CA ALA A 82 4.44 -13.25 -8.27
C ALA A 82 3.43 -14.23 -8.84
N GLY A 83 2.21 -14.24 -8.30
CA GLY A 83 1.17 -15.14 -8.78
C GLY A 83 0.40 -15.76 -7.63
N LEU A 84 1.00 -16.75 -6.98
CA LEU A 84 0.35 -17.43 -5.86
C LEU A 84 -1.11 -17.68 -6.20
N GLU A 85 -1.95 -17.91 -5.19
CA GLU A 85 -3.38 -18.13 -5.44
C GLU A 85 -4.16 -17.99 -4.14
N LYS A 86 -4.28 -19.09 -3.40
CA LYS A 86 -5.00 -19.07 -2.12
C LYS A 86 -4.35 -20.03 -1.13
N GLY A 87 -3.66 -19.48 -0.14
CA GLY A 87 -2.99 -20.31 0.84
C GLY A 87 -2.21 -21.42 0.15
N ALA A 88 -2.79 -22.62 0.11
CA ALA A 88 -2.14 -23.76 -0.55
C ALA A 88 -3.15 -24.88 -0.79
N HIS A 89 -3.31 -25.26 -2.07
CA HIS A 89 -4.25 -26.33 -2.40
C HIS A 89 -3.71 -27.67 -1.96
N LYS A 90 -2.59 -28.08 -2.54
CA LYS A 90 -1.98 -29.37 -2.18
C LYS A 90 -0.45 -29.26 -2.18
N PRO A 91 0.24 -30.05 -1.37
CA PRO A 91 1.73 -29.99 -1.33
C PRO A 91 2.32 -30.16 -2.74
N GLY A 92 3.40 -29.42 -3.02
CA GLY A 92 4.08 -29.51 -4.32
C GLY A 92 5.54 -29.90 -4.12
N ARG A 93 6.44 -29.02 -4.53
CA ARG A 93 7.87 -29.30 -4.38
C ARG A 93 8.62 -28.04 -3.94
N GLU A 94 9.02 -27.21 -4.91
CA GLU A 94 9.75 -25.99 -4.60
C GLU A 94 10.07 -25.20 -5.85
N LYS A 95 9.04 -24.67 -6.51
CA LYS A 95 9.25 -23.91 -7.73
C LYS A 95 8.11 -22.92 -7.97
N VAL A 96 7.83 -22.07 -6.99
CA VAL A 96 6.75 -21.10 -7.11
C VAL A 96 7.14 -19.81 -6.40
N GLY A 97 6.62 -18.68 -6.88
CA GLY A 97 6.92 -17.39 -6.27
C GLY A 97 8.26 -16.87 -6.77
N ARG A 98 8.27 -16.34 -7.99
CA ARG A 98 9.51 -15.79 -8.57
C ARG A 98 9.26 -14.41 -9.16
N ILE A 99 9.92 -13.41 -8.59
CA ILE A 99 9.78 -12.02 -9.07
C ILE A 99 11.07 -11.60 -9.76
N THR A 100 10.97 -10.70 -10.74
CA THR A 100 12.18 -10.26 -11.43
C THR A 100 12.88 -9.17 -10.62
N TRP A 101 14.20 -9.12 -10.73
CA TRP A 101 14.98 -8.14 -9.97
C TRP A 101 14.54 -6.71 -10.24
N GLU A 102 14.47 -6.30 -11.50
CA GLU A 102 14.06 -4.93 -11.80
C GLU A 102 12.68 -4.62 -11.24
N GLN A 103 11.77 -5.57 -11.36
CA GLN A 103 10.42 -5.34 -10.89
C GLN A 103 10.41 -5.05 -9.40
N VAL A 104 11.08 -5.86 -8.60
CA VAL A 104 11.10 -5.60 -7.18
C VAL A 104 11.82 -4.28 -6.91
N LEU A 105 12.81 -3.95 -7.73
CA LEU A 105 13.52 -2.69 -7.55
C LEU A 105 12.54 -1.54 -7.66
N GLU A 106 12.02 -1.30 -8.86
CA GLU A 106 11.06 -0.22 -9.05
C GLU A 106 10.04 -0.21 -7.93
N ILE A 107 9.50 -1.38 -7.61
CA ILE A 107 8.52 -1.47 -6.53
C ILE A 107 9.13 -0.96 -5.24
N ALA A 108 10.45 -1.10 -5.09
CA ALA A 108 11.13 -0.63 -3.87
C ALA A 108 11.82 0.70 -4.11
N LYS A 109 11.87 1.13 -5.37
CA LYS A 109 12.52 2.38 -5.68
C LYS A 109 11.62 3.56 -5.31
N GLN A 110 10.60 3.81 -6.12
CA GLN A 110 9.70 4.92 -5.85
C GLN A 110 9.04 4.76 -4.48
N LYS A 111 9.02 3.53 -3.98
CA LYS A 111 8.39 3.24 -2.69
C LYS A 111 9.43 3.19 -1.58
N MET A 112 9.53 4.26 -0.79
CA MET A 112 10.50 4.29 0.31
C MET A 112 9.90 4.96 1.55
N PRO A 113 8.78 4.47 2.03
CA PRO A 113 8.16 5.09 3.24
C PRO A 113 9.15 5.23 4.39
N ASP A 114 9.80 4.13 4.76
CA ASP A 114 10.78 4.13 5.85
C ASP A 114 12.09 3.51 5.38
N LEU A 115 12.00 2.58 4.43
CA LEU A 115 13.17 1.91 3.89
C LEU A 115 13.95 2.84 2.94
N ASN A 116 14.06 4.11 3.28
CA ASN A 116 14.78 5.06 2.43
C ASN A 116 16.27 5.02 2.74
N THR A 117 16.84 3.83 2.84
CA THR A 117 18.24 3.72 3.16
C THR A 117 19.12 4.11 2.00
N THR A 118 18.66 5.06 1.18
CA THR A 118 19.45 5.54 0.06
C THR A 118 20.19 4.38 -0.61
N ASP A 119 19.61 3.20 -0.54
CA ASP A 119 20.23 2.01 -1.10
C ASP A 119 19.17 1.01 -1.55
N LEU A 120 19.26 0.59 -2.81
CA LEU A 120 18.29 -0.36 -3.33
C LEU A 120 18.38 -1.69 -2.61
N GLU A 121 19.61 -2.02 -2.21
CA GLU A 121 19.90 -3.24 -1.49
C GLU A 121 19.03 -3.38 -0.25
N ALA A 122 18.75 -2.28 0.45
CA ALA A 122 17.92 -2.39 1.63
C ALA A 122 16.47 -2.64 1.21
N ALA A 123 15.82 -1.66 0.60
CA ALA A 123 14.44 -1.86 0.16
C ALA A 123 14.33 -3.14 -0.66
N ALA A 124 15.39 -3.48 -1.40
CA ALA A 124 15.37 -4.70 -2.19
C ALA A 124 15.18 -5.88 -1.23
N ARG A 125 16.23 -6.18 -0.46
CA ARG A 125 16.14 -7.29 0.49
C ARG A 125 14.80 -7.27 1.20
N MET A 126 14.23 -6.07 1.38
CA MET A 126 12.93 -5.95 2.00
C MET A 126 11.90 -6.74 1.20
N ILE A 127 11.53 -6.23 0.03
CA ILE A 127 10.53 -6.92 -0.79
C ILE A 127 10.89 -8.39 -0.98
N ALA A 128 12.13 -8.64 -1.41
CA ALA A 128 12.57 -10.02 -1.60
C ALA A 128 12.56 -10.70 -0.23
N GLY A 129 13.49 -10.34 0.62
CA GLY A 129 13.56 -10.95 1.95
C GLY A 129 12.15 -11.10 2.53
N SER A 130 11.34 -10.05 2.43
CA SER A 130 9.97 -10.13 2.91
C SER A 130 9.26 -11.25 2.17
N ALA A 131 9.43 -11.33 0.85
CA ALA A 131 8.82 -12.39 0.07
C ALA A 131 9.16 -13.71 0.73
N ARG A 132 10.44 -13.90 1.05
CA ARG A 132 10.85 -15.10 1.73
C ARG A 132 10.03 -15.23 3.00
N SER A 133 9.83 -14.12 3.70
CA SER A 133 8.99 -14.17 4.90
C SER A 133 7.65 -14.75 4.47
N MET A 134 6.88 -13.95 3.74
CA MET A 134 5.58 -14.38 3.26
C MET A 134 5.63 -15.81 2.75
N GLY A 135 6.76 -16.19 2.15
CA GLY A 135 6.93 -17.54 1.61
C GLY A 135 7.04 -17.47 0.09
N VAL A 136 7.90 -16.58 -0.38
CA VAL A 136 8.12 -16.38 -1.81
C VAL A 136 9.61 -16.28 -2.08
N GLU A 137 10.01 -16.41 -3.35
CA GLU A 137 11.43 -16.30 -3.70
C GLU A 137 11.59 -15.33 -4.87
N VAL A 138 12.79 -14.78 -5.03
CA VAL A 138 13.07 -13.86 -6.13
C VAL A 138 14.02 -14.57 -7.08
N VAL A 139 14.07 -14.08 -8.32
CA VAL A 139 14.95 -14.68 -9.32
C VAL A 139 16.41 -14.52 -8.91
N GLY A 140 16.65 -14.05 -7.69
CA GLY A 140 18.02 -13.85 -7.25
C GLY A 140 18.69 -12.83 -8.16
N ALA A 141 19.74 -12.18 -7.67
CA ALA A 141 20.46 -11.18 -8.48
C ALA A 141 21.98 -11.35 -8.31
N PRO A 142 22.54 -12.40 -8.88
CA PRO A 142 24.01 -12.64 -8.78
C PRO A 142 24.82 -11.54 -9.48
N GLU A 143 26.05 -11.33 -9.04
CA GLU A 143 26.90 -10.33 -9.67
C GLU A 143 26.96 -10.59 -11.17
N VAL A 144 27.74 -9.79 -11.90
CA VAL A 144 27.87 -9.96 -13.35
C VAL A 144 29.33 -9.81 -13.76
N LYS A 145 29.97 -10.91 -14.15
CA LYS A 145 31.37 -10.84 -14.56
C LYS A 145 32.22 -10.20 -13.46
N ASP A 146 33.16 -10.94 -12.91
CA ASP A 146 33.99 -10.39 -11.84
C ASP A 146 34.84 -9.23 -12.36
N ALA A 147 35.19 -9.29 -13.65
CA ALA A 147 35.99 -8.23 -14.25
C ALA A 147 35.82 -8.23 -15.77
N MET A 1 -8.85 27.94 -6.23
CA MET A 1 -8.98 27.73 -4.75
C MET A 1 -8.29 28.88 -4.02
N LYS A 2 -8.73 29.15 -2.79
CA LYS A 2 -8.14 30.22 -2.00
C LYS A 2 -7.05 29.67 -1.08
N LYS A 3 -6.24 28.77 -1.62
CA LYS A 3 -5.15 28.18 -0.83
C LYS A 3 -5.74 27.17 0.15
N VAL A 4 -4.87 26.48 0.88
CA VAL A 4 -5.33 25.50 1.87
C VAL A 4 -5.54 26.21 3.21
N VAL A 5 -6.63 25.86 3.89
CA VAL A 5 -6.95 26.45 5.19
C VAL A 5 -6.97 25.39 6.27
N ALA A 6 -7.24 24.14 5.90
CA ALA A 6 -7.26 23.08 6.91
C ALA A 6 -6.76 21.77 6.33
N VAL A 7 -6.03 21.02 7.16
CA VAL A 7 -5.46 19.74 6.77
C VAL A 7 -5.72 18.71 7.86
N VAL A 8 -6.19 17.51 7.53
CA VAL A 8 -6.46 16.54 8.61
C VAL A 8 -5.43 15.41 8.62
N LYS A 9 -4.39 15.60 9.41
CA LYS A 9 -3.35 14.58 9.53
C LYS A 9 -3.80 13.55 10.56
N LEU A 10 -4.00 12.31 10.11
CA LEU A 10 -4.45 11.27 11.01
C LEU A 10 -4.32 9.90 10.35
N GLN A 11 -4.81 8.87 11.03
CA GLN A 11 -4.78 7.52 10.49
C GLN A 11 -6.06 7.25 9.69
N LEU A 12 -5.93 6.51 8.59
CA LEU A 12 -7.09 6.17 7.76
C LEU A 12 -7.18 4.63 7.64
N PRO A 13 -7.84 3.98 8.58
CA PRO A 13 -7.95 2.49 8.57
C PRO A 13 -8.78 1.94 7.39
N ALA A 14 -8.12 1.19 6.51
CA ALA A 14 -8.83 0.52 5.43
C ALA A 14 -9.55 -0.67 6.06
N GLY A 15 -10.73 -1.01 5.55
CA GLY A 15 -11.46 -2.15 6.13
C GLY A 15 -11.59 -1.94 7.64
N LYS A 16 -12.20 -0.82 8.01
CA LYS A 16 -12.36 -0.44 9.42
C LYS A 16 -12.95 0.96 9.50
N ALA A 17 -12.76 1.75 8.46
CA ALA A 17 -13.32 3.09 8.44
C ALA A 17 -14.84 2.96 8.46
N THR A 18 -15.54 3.92 9.03
CA THR A 18 -17.01 3.82 9.11
C THR A 18 -17.64 5.19 9.34
N PRO A 19 -18.95 5.31 9.19
CA PRO A 19 -19.66 6.61 9.47
C PRO A 19 -19.48 7.09 10.92
N ALA A 20 -18.25 7.08 11.39
CA ALA A 20 -17.96 7.52 12.75
C ALA A 20 -16.45 7.66 12.96
N PRO A 21 -15.79 8.42 12.11
CA PRO A 21 -14.32 8.61 12.25
C PRO A 21 -13.95 9.42 13.51
N PRO A 22 -12.69 9.42 13.90
CA PRO A 22 -12.27 10.21 15.09
C PRO A 22 -12.43 11.71 14.85
N VAL A 23 -12.47 12.10 13.58
CA VAL A 23 -12.61 13.50 13.21
C VAL A 23 -14.04 13.97 13.50
N GLY A 24 -15.01 13.39 12.79
CA GLY A 24 -16.38 13.81 13.01
C GLY A 24 -16.51 15.30 12.73
N PRO A 25 -17.21 16.08 13.54
CA PRO A 25 -17.41 17.52 13.21
C PRO A 25 -16.14 18.11 12.59
N ALA A 26 -14.99 17.75 13.16
CA ALA A 26 -13.73 18.26 12.63
C ALA A 26 -13.57 17.92 11.14
N LEU A 27 -14.65 17.49 10.50
CA LEU A 27 -14.59 17.10 9.10
C LEU A 27 -15.99 16.83 8.59
N GLY A 28 -16.76 16.04 9.32
CA GLY A 28 -18.11 15.70 8.92
C GLY A 28 -18.96 16.96 8.77
N GLN A 29 -18.94 17.84 9.77
CA GLN A 29 -19.76 19.06 9.71
C GLN A 29 -19.14 20.05 8.71
N HIS A 30 -18.56 19.51 7.64
CA HIS A 30 -17.96 20.34 6.60
C HIS A 30 -19.05 20.76 5.61
N GLY A 31 -20.15 20.02 5.61
CA GLY A 31 -21.27 20.28 4.70
C GLY A 31 -21.30 19.24 3.61
N ALA A 32 -20.11 18.94 3.07
CA ALA A 32 -19.93 17.95 2.00
C ALA A 32 -20.64 16.64 2.33
N ASN A 33 -19.95 15.51 2.18
CA ASN A 33 -20.55 14.21 2.48
C ASN A 33 -19.55 13.32 3.24
N ILE A 34 -20.02 12.52 4.20
CA ILE A 34 -19.12 11.60 4.92
C ILE A 34 -19.08 10.29 4.12
N MET A 35 -20.20 9.56 4.15
CA MET A 35 -20.27 8.28 3.44
C MET A 35 -19.58 8.39 2.08
N GLU A 36 -19.76 9.51 1.40
CA GLU A 36 -19.07 9.70 0.13
C GLU A 36 -17.57 9.55 0.35
N PHE A 37 -17.05 10.25 1.36
CA PHE A 37 -15.62 10.16 1.68
C PHE A 37 -15.21 8.70 1.77
N VAL A 38 -15.88 8.02 2.69
CA VAL A 38 -15.63 6.61 2.94
C VAL A 38 -15.93 5.77 1.71
N LYS A 39 -17.03 6.08 1.04
CA LYS A 39 -17.40 5.36 -0.17
C LYS A 39 -16.18 5.22 -1.07
N ALA A 40 -15.58 6.35 -1.44
CA ALA A 40 -14.42 6.31 -2.31
C ALA A 40 -13.27 5.58 -1.62
N PHE A 41 -13.09 5.82 -0.32
CA PHE A 41 -12.06 5.09 0.40
C PHE A 41 -12.41 3.61 0.35
N ASN A 42 -13.41 3.20 1.14
CA ASN A 42 -13.79 1.80 1.21
C ASN A 42 -13.76 1.14 -0.16
N ALA A 43 -14.28 1.85 -1.13
CA ALA A 43 -14.35 1.36 -2.51
C ALA A 43 -12.97 1.04 -3.08
N ALA A 44 -11.96 1.83 -2.71
CA ALA A 44 -10.60 1.54 -3.20
C ALA A 44 -9.93 0.54 -2.27
N THR A 45 -10.02 0.78 -0.99
CA THR A 45 -9.44 -0.13 -0.04
C THR A 45 -10.10 -1.48 -0.21
N ALA A 46 -11.40 -1.48 -0.47
CA ALA A 46 -12.10 -2.73 -0.71
C ALA A 46 -11.54 -3.33 -1.99
N ASN A 47 -11.23 -2.46 -2.96
CA ASN A 47 -10.66 -2.93 -4.20
C ASN A 47 -9.29 -3.58 -3.94
N MET A 48 -8.70 -3.27 -2.78
CA MET A 48 -7.39 -3.86 -2.41
C MET A 48 -7.59 -4.97 -1.37
N GLY A 49 -8.44 -4.73 -0.37
CA GLY A 49 -8.70 -5.74 0.67
C GLY A 49 -8.27 -5.24 2.05
N ASP A 50 -9.06 -4.32 2.63
CA ASP A 50 -8.77 -3.77 3.97
C ASP A 50 -7.29 -3.42 4.12
N ALA A 51 -6.94 -2.55 5.09
CA ALA A 51 -5.55 -2.18 5.27
C ALA A 51 -5.43 -1.02 6.26
N ILE A 52 -4.28 -0.37 6.28
CA ILE A 52 -4.06 0.81 7.11
C ILE A 52 -3.24 1.80 6.32
N VAL A 53 -3.69 3.06 6.30
CA VAL A 53 -2.94 4.08 5.56
C VAL A 53 -3.11 5.48 6.20
N PRO A 54 -2.02 6.18 6.55
CA PRO A 54 -2.14 7.56 7.09
C PRO A 54 -2.45 8.56 5.97
N VAL A 55 -3.17 9.63 6.30
CA VAL A 55 -3.50 10.64 5.30
C VAL A 55 -3.52 12.04 5.90
N GLU A 56 -3.43 13.03 5.01
CA GLU A 56 -3.49 14.44 5.39
C GLU A 56 -4.57 15.08 4.54
N ILE A 57 -5.81 14.90 4.96
CA ILE A 57 -6.93 15.41 4.19
C ILE A 57 -6.76 16.89 3.90
N THR A 58 -6.08 17.21 2.81
CA THR A 58 -5.85 18.60 2.46
C THR A 58 -7.20 19.25 2.14
N ILE A 59 -7.65 20.15 3.03
CA ILE A 59 -8.94 20.82 2.81
C ILE A 59 -8.75 22.29 2.42
N TYR A 60 -9.34 22.67 1.27
CA TYR A 60 -9.27 24.07 0.82
C TYR A 60 -10.61 24.72 1.10
N ALA A 61 -10.55 25.98 1.55
CA ALA A 61 -11.76 26.71 1.94
C ALA A 61 -12.84 26.66 0.86
N ASP A 62 -12.44 26.39 -0.38
CA ASP A 62 -13.42 26.26 -1.44
C ASP A 62 -14.23 25.00 -1.18
N ARG A 63 -13.97 24.39 -0.02
CA ARG A 63 -14.62 23.16 0.38
C ARG A 63 -14.25 22.03 -0.57
N SER A 64 -12.98 21.66 -0.51
CA SER A 64 -12.44 20.57 -1.35
C SER A 64 -11.43 19.75 -0.57
N PHE A 65 -11.60 18.43 -0.52
CA PHE A 65 -10.67 17.57 0.22
C PHE A 65 -9.81 16.74 -0.73
N THR A 66 -8.56 17.16 -0.94
CA THR A 66 -7.65 16.42 -1.80
C THR A 66 -6.84 15.47 -0.92
N PHE A 67 -6.86 14.18 -1.30
CA PHE A 67 -6.16 13.15 -0.53
C PHE A 67 -6.25 11.81 -1.24
N VAL A 68 -5.11 11.14 -1.39
CA VAL A 68 -5.06 9.83 -2.03
C VAL A 68 -4.14 8.91 -1.25
N THR A 69 -4.36 7.60 -1.38
CA THR A 69 -3.54 6.61 -0.68
C THR A 69 -3.98 5.20 -1.06
N LYS A 70 -3.05 4.44 -1.61
CA LYS A 70 -3.36 3.09 -2.05
C LYS A 70 -2.10 2.41 -2.59
N THR A 71 -2.26 1.16 -3.03
CA THR A 71 -1.14 0.40 -3.56
C THR A 71 0.00 0.32 -2.55
N PRO A 72 -0.23 -0.25 -1.38
CA PRO A 72 0.85 -0.34 -0.35
C PRO A 72 1.90 -1.43 -0.69
N PRO A 73 3.06 -1.42 -0.05
CA PRO A 73 4.13 -2.45 -0.32
C PRO A 73 3.75 -3.82 0.25
N ALA A 74 4.58 -4.84 0.02
CA ALA A 74 4.29 -6.19 0.53
C ALA A 74 3.28 -6.91 -0.37
N SER A 75 2.84 -8.11 0.05
CA SER A 75 1.89 -8.91 -0.74
C SER A 75 0.81 -8.02 -1.37
N TYR A 76 0.65 -6.83 -0.80
CA TYR A 76 -0.34 -5.89 -1.30
C TYR A 76 -0.30 -5.79 -2.83
N LEU A 77 0.92 -5.88 -3.39
CA LEU A 77 1.12 -5.80 -4.85
C LEU A 77 2.05 -6.94 -5.29
N ILE A 78 2.88 -7.39 -4.35
CA ILE A 78 3.79 -8.47 -4.63
C ILE A 78 3.00 -9.67 -5.15
N ARG A 79 1.79 -9.84 -4.60
CA ARG A 79 0.92 -10.94 -5.02
C ARG A 79 0.74 -10.92 -6.54
N LYS A 80 0.51 -9.74 -7.09
CA LYS A 80 0.36 -9.64 -8.53
C LYS A 80 1.68 -10.02 -9.19
N ALA A 81 2.72 -9.22 -8.96
CA ALA A 81 4.02 -9.50 -9.55
C ALA A 81 4.47 -10.93 -9.23
N ALA A 82 3.79 -11.56 -8.29
CA ALA A 82 4.11 -12.93 -7.89
C ALA A 82 3.36 -13.95 -8.75
N GLY A 83 2.07 -14.14 -8.46
CA GLY A 83 1.24 -15.10 -9.22
C GLY A 83 0.82 -16.28 -8.35
N LEU A 84 0.29 -15.97 -7.17
CA LEU A 84 -0.16 -17.01 -6.24
C LEU A 84 -1.68 -17.17 -6.36
N GLU A 85 -2.12 -18.39 -6.64
CA GLU A 85 -3.55 -18.67 -6.78
C GLU A 85 -4.09 -19.32 -5.51
N LYS A 86 -5.03 -18.66 -4.85
CA LYS A 86 -5.59 -19.18 -3.62
C LYS A 86 -4.48 -19.69 -2.70
N GLY A 87 -3.32 -19.03 -2.75
CA GLY A 87 -2.20 -19.44 -1.92
C GLY A 87 -1.74 -20.84 -2.33
N ALA A 88 -1.48 -21.70 -1.36
CA ALA A 88 -1.04 -23.07 -1.65
C ALA A 88 -1.15 -23.95 -0.42
N HIS A 89 -2.35 -24.08 0.13
CA HIS A 89 -2.55 -24.90 1.32
C HIS A 89 -2.14 -26.34 1.04
N LYS A 90 -2.50 -26.85 -0.14
CA LYS A 90 -2.16 -28.23 -0.50
C LYS A 90 -0.76 -28.30 -1.14
N PRO A 91 -0.02 -29.36 -0.94
CA PRO A 91 1.34 -29.46 -1.56
C PRO A 91 1.27 -29.45 -3.09
N GLY A 92 2.24 -28.79 -3.72
CA GLY A 92 2.30 -28.72 -5.19
C GLY A 92 3.49 -29.52 -5.69
N ARG A 93 4.39 -28.85 -6.40
CA ARG A 93 5.58 -29.51 -6.94
C ARG A 93 6.81 -28.65 -6.74
N GLU A 94 7.07 -27.75 -7.68
CA GLU A 94 8.23 -26.86 -7.60
C GLU A 94 7.91 -25.54 -8.30
N LYS A 95 8.85 -24.60 -8.27
CA LYS A 95 8.63 -23.31 -8.91
C LYS A 95 7.34 -22.68 -8.40
N VAL A 96 7.46 -21.73 -7.47
CA VAL A 96 6.30 -21.06 -6.90
C VAL A 96 6.61 -19.61 -6.59
N GLY A 97 5.63 -18.74 -6.78
CA GLY A 97 5.84 -17.31 -6.51
C GLY A 97 7.14 -16.84 -7.13
N ARG A 98 7.09 -16.43 -8.39
CA ARG A 98 8.28 -15.94 -9.10
C ARG A 98 8.11 -14.47 -9.49
N ILE A 99 8.84 -13.61 -8.78
CA ILE A 99 8.81 -12.18 -9.06
C ILE A 99 10.07 -11.80 -9.83
N THR A 100 9.95 -10.85 -10.75
CA THR A 100 11.11 -10.45 -11.55
C THR A 100 11.94 -9.41 -10.81
N TRP A 101 13.21 -9.32 -11.17
CA TRP A 101 14.13 -8.39 -10.51
C TRP A 101 13.72 -6.92 -10.72
N GLU A 102 13.49 -6.49 -11.95
CA GLU A 102 13.15 -5.09 -12.17
C GLU A 102 11.86 -4.72 -11.46
N GLN A 103 10.86 -5.58 -11.54
CA GLN A 103 9.60 -5.26 -10.91
C GLN A 103 9.74 -5.09 -9.41
N VAL A 104 10.44 -6.00 -8.74
CA VAL A 104 10.60 -5.82 -7.30
C VAL A 104 11.43 -4.57 -7.05
N LEU A 105 12.38 -4.28 -7.93
CA LEU A 105 13.20 -3.09 -7.76
C LEU A 105 12.30 -1.85 -7.74
N GLU A 106 11.66 -1.55 -8.86
CA GLU A 106 10.78 -0.40 -8.92
C GLU A 106 9.90 -0.36 -7.67
N ILE A 107 9.24 -1.47 -7.37
CA ILE A 107 8.39 -1.52 -6.18
C ILE A 107 9.23 -1.24 -4.94
N ALA A 108 10.50 -1.62 -4.96
CA ALA A 108 11.38 -1.37 -3.81
C ALA A 108 12.10 -0.03 -3.96
N LYS A 109 11.96 0.59 -5.12
CA LYS A 109 12.60 1.88 -5.37
C LYS A 109 11.71 3.01 -4.86
N GLN A 110 10.61 3.25 -5.56
CA GLN A 110 9.67 4.30 -5.16
C GLN A 110 9.30 4.14 -3.68
N LYS A 111 9.09 2.90 -3.26
CA LYS A 111 8.71 2.64 -1.88
C LYS A 111 9.86 2.90 -0.92
N MET A 112 10.27 4.16 -0.81
CA MET A 112 11.36 4.52 0.10
C MET A 112 11.31 5.99 0.49
N PRO A 113 10.21 6.45 1.03
CA PRO A 113 10.11 7.88 1.46
C PRO A 113 11.06 8.19 2.63
N ASP A 114 10.93 7.41 3.71
CA ASP A 114 11.77 7.61 4.89
C ASP A 114 11.77 6.35 5.76
N LEU A 115 11.31 5.24 5.17
CA LEU A 115 11.25 3.98 5.89
C LEU A 115 12.55 3.71 6.65
N ASN A 116 13.52 3.10 5.97
CA ASN A 116 14.80 2.80 6.62
C ASN A 116 15.83 2.31 5.61
N THR A 117 15.36 1.89 4.44
CA THR A 117 16.26 1.40 3.41
C THR A 117 16.86 2.55 2.59
N THR A 118 17.87 2.22 1.81
CA THR A 118 18.56 3.22 0.99
C THR A 118 18.91 2.64 -0.38
N ASP A 119 20.06 1.97 -0.46
CA ASP A 119 20.48 1.36 -1.70
C ASP A 119 19.43 0.36 -2.17
N LEU A 120 19.44 0.04 -3.47
CA LEU A 120 18.46 -0.89 -4.01
C LEU A 120 18.61 -2.25 -3.35
N GLU A 121 19.87 -2.61 -3.08
CA GLU A 121 20.20 -3.87 -2.42
C GLU A 121 19.43 -4.03 -1.12
N ALA A 122 19.22 -2.97 -0.37
CA ALA A 122 18.46 -3.11 0.87
C ALA A 122 16.99 -3.30 0.52
N ALA A 123 16.32 -2.26 0.01
CA ALA A 123 14.91 -2.38 -0.36
C ALA A 123 14.69 -3.64 -1.21
N ALA A 124 15.67 -3.97 -2.05
CA ALA A 124 15.53 -5.16 -2.88
C ALA A 124 15.39 -6.36 -1.95
N ARG A 125 16.47 -6.70 -1.26
CA ARG A 125 16.42 -7.84 -0.33
C ARG A 125 15.11 -7.80 0.47
N MET A 126 14.61 -6.60 0.72
CA MET A 126 13.35 -6.47 1.45
C MET A 126 12.25 -7.20 0.69
N ILE A 127 11.81 -6.63 -0.42
CA ILE A 127 10.72 -7.24 -1.20
C ILE A 127 11.05 -8.71 -1.52
N ALA A 128 12.25 -8.97 -2.01
CA ALA A 128 12.63 -10.34 -2.31
C ALA A 128 12.74 -11.10 -0.99
N GLY A 129 13.76 -10.79 -0.21
CA GLY A 129 13.95 -11.48 1.06
C GLY A 129 12.61 -11.63 1.79
N SER A 130 11.80 -10.59 1.78
CA SER A 130 10.49 -10.68 2.41
C SER A 130 9.70 -11.79 1.73
N ALA A 131 9.79 -11.86 0.39
CA ALA A 131 9.11 -12.92 -0.35
C ALA A 131 9.59 -14.25 0.21
N ARG A 132 10.91 -14.41 0.34
CA ARG A 132 11.46 -15.62 0.92
C ARG A 132 10.77 -15.87 2.24
N SER A 133 10.54 -14.82 3.02
CA SER A 133 9.81 -15.01 4.27
C SER A 133 8.49 -15.67 3.91
N MET A 134 7.65 -14.93 3.18
CA MET A 134 6.37 -15.46 2.70
C MET A 134 6.56 -16.80 1.98
N GLY A 135 7.82 -17.23 1.83
CA GLY A 135 8.12 -18.47 1.15
C GLY A 135 8.33 -18.22 -0.34
N VAL A 136 7.67 -17.17 -0.83
CA VAL A 136 7.81 -16.77 -2.22
C VAL A 136 9.27 -16.76 -2.60
N GLU A 137 9.59 -16.73 -3.89
CA GLU A 137 10.99 -16.70 -4.32
C GLU A 137 11.15 -15.79 -5.52
N VAL A 138 12.38 -15.36 -5.80
CA VAL A 138 12.63 -14.53 -6.98
C VAL A 138 12.90 -15.47 -8.14
N VAL A 139 12.59 -14.99 -9.35
CA VAL A 139 12.80 -15.78 -10.56
C VAL A 139 14.28 -16.12 -10.73
N GLY A 140 15.09 -15.70 -9.75
CA GLY A 140 16.53 -15.94 -9.80
C GLY A 140 17.26 -14.62 -9.93
N ALA A 141 18.51 -14.57 -9.47
CA ALA A 141 19.30 -13.35 -9.55
C ALA A 141 20.76 -13.69 -9.87
N PRO A 142 21.02 -14.17 -11.07
CA PRO A 142 22.42 -14.54 -11.46
C PRO A 142 23.38 -13.34 -11.39
N GLU A 143 24.36 -13.43 -10.50
CA GLU A 143 25.33 -12.33 -10.38
C GLU A 143 26.46 -12.72 -9.42
N VAL A 144 26.68 -14.02 -9.25
CA VAL A 144 27.73 -14.50 -8.36
C VAL A 144 28.49 -15.65 -9.01
N LYS A 145 29.82 -15.61 -8.93
CA LYS A 145 30.64 -16.67 -9.50
C LYS A 145 30.84 -17.79 -8.49
N ASP A 146 30.60 -19.03 -8.89
CA ASP A 146 30.77 -20.17 -7.98
C ASP A 146 31.26 -21.40 -8.74
N ALA A 147 30.53 -21.80 -9.78
CA ALA A 147 30.93 -22.96 -10.55
C ALA A 147 31.21 -24.15 -9.63
N MET A 1 -10.19 32.55 3.28
CA MET A 1 -9.00 31.66 3.15
C MET A 1 -8.98 31.02 1.77
N LYS A 2 -7.99 30.18 1.51
CA LYS A 2 -7.88 29.51 0.22
C LYS A 2 -6.79 28.44 0.26
N LYS A 3 -6.61 27.72 -0.83
CA LYS A 3 -5.57 26.69 -0.86
C LYS A 3 -5.73 25.75 0.33
N VAL A 4 -4.68 25.00 0.65
CA VAL A 4 -4.74 24.08 1.77
C VAL A 4 -5.21 24.83 3.02
N VAL A 5 -6.41 24.50 3.49
CA VAL A 5 -6.97 25.14 4.69
C VAL A 5 -7.14 24.13 5.79
N ALA A 6 -7.25 22.85 5.46
CA ALA A 6 -7.37 21.84 6.51
C ALA A 6 -6.63 20.57 6.15
N VAL A 7 -5.85 20.08 7.11
CA VAL A 7 -5.06 18.86 6.93
C VAL A 7 -5.44 17.86 8.01
N VAL A 8 -6.19 16.81 7.67
CA VAL A 8 -6.57 15.86 8.72
C VAL A 8 -5.39 14.96 9.04
N LYS A 9 -4.60 15.38 10.03
CA LYS A 9 -3.44 14.62 10.46
C LYS A 9 -3.85 13.64 11.54
N LEU A 10 -3.91 12.37 11.19
CA LEU A 10 -4.29 11.35 12.16
C LEU A 10 -4.16 9.96 11.54
N GLN A 11 -4.60 8.96 12.29
CA GLN A 11 -4.59 7.59 11.80
C GLN A 11 -5.98 7.19 11.33
N LEU A 12 -6.09 6.12 10.55
CA LEU A 12 -7.40 5.66 10.14
C LEU A 12 -7.33 4.14 9.86
N PRO A 13 -8.30 3.32 10.28
CA PRO A 13 -8.23 1.87 10.00
C PRO A 13 -8.84 1.45 8.66
N ALA A 14 -8.05 0.75 7.84
CA ALA A 14 -8.58 0.24 6.58
C ALA A 14 -9.74 -0.68 6.97
N GLY A 15 -10.87 -0.65 6.25
CA GLY A 15 -11.98 -1.52 6.65
C GLY A 15 -12.37 -1.15 8.10
N LYS A 16 -13.61 -1.35 8.52
CA LYS A 16 -13.99 -1.00 9.90
C LYS A 16 -14.18 0.51 10.05
N ALA A 17 -14.28 1.21 8.93
CA ALA A 17 -14.55 2.65 8.96
C ALA A 17 -16.06 2.82 8.91
N THR A 18 -16.58 3.95 9.36
CA THR A 18 -18.03 4.14 9.35
C THR A 18 -18.38 5.61 9.68
N PRO A 19 -19.64 6.02 9.47
CA PRO A 19 -20.08 7.41 9.82
C PRO A 19 -19.95 7.71 11.32
N ALA A 20 -18.86 7.24 11.93
CA ALA A 20 -18.61 7.50 13.35
C ALA A 20 -17.11 7.64 13.63
N PRO A 21 -16.40 8.51 12.92
CA PRO A 21 -14.95 8.68 13.17
C PRO A 21 -14.67 9.63 14.36
N PRO A 22 -13.46 9.63 14.88
CA PRO A 22 -13.12 10.53 16.01
C PRO A 22 -13.26 12.00 15.60
N VAL A 23 -13.11 12.25 14.30
CA VAL A 23 -13.22 13.61 13.76
C VAL A 23 -14.69 14.00 13.60
N GLY A 24 -15.36 13.39 12.62
CA GLY A 24 -16.75 13.68 12.30
C GLY A 24 -16.99 15.19 12.25
N PRO A 25 -17.56 15.83 13.24
CA PRO A 25 -17.74 17.30 13.14
C PRO A 25 -16.48 17.97 12.57
N ALA A 26 -15.35 17.74 13.23
CA ALA A 26 -14.09 18.34 12.79
C ALA A 26 -13.74 17.92 11.34
N LEU A 27 -14.74 17.54 10.53
CA LEU A 27 -14.51 17.13 9.14
C LEU A 27 -15.83 17.00 8.41
N GLY A 28 -16.78 16.32 9.05
CA GLY A 28 -18.09 16.10 8.48
C GLY A 28 -18.80 17.40 8.18
N GLN A 29 -18.88 18.31 9.16
CA GLN A 29 -19.57 19.57 8.91
C GLN A 29 -18.72 20.47 8.01
N HIS A 30 -18.11 19.85 6.99
CA HIS A 30 -17.29 20.59 6.03
C HIS A 30 -18.19 21.05 4.88
N GLY A 31 -19.33 20.38 4.72
CA GLY A 31 -20.27 20.71 3.65
C GLY A 31 -20.22 19.63 2.59
N ALA A 32 -19.00 19.14 2.33
CA ALA A 32 -18.76 18.11 1.33
C ALA A 32 -19.66 16.90 1.52
N ASN A 33 -19.13 15.68 1.44
CA ASN A 33 -19.94 14.48 1.63
C ASN A 33 -19.20 13.45 2.50
N ILE A 34 -19.83 12.99 3.59
CA ILE A 34 -19.17 11.97 4.44
C ILE A 34 -19.08 10.67 3.64
N MET A 35 -20.21 10.02 3.43
CA MET A 35 -20.23 8.75 2.70
C MET A 35 -19.24 8.79 1.54
N GLU A 36 -19.11 9.93 0.87
CA GLU A 36 -18.15 10.04 -0.21
C GLU A 36 -16.75 9.82 0.35
N PHE A 37 -16.44 10.49 1.47
CA PHE A 37 -15.15 10.31 2.12
C PHE A 37 -14.89 8.83 2.33
N VAL A 38 -15.74 8.25 3.17
CA VAL A 38 -15.63 6.85 3.52
C VAL A 38 -15.68 5.96 2.29
N LYS A 39 -16.58 6.28 1.36
CA LYS A 39 -16.67 5.50 0.14
C LYS A 39 -15.28 5.34 -0.48
N ALA A 40 -14.64 6.44 -0.84
CA ALA A 40 -13.33 6.34 -1.47
C ALA A 40 -12.36 5.59 -0.55
N PHE A 41 -12.41 5.85 0.75
CA PHE A 41 -11.57 5.09 1.66
C PHE A 41 -12.03 3.65 1.62
N ASN A 42 -13.15 3.35 2.27
CA ASN A 42 -13.64 1.98 2.33
C ASN A 42 -13.44 1.24 1.01
N ALA A 43 -13.88 1.90 -0.07
CA ALA A 43 -13.78 1.35 -1.41
C ALA A 43 -12.34 1.00 -1.78
N ALA A 44 -11.39 1.79 -1.28
CA ALA A 44 -9.97 1.50 -1.57
C ALA A 44 -9.42 0.54 -0.53
N THR A 45 -9.69 0.84 0.73
CA THR A 45 -9.22 -0.03 1.80
C THR A 45 -9.89 -1.40 1.64
N ALA A 46 -11.04 -1.40 0.96
CA ALA A 46 -11.75 -2.66 0.69
C ALA A 46 -11.17 -3.28 -0.58
N ASN A 47 -10.79 -2.42 -1.53
CA ASN A 47 -10.20 -2.90 -2.77
C ASN A 47 -8.93 -3.67 -2.46
N MET A 48 -8.30 -3.34 -1.32
CA MET A 48 -7.07 -4.02 -0.89
C MET A 48 -7.37 -4.95 0.30
N GLY A 49 -7.94 -4.40 1.38
CA GLY A 49 -8.26 -5.22 2.55
C GLY A 49 -8.27 -4.39 3.85
N ASP A 50 -8.73 -4.99 4.94
CA ASP A 50 -8.76 -4.29 6.23
C ASP A 50 -7.34 -4.16 6.79
N ALA A 51 -7.03 -3.02 7.40
CA ALA A 51 -5.69 -2.82 7.95
C ALA A 51 -5.62 -1.52 8.77
N ILE A 52 -4.43 -0.93 8.82
CA ILE A 52 -4.22 0.35 9.52
C ILE A 52 -3.28 1.22 8.70
N VAL A 53 -3.66 2.48 8.48
CA VAL A 53 -2.81 3.37 7.69
C VAL A 53 -2.86 4.83 8.19
N PRO A 54 -1.73 5.51 8.33
CA PRO A 54 -1.75 6.94 8.73
C PRO A 54 -2.17 7.82 7.55
N VAL A 55 -2.84 8.94 7.82
CA VAL A 55 -3.26 9.82 6.72
C VAL A 55 -3.23 11.30 7.15
N GLU A 56 -2.73 12.12 6.24
CA GLU A 56 -2.68 13.58 6.42
C GLU A 56 -3.53 14.15 5.29
N ILE A 57 -4.85 14.02 5.46
CA ILE A 57 -5.78 14.44 4.42
C ILE A 57 -5.62 15.90 4.07
N THR A 58 -4.81 16.17 3.06
CA THR A 58 -4.58 17.56 2.68
C THR A 58 -5.84 18.08 2.00
N ILE A 59 -6.70 18.75 2.78
CA ILE A 59 -7.97 19.27 2.25
C ILE A 59 -7.83 20.72 1.84
N TYR A 60 -8.11 20.98 0.54
CA TYR A 60 -8.05 22.35 0.02
C TYR A 60 -9.47 22.89 0.00
N ALA A 61 -9.58 24.18 0.34
CA ALA A 61 -10.90 24.81 0.43
C ALA A 61 -11.74 24.55 -0.80
N ASP A 62 -11.10 24.19 -1.91
CA ASP A 62 -11.85 23.88 -3.11
C ASP A 62 -12.50 22.52 -2.90
N ARG A 63 -12.84 22.21 -1.64
CA ARG A 63 -13.43 20.93 -1.28
C ARG A 63 -12.78 19.79 -2.05
N SER A 64 -11.52 19.53 -1.69
CA SER A 64 -10.77 18.45 -2.32
C SER A 64 -9.85 17.78 -1.31
N PHE A 65 -9.96 16.46 -1.16
CA PHE A 65 -9.12 15.74 -0.20
C PHE A 65 -7.98 15.01 -0.90
N THR A 66 -6.79 15.59 -0.85
CA THR A 66 -5.61 14.95 -1.44
C THR A 66 -4.93 14.16 -0.33
N PHE A 67 -3.85 13.47 -0.67
CA PHE A 67 -3.17 12.62 0.31
C PHE A 67 -3.93 11.30 0.38
N VAL A 68 -3.83 10.63 1.51
CA VAL A 68 -4.50 9.33 1.73
C VAL A 68 -3.70 8.18 1.14
N THR A 69 -2.58 7.85 1.78
CA THR A 69 -1.73 6.77 1.32
C THR A 69 -2.43 5.43 1.50
N LYS A 70 -2.06 4.47 0.67
CA LYS A 70 -2.68 3.15 0.73
C LYS A 70 -2.00 2.19 -0.24
N THR A 71 -2.45 0.94 -0.26
CA THR A 71 -1.90 -0.05 -1.16
C THR A 71 -0.37 -0.10 -1.05
N PRO A 72 0.16 -0.81 -0.07
CA PRO A 72 1.64 -0.89 0.11
C PRO A 72 2.35 -1.59 -1.06
N PRO A 73 3.68 -1.67 -1.05
CA PRO A 73 4.43 -2.33 -2.18
C PRO A 73 4.34 -3.87 -2.16
N ALA A 74 3.55 -4.43 -1.24
CA ALA A 74 3.39 -5.89 -1.16
C ALA A 74 2.55 -6.43 -2.33
N SER A 75 1.85 -7.55 -2.10
CA SER A 75 1.03 -8.20 -3.14
C SER A 75 0.29 -7.17 -3.98
N TYR A 76 0.21 -5.94 -3.47
CA TYR A 76 -0.45 -4.83 -4.17
C TYR A 76 -0.14 -4.87 -5.66
N LEU A 77 1.14 -5.04 -5.98
CA LEU A 77 1.58 -5.12 -7.36
C LEU A 77 2.54 -6.30 -7.51
N ILE A 78 3.01 -6.79 -6.37
CA ILE A 78 3.90 -7.94 -6.38
C ILE A 78 3.18 -9.11 -7.02
N ARG A 79 1.88 -9.24 -6.73
CA ARG A 79 1.09 -10.34 -7.31
C ARG A 79 1.30 -10.41 -8.81
N LYS A 80 1.27 -9.26 -9.48
CA LYS A 80 1.48 -9.25 -10.92
C LYS A 80 2.93 -9.67 -11.20
N ALA A 81 3.89 -8.89 -10.69
CA ALA A 81 5.30 -9.22 -10.94
C ALA A 81 5.61 -10.67 -10.52
N ALA A 82 4.76 -11.20 -9.65
CA ALA A 82 4.93 -12.57 -9.15
C ALA A 82 4.24 -13.59 -10.07
N GLY A 83 2.92 -13.70 -9.96
CA GLY A 83 2.16 -14.64 -10.79
C GLY A 83 1.40 -15.65 -9.93
N LEU A 84 1.20 -15.32 -8.66
CA LEU A 84 0.49 -16.22 -7.76
C LEU A 84 -0.98 -16.26 -8.17
N GLU A 85 -1.59 -17.46 -8.14
CA GLU A 85 -3.00 -17.61 -8.51
C GLU A 85 -3.89 -17.53 -7.26
N LYS A 86 -3.50 -18.23 -6.21
CA LYS A 86 -4.29 -18.22 -4.97
C LYS A 86 -3.56 -18.95 -3.86
N GLY A 87 -2.82 -20.00 -4.21
CA GLY A 87 -2.09 -20.78 -3.22
C GLY A 87 -3.04 -21.62 -2.37
N ALA A 88 -4.05 -22.22 -3.03
CA ALA A 88 -5.03 -23.04 -2.33
C ALA A 88 -5.52 -24.18 -3.23
N HIS A 89 -4.64 -25.16 -3.44
CA HIS A 89 -4.99 -26.31 -4.28
C HIS A 89 -4.20 -27.53 -3.84
N LYS A 90 -4.64 -28.72 -4.25
CA LYS A 90 -3.96 -29.95 -3.87
C LYS A 90 -2.47 -29.88 -4.27
N PRO A 91 -1.60 -30.60 -3.59
CA PRO A 91 -0.15 -30.57 -3.96
C PRO A 91 0.06 -30.88 -5.45
N GLY A 92 1.06 -30.23 -6.04
CA GLY A 92 1.36 -30.43 -7.45
C GLY A 92 2.86 -30.29 -7.71
N ARG A 93 3.34 -29.05 -7.71
CA ARG A 93 4.75 -28.76 -7.95
C ARG A 93 5.21 -27.61 -7.07
N GLU A 94 6.07 -27.92 -6.09
CA GLU A 94 6.59 -26.89 -5.19
C GLU A 94 7.65 -26.05 -5.90
N LYS A 95 7.19 -25.15 -6.77
CA LYS A 95 8.11 -24.30 -7.52
C LYS A 95 7.38 -23.11 -8.14
N VAL A 96 6.97 -22.17 -7.30
CA VAL A 96 6.26 -20.98 -7.77
C VAL A 96 6.63 -19.78 -6.92
N GLY A 97 6.34 -18.58 -7.43
CA GLY A 97 6.66 -17.35 -6.70
C GLY A 97 8.06 -16.87 -7.04
N ARG A 98 8.20 -16.30 -8.23
CA ARG A 98 9.50 -15.79 -8.69
C ARG A 98 9.36 -14.43 -9.36
N ILE A 99 10.02 -13.43 -8.79
CA ILE A 99 10.00 -12.06 -9.32
C ILE A 99 11.36 -11.74 -9.92
N THR A 100 11.37 -10.91 -10.96
CA THR A 100 12.63 -10.56 -11.61
C THR A 100 13.36 -9.47 -10.83
N TRP A 101 14.68 -9.55 -10.84
CA TRP A 101 15.50 -8.60 -10.11
C TRP A 101 15.16 -7.15 -10.45
N GLU A 102 15.50 -6.68 -11.65
CA GLU A 102 15.21 -5.29 -12.02
C GLU A 102 13.80 -4.87 -11.57
N GLN A 103 12.85 -5.78 -11.69
CA GLN A 103 11.50 -5.45 -11.29
C GLN A 103 11.44 -5.11 -9.82
N VAL A 104 12.02 -5.92 -8.94
CA VAL A 104 11.93 -5.58 -7.52
C VAL A 104 12.67 -4.27 -7.28
N LEU A 105 13.66 -3.97 -8.11
CA LEU A 105 14.38 -2.71 -7.95
C LEU A 105 13.43 -1.54 -8.15
N GLU A 106 12.98 -1.31 -9.39
CA GLU A 106 12.07 -0.20 -9.66
C GLU A 106 10.94 -0.19 -8.61
N ILE A 107 10.33 -1.34 -8.38
CA ILE A 107 9.26 -1.41 -7.39
C ILE A 107 9.79 -1.03 -6.02
N ALA A 108 11.07 -1.29 -5.77
CA ALA A 108 11.65 -0.95 -4.47
C ALA A 108 12.42 0.36 -4.55
N LYS A 109 12.49 0.94 -5.74
CA LYS A 109 13.21 2.20 -5.94
C LYS A 109 12.29 3.39 -5.70
N GLN A 110 11.42 3.67 -6.66
CA GLN A 110 10.51 4.81 -6.53
C GLN A 110 9.44 4.56 -5.47
N LYS A 111 8.98 3.32 -5.37
CA LYS A 111 7.92 2.98 -4.41
C LYS A 111 8.43 3.01 -2.96
N MET A 112 9.11 4.08 -2.60
CA MET A 112 9.61 4.20 -1.24
C MET A 112 10.17 5.60 -0.97
N PRO A 113 9.38 6.64 -1.13
CA PRO A 113 9.89 8.01 -0.86
C PRO A 113 10.50 8.14 0.54
N ASP A 114 9.86 7.48 1.50
CA ASP A 114 10.32 7.51 2.89
C ASP A 114 9.60 6.45 3.71
N LEU A 115 9.31 5.32 3.08
CA LEU A 115 8.59 4.25 3.77
C LEU A 115 9.38 3.72 4.97
N ASN A 116 10.64 3.37 4.76
CA ASN A 116 11.48 2.86 5.86
C ASN A 116 12.91 2.65 5.41
N THR A 117 13.17 2.79 4.12
CA THR A 117 14.52 2.59 3.60
C THR A 117 14.87 3.61 2.52
N THR A 118 16.12 3.55 2.06
CA THR A 118 16.62 4.48 1.05
C THR A 118 17.54 3.75 0.06
N ASP A 119 18.33 2.82 0.58
CA ASP A 119 19.25 2.05 -0.26
C ASP A 119 18.47 0.99 -1.05
N LEU A 120 18.90 0.71 -2.28
CA LEU A 120 18.22 -0.29 -3.10
C LEU A 120 18.27 -1.65 -2.42
N GLU A 121 19.46 -1.99 -1.93
CA GLU A 121 19.70 -3.24 -1.24
C GLU A 121 18.75 -3.37 -0.04
N ALA A 122 18.45 -2.28 0.65
CA ALA A 122 17.52 -2.38 1.76
C ALA A 122 16.12 -2.62 1.20
N ALA A 123 15.53 -1.61 0.55
CA ALA A 123 14.20 -1.77 -0.02
C ALA A 123 14.12 -3.04 -0.85
N ALA A 124 15.17 -3.34 -1.61
CA ALA A 124 15.17 -4.56 -2.39
C ALA A 124 14.89 -5.73 -1.46
N ARG A 125 15.86 -6.03 -0.58
CA ARG A 125 15.69 -7.13 0.37
C ARG A 125 14.27 -7.10 0.97
N MET A 126 13.70 -5.91 1.07
CA MET A 126 12.34 -5.79 1.59
C MET A 126 11.40 -6.59 0.70
N ILE A 127 11.16 -6.10 -0.52
CA ILE A 127 10.25 -6.79 -1.44
C ILE A 127 10.64 -8.26 -1.57
N ALA A 128 11.91 -8.52 -1.84
CA ALA A 128 12.36 -9.91 -1.95
C ALA A 128 12.20 -10.58 -0.59
N GLY A 129 13.05 -10.21 0.35
CA GLY A 129 12.98 -10.81 1.68
C GLY A 129 11.53 -10.93 2.13
N SER A 130 10.73 -9.88 1.94
CA SER A 130 9.33 -9.95 2.31
C SER A 130 8.66 -11.06 1.52
N ALA A 131 9.01 -11.17 0.24
CA ALA A 131 8.44 -12.22 -0.60
C ALA A 131 8.70 -13.56 0.09
N ARG A 132 9.95 -13.76 0.54
CA ARG A 132 10.29 -14.99 1.26
C ARG A 132 9.34 -15.11 2.43
N SER A 133 9.05 -14.00 3.12
CA SER A 133 8.07 -14.07 4.19
C SER A 133 6.78 -14.62 3.58
N MET A 134 6.12 -13.78 2.77
CA MET A 134 4.88 -14.17 2.09
C MET A 134 5.01 -15.58 1.49
N GLY A 135 6.23 -16.10 1.41
CA GLY A 135 6.46 -17.43 0.86
C GLY A 135 6.74 -17.34 -0.65
N VAL A 136 7.61 -16.40 -1.02
CA VAL A 136 7.98 -16.18 -2.41
C VAL A 136 9.49 -15.94 -2.50
N GLU A 137 10.13 -16.45 -3.56
CA GLU A 137 11.59 -16.27 -3.72
C GLU A 137 11.87 -15.40 -4.94
N VAL A 138 13.10 -14.94 -5.09
CA VAL A 138 13.48 -14.15 -6.25
C VAL A 138 13.97 -15.11 -7.33
N VAL A 139 13.67 -14.80 -8.59
CA VAL A 139 14.09 -15.64 -9.71
C VAL A 139 15.61 -15.78 -9.74
N GLY A 140 16.27 -15.15 -8.77
CA GLY A 140 17.73 -15.18 -8.72
C GLY A 140 18.29 -13.90 -9.32
N ALA A 141 19.52 -13.53 -8.93
CA ALA A 141 20.14 -12.31 -9.45
C ALA A 141 21.58 -12.58 -9.88
N PRO A 142 21.78 -13.26 -10.99
CA PRO A 142 23.16 -13.57 -11.49
C PRO A 142 23.94 -12.29 -11.82
N GLU A 143 25.26 -12.34 -11.65
CA GLU A 143 26.09 -11.18 -11.96
C GLU A 143 27.57 -11.57 -11.96
N VAL A 144 27.88 -12.76 -12.46
CA VAL A 144 29.27 -13.23 -12.53
C VAL A 144 29.54 -13.90 -13.88
N LYS A 145 30.82 -13.99 -14.24
CA LYS A 145 31.21 -14.60 -15.51
C LYS A 145 32.46 -15.45 -15.33
N ASP A 146 32.27 -16.77 -15.19
CA ASP A 146 33.39 -17.67 -15.01
C ASP A 146 32.92 -19.12 -15.07
N ALA A 147 33.65 -19.96 -15.81
CA ALA A 147 33.30 -21.36 -15.94
C ALA A 147 33.86 -22.17 -14.77
N MET A 1 -11.17 31.80 -2.37
CA MET A 1 -11.29 30.92 -1.18
C MET A 1 -9.91 30.54 -0.66
N LYS A 2 -8.90 31.31 -0.99
CA LYS A 2 -7.55 31.00 -0.55
C LYS A 2 -7.22 29.56 -0.92
N LYS A 3 -6.16 29.03 -0.35
CA LYS A 3 -5.74 27.64 -0.63
C LYS A 3 -6.09 26.75 0.56
N VAL A 4 -5.44 25.60 0.68
CA VAL A 4 -5.71 24.68 1.77
C VAL A 4 -5.91 25.46 3.06
N VAL A 5 -7.05 25.25 3.71
CA VAL A 5 -7.36 25.95 4.96
C VAL A 5 -7.40 24.96 6.10
N ALA A 6 -7.67 23.68 5.82
CA ALA A 6 -7.70 22.70 6.92
C ALA A 6 -7.07 21.38 6.49
N VAL A 7 -6.25 20.83 7.37
CA VAL A 7 -5.57 19.57 7.12
C VAL A 7 -5.89 18.60 8.23
N VAL A 8 -6.43 17.43 7.95
CA VAL A 8 -6.75 16.51 9.04
C VAL A 8 -5.67 15.44 9.21
N LYS A 9 -4.70 15.72 10.06
CA LYS A 9 -3.63 14.76 10.32
C LYS A 9 -4.15 13.63 11.20
N LEU A 10 -4.22 12.43 10.64
CA LEU A 10 -4.73 11.29 11.41
C LEU A 10 -4.50 9.98 10.65
N GLN A 11 -5.04 8.90 11.18
CA GLN A 11 -4.92 7.60 10.52
C GLN A 11 -6.23 7.32 9.79
N LEU A 12 -6.15 6.44 8.80
CA LEU A 12 -7.33 6.07 8.02
C LEU A 12 -7.39 4.54 7.85
N PRO A 13 -8.03 3.85 8.78
CA PRO A 13 -8.11 2.37 8.72
C PRO A 13 -8.75 1.81 7.44
N ALA A 14 -8.13 0.79 6.86
CA ALA A 14 -8.71 0.11 5.68
C ALA A 14 -9.55 -1.03 6.24
N GLY A 15 -10.68 -1.35 5.60
CA GLY A 15 -11.52 -2.43 6.09
C GLY A 15 -11.75 -2.25 7.58
N LYS A 16 -11.98 -1.00 7.97
CA LYS A 16 -12.18 -0.63 9.37
C LYS A 16 -12.65 0.82 9.48
N ALA A 17 -12.95 1.44 8.34
CA ALA A 17 -13.45 2.80 8.34
C ALA A 17 -14.96 2.72 8.41
N THR A 18 -15.61 3.71 9.00
CA THR A 18 -17.06 3.68 9.12
C THR A 18 -17.63 5.07 9.32
N PRO A 19 -18.93 5.25 9.14
CA PRO A 19 -19.59 6.56 9.38
C PRO A 19 -19.47 7.03 10.84
N ALA A 20 -18.27 6.94 11.39
CA ALA A 20 -18.04 7.36 12.76
C ALA A 20 -16.55 7.41 13.07
N PRO A 21 -15.78 8.12 12.28
CA PRO A 21 -14.31 8.21 12.54
C PRO A 21 -13.98 9.11 13.73
N PRO A 22 -12.74 9.16 14.14
CA PRO A 22 -12.34 10.05 15.26
C PRO A 22 -12.68 11.51 14.94
N VAL A 23 -12.84 11.80 13.65
CA VAL A 23 -13.17 13.16 13.23
C VAL A 23 -14.67 13.39 13.33
N GLY A 24 -15.43 12.62 12.53
CA GLY A 24 -16.88 12.74 12.47
C GLY A 24 -17.30 14.22 12.39
N PRO A 25 -17.72 14.86 13.46
CA PRO A 25 -18.07 16.30 13.33
C PRO A 25 -16.95 17.08 12.66
N ALA A 26 -15.76 17.03 13.25
CA ALA A 26 -14.62 17.78 12.73
C ALA A 26 -14.55 17.62 11.21
N LEU A 27 -15.24 16.62 10.67
CA LEU A 27 -15.24 16.39 9.22
C LEU A 27 -16.65 16.63 8.65
N GLY A 28 -17.65 16.20 9.39
CA GLY A 28 -19.04 16.36 8.97
C GLY A 28 -19.61 17.66 9.48
N GLN A 29 -18.89 18.76 9.25
CA GLN A 29 -19.35 20.08 9.68
C GLN A 29 -18.99 21.13 8.63
N HIS A 30 -18.15 20.73 7.69
CA HIS A 30 -17.73 21.62 6.62
C HIS A 30 -18.89 21.84 5.65
N GLY A 31 -19.90 20.98 5.76
CA GLY A 31 -21.08 21.07 4.91
C GLY A 31 -20.99 20.04 3.79
N ALA A 32 -19.76 19.78 3.35
CA ALA A 32 -19.47 18.84 2.26
C ALA A 32 -20.23 17.52 2.42
N ASN A 33 -19.54 16.40 2.25
CA ASN A 33 -20.17 15.09 2.40
C ASN A 33 -19.27 14.14 3.19
N ILE A 34 -19.86 13.26 4.00
CA ILE A 34 -19.06 12.30 4.77
C ILE A 34 -18.96 10.99 4.00
N MET A 35 -20.05 10.24 3.97
CA MET A 35 -20.06 8.96 3.27
C MET A 35 -19.31 9.08 1.95
N GLU A 36 -19.43 10.23 1.29
CA GLU A 36 -18.72 10.43 0.04
C GLU A 36 -17.23 10.26 0.29
N PHE A 37 -16.71 11.02 1.27
CA PHE A 37 -15.30 10.91 1.63
C PHE A 37 -14.93 9.45 1.78
N VAL A 38 -15.65 8.81 2.70
CA VAL A 38 -15.45 7.40 3.01
C VAL A 38 -15.68 6.53 1.79
N LYS A 39 -16.76 6.80 1.06
CA LYS A 39 -17.07 6.04 -0.14
C LYS A 39 -15.79 5.87 -0.96
N ALA A 40 -15.25 6.98 -1.46
CA ALA A 40 -14.05 6.89 -2.27
C ALA A 40 -12.95 6.17 -1.51
N PHE A 41 -12.79 6.47 -0.23
CA PHE A 41 -11.81 5.75 0.55
C PHE A 41 -12.21 4.29 0.59
N ASN A 42 -13.22 3.94 1.39
CA ASN A 42 -13.64 2.55 1.53
C ASN A 42 -13.64 1.82 0.19
N ALA A 43 -14.15 2.52 -0.82
CA ALA A 43 -14.24 1.99 -2.17
C ALA A 43 -12.89 1.56 -2.71
N ALA A 44 -11.82 2.28 -2.34
CA ALA A 44 -10.50 1.89 -2.82
C ALA A 44 -9.90 0.83 -1.89
N THR A 45 -9.99 1.07 -0.60
CA THR A 45 -9.49 0.10 0.35
C THR A 45 -10.29 -1.19 0.21
N ALA A 46 -11.57 -1.03 -0.14
CA ALA A 46 -12.42 -2.19 -0.37
C ALA A 46 -11.95 -2.90 -1.62
N ASN A 47 -11.60 -2.10 -2.65
CA ASN A 47 -11.10 -2.66 -3.90
C ASN A 47 -9.79 -3.39 -3.62
N MET A 48 -9.17 -3.06 -2.48
CA MET A 48 -7.92 -3.70 -2.07
C MET A 48 -8.14 -4.67 -0.92
N GLY A 49 -8.10 -4.18 0.32
CA GLY A 49 -8.31 -5.06 1.48
C GLY A 49 -8.35 -4.25 2.78
N ASP A 50 -8.24 -4.94 3.90
CA ASP A 50 -8.26 -4.28 5.21
C ASP A 50 -6.84 -3.96 5.68
N ALA A 51 -6.60 -2.73 6.08
CA ALA A 51 -5.26 -2.34 6.53
C ALA A 51 -5.30 -1.04 7.35
N ILE A 52 -4.20 -0.30 7.33
CA ILE A 52 -4.12 0.99 8.04
C ILE A 52 -3.32 1.96 7.20
N VAL A 53 -3.85 3.18 7.02
CA VAL A 53 -3.16 4.18 6.21
C VAL A 53 -2.91 5.51 6.97
N PRO A 54 -1.68 5.81 7.36
CA PRO A 54 -1.40 7.12 8.02
C PRO A 54 -1.44 8.24 6.98
N VAL A 55 -2.43 9.12 7.08
CA VAL A 55 -2.56 10.20 6.09
C VAL A 55 -3.06 11.49 6.71
N GLU A 56 -2.90 12.57 5.97
CA GLU A 56 -3.38 13.87 6.37
C GLU A 56 -4.32 14.38 5.28
N ILE A 57 -5.58 14.54 5.62
CA ILE A 57 -6.57 14.96 4.62
C ILE A 57 -6.44 16.42 4.28
N THR A 58 -5.69 16.71 3.21
CA THR A 58 -5.49 18.10 2.80
C THR A 58 -6.82 18.64 2.26
N ILE A 59 -7.52 19.44 3.08
CA ILE A 59 -8.81 20.00 2.67
C ILE A 59 -8.65 21.45 2.22
N TYR A 60 -9.09 21.71 0.97
CA TYR A 60 -9.05 23.08 0.41
C TYR A 60 -10.44 23.68 0.54
N ALA A 61 -10.45 24.99 0.82
CA ALA A 61 -11.70 25.70 1.07
C ALA A 61 -12.71 25.51 -0.06
N ASP A 62 -12.21 25.21 -1.26
CA ASP A 62 -13.12 24.95 -2.37
C ASP A 62 -13.86 23.65 -2.08
N ARG A 63 -13.65 23.14 -0.87
CA ARG A 63 -14.24 21.90 -0.44
C ARG A 63 -13.74 20.75 -1.30
N SER A 64 -12.46 20.43 -1.12
CA SER A 64 -11.82 19.32 -1.86
C SER A 64 -10.81 18.64 -0.95
N PHE A 65 -10.81 17.30 -0.91
CA PHE A 65 -9.89 16.57 -0.04
C PHE A 65 -8.84 15.82 -0.87
N THR A 66 -7.61 16.34 -0.92
CA THR A 66 -6.53 15.67 -1.63
C THR A 66 -5.75 14.89 -0.58
N PHE A 67 -5.64 13.59 -0.80
CA PHE A 67 -5.00 12.70 0.16
C PHE A 67 -5.08 11.28 -0.36
N VAL A 68 -5.12 10.32 0.57
CA VAL A 68 -5.19 8.88 0.24
C VAL A 68 -3.83 8.31 -0.13
N THR A 69 -3.21 7.55 0.76
CA THR A 69 -1.90 6.94 0.49
C THR A 69 -2.05 5.44 0.65
N LYS A 70 -1.93 4.72 -0.44
CA LYS A 70 -2.10 3.27 -0.43
C LYS A 70 -1.13 2.65 -1.42
N THR A 71 -1.51 1.51 -1.99
CA THR A 71 -0.67 0.77 -2.92
C THR A 71 0.73 0.63 -2.36
N PRO A 72 0.86 0.12 -1.14
CA PRO A 72 2.20 -0.02 -0.53
C PRO A 72 2.95 -1.27 -1.04
N PRO A 73 4.19 -1.46 -0.62
CA PRO A 73 4.97 -2.67 -1.02
C PRO A 73 4.34 -3.94 -0.46
N ALA A 74 5.02 -5.08 -0.61
CA ALA A 74 4.48 -6.36 -0.10
C ALA A 74 3.42 -6.94 -1.06
N SER A 75 2.81 -8.06 -0.68
CA SER A 75 1.80 -8.72 -1.53
C SER A 75 0.87 -7.68 -2.16
N TYR A 76 0.83 -6.48 -1.56
CA TYR A 76 -0.04 -5.43 -2.07
C TYR A 76 0.05 -5.36 -3.60
N LEU A 77 1.28 -5.43 -4.12
CA LEU A 77 1.52 -5.38 -5.58
C LEU A 77 2.36 -6.61 -5.99
N ILE A 78 3.11 -7.12 -5.02
CA ILE A 78 3.94 -8.27 -5.25
C ILE A 78 3.06 -9.38 -5.82
N ARG A 79 1.80 -9.41 -5.37
CA ARG A 79 0.88 -10.42 -5.83
C ARG A 79 0.87 -10.48 -7.35
N LYS A 80 0.75 -9.32 -7.98
CA LYS A 80 0.77 -9.30 -9.43
C LYS A 80 2.13 -9.76 -9.90
N ALA A 81 3.17 -9.01 -9.54
CA ALA A 81 4.53 -9.38 -9.96
C ALA A 81 4.83 -10.83 -9.61
N ALA A 82 4.09 -11.35 -8.63
CA ALA A 82 4.27 -12.73 -8.18
C ALA A 82 3.36 -13.69 -8.95
N GLY A 83 2.07 -13.72 -8.59
CA GLY A 83 1.10 -14.60 -9.25
C GLY A 83 0.59 -15.66 -8.29
N LEU A 84 0.05 -15.22 -7.16
CA LEU A 84 -0.47 -16.14 -6.15
C LEU A 84 -1.98 -16.35 -6.34
N GLU A 85 -2.50 -15.95 -7.49
CA GLU A 85 -3.92 -16.11 -7.76
C GLU A 85 -4.37 -17.51 -7.31
N LYS A 86 -5.66 -17.72 -7.19
CA LYS A 86 -6.17 -19.02 -6.75
C LYS A 86 -5.50 -20.14 -7.54
N GLY A 87 -5.39 -19.94 -8.85
CA GLY A 87 -4.78 -20.94 -9.73
C GLY A 87 -5.50 -20.95 -11.07
N ALA A 88 -4.93 -21.66 -12.04
CA ALA A 88 -5.53 -21.75 -13.39
C ALA A 88 -6.12 -23.13 -13.60
N HIS A 89 -7.44 -23.21 -13.63
CA HIS A 89 -8.11 -24.49 -13.83
C HIS A 89 -7.86 -25.40 -12.64
N LYS A 90 -6.62 -25.82 -12.46
CA LYS A 90 -6.27 -26.70 -11.34
C LYS A 90 -4.82 -26.44 -10.88
N PRO A 91 -4.51 -26.68 -9.62
CA PRO A 91 -3.12 -26.47 -9.11
C PRO A 91 -2.10 -27.20 -9.98
N GLY A 92 -0.96 -26.55 -10.24
CA GLY A 92 0.10 -27.17 -11.05
C GLY A 92 1.08 -27.92 -10.16
N ARG A 93 1.97 -27.19 -9.50
CA ARG A 93 2.97 -27.79 -8.61
C ARG A 93 3.15 -26.94 -7.36
N GLU A 94 3.52 -27.58 -6.25
CA GLU A 94 3.71 -26.84 -5.02
C GLU A 94 4.81 -25.80 -5.22
N LYS A 95 5.34 -25.24 -4.14
CA LYS A 95 6.40 -24.25 -4.26
C LYS A 95 5.96 -23.13 -5.20
N VAL A 96 5.61 -21.97 -4.65
CA VAL A 96 5.18 -20.83 -5.47
C VAL A 96 5.83 -19.55 -4.97
N GLY A 97 5.92 -18.54 -5.84
CA GLY A 97 6.54 -17.27 -5.46
C GLY A 97 7.75 -16.98 -6.33
N ARG A 98 7.50 -16.47 -7.54
CA ARG A 98 8.58 -16.15 -8.48
C ARG A 98 8.50 -14.72 -8.97
N ILE A 99 9.22 -13.82 -8.30
CA ILE A 99 9.26 -12.42 -8.69
C ILE A 99 10.55 -12.14 -9.47
N THR A 100 10.51 -11.19 -10.39
CA THR A 100 11.69 -10.87 -11.18
C THR A 100 12.52 -9.78 -10.50
N TRP A 101 13.81 -9.75 -10.83
CA TRP A 101 14.73 -8.78 -10.24
C TRP A 101 14.33 -7.35 -10.55
N GLU A 102 14.50 -6.89 -11.78
CA GLU A 102 14.15 -5.50 -12.08
C GLU A 102 12.79 -5.12 -11.51
N GLN A 103 11.84 -6.02 -11.57
CA GLN A 103 10.52 -5.71 -11.09
C GLN A 103 10.53 -5.35 -9.62
N VAL A 104 11.20 -6.15 -8.79
CA VAL A 104 11.24 -5.79 -7.38
C VAL A 104 11.97 -4.47 -7.22
N LEU A 105 12.91 -4.16 -8.12
CA LEU A 105 13.61 -2.88 -8.02
C LEU A 105 12.65 -1.74 -8.18
N GLU A 106 12.17 -1.50 -9.40
CA GLU A 106 11.22 -0.42 -9.64
C GLU A 106 10.15 -0.40 -8.55
N ILE A 107 9.61 -1.57 -8.24
CA ILE A 107 8.58 -1.65 -7.20
C ILE A 107 9.13 -1.18 -5.87
N ALA A 108 10.46 -1.28 -5.70
CA ALA A 108 11.09 -0.83 -4.45
C ALA A 108 11.84 0.47 -4.66
N LYS A 109 11.83 0.98 -5.89
CA LYS A 109 12.53 2.22 -6.20
C LYS A 109 11.64 3.42 -5.88
N GLN A 110 10.64 3.67 -6.72
CA GLN A 110 9.76 4.81 -6.51
C GLN A 110 9.00 4.67 -5.19
N LYS A 111 8.51 3.46 -4.92
CA LYS A 111 7.76 3.20 -3.70
C LYS A 111 8.71 3.07 -2.50
N MET A 112 9.23 4.19 -2.01
CA MET A 112 10.13 4.16 -0.85
C MET A 112 9.78 5.27 0.15
N PRO A 113 8.54 5.31 0.61
CA PRO A 113 8.14 6.34 1.60
C PRO A 113 8.96 6.25 2.88
N ASP A 114 9.39 5.04 3.23
CA ASP A 114 10.17 4.82 4.43
C ASP A 114 11.03 3.57 4.28
N LEU A 115 10.47 2.42 4.60
CA LEU A 115 11.19 1.17 4.47
C LEU A 115 12.55 1.23 5.18
N ASN A 116 12.87 2.36 5.79
CA ASN A 116 14.14 2.51 6.49
C ASN A 116 15.30 2.18 5.55
N THR A 117 15.10 2.36 4.25
CA THR A 117 16.15 2.04 3.28
C THR A 117 16.17 3.03 2.13
N THR A 118 17.29 3.06 1.41
CA THR A 118 17.46 3.96 0.28
C THR A 118 18.22 3.28 -0.86
N ASP A 119 19.13 2.37 -0.50
CA ASP A 119 19.92 1.65 -1.50
C ASP A 119 19.06 0.59 -2.17
N LEU A 120 19.30 0.33 -3.45
CA LEU A 120 18.50 -0.67 -4.17
C LEU A 120 18.67 -2.04 -3.53
N GLU A 121 19.92 -2.36 -3.23
CA GLU A 121 20.28 -3.62 -2.59
C GLU A 121 19.60 -3.75 -1.23
N ALA A 122 19.48 -2.67 -0.48
CA ALA A 122 18.81 -2.77 0.80
C ALA A 122 17.34 -3.06 0.56
N ALA A 123 16.59 -2.09 0.01
CA ALA A 123 15.17 -2.32 -0.25
C ALA A 123 14.98 -3.64 -0.99
N ALA A 124 15.90 -3.97 -1.90
CA ALA A 124 15.77 -5.22 -2.62
C ALA A 124 15.63 -6.35 -1.60
N ARG A 125 16.69 -6.58 -0.82
CA ARG A 125 16.65 -7.64 0.18
C ARG A 125 15.34 -7.56 0.96
N MET A 126 14.85 -6.34 1.20
CA MET A 126 13.59 -6.18 1.90
C MET A 126 12.51 -6.95 1.15
N ILE A 127 12.08 -6.44 0.00
CA ILE A 127 11.04 -7.10 -0.78
C ILE A 127 11.38 -8.58 -1.00
N ALA A 128 12.59 -8.84 -1.47
CA ALA A 128 13.00 -10.23 -1.68
C ALA A 128 12.99 -10.93 -0.33
N GLY A 129 13.96 -10.60 0.51
CA GLY A 129 14.05 -11.22 1.83
C GLY A 129 12.66 -11.33 2.46
N SER A 130 11.90 -10.24 2.42
CA SER A 130 10.53 -10.28 2.93
C SER A 130 9.76 -11.37 2.21
N ALA A 131 9.95 -11.45 0.88
CA ALA A 131 9.28 -12.50 0.11
C ALA A 131 9.60 -13.83 0.78
N ARG A 132 10.86 -14.04 1.11
CA ARG A 132 11.25 -15.26 1.79
C ARG A 132 10.42 -15.36 3.06
N SER A 133 10.11 -14.21 3.67
CA SER A 133 9.27 -14.23 4.86
C SER A 133 7.88 -14.72 4.44
N MET A 134 7.10 -13.85 3.80
CA MET A 134 5.76 -14.19 3.35
C MET A 134 5.75 -15.61 2.78
N GLY A 135 6.90 -16.08 2.30
CA GLY A 135 6.99 -17.41 1.69
C GLY A 135 7.07 -17.29 0.17
N VAL A 136 8.11 -16.62 -0.31
CA VAL A 136 8.33 -16.41 -1.74
C VAL A 136 9.82 -16.43 -2.02
N GLU A 137 10.20 -16.60 -3.30
CA GLU A 137 11.62 -16.61 -3.66
C GLU A 137 11.86 -15.65 -4.82
N VAL A 138 13.09 -15.16 -4.96
CA VAL A 138 13.43 -14.27 -6.07
C VAL A 138 13.82 -15.16 -7.24
N VAL A 139 13.61 -14.64 -8.44
CA VAL A 139 13.94 -15.36 -9.67
C VAL A 139 15.30 -14.93 -10.20
N GLY A 140 15.84 -13.85 -9.64
CA GLY A 140 17.15 -13.33 -10.06
C GLY A 140 18.04 -13.06 -8.86
N ALA A 141 18.47 -14.12 -8.18
CA ALA A 141 19.33 -13.98 -7.01
C ALA A 141 20.36 -15.12 -6.96
N PRO A 142 21.31 -15.11 -7.88
CA PRO A 142 22.36 -16.17 -7.92
C PRO A 142 23.20 -16.19 -6.63
N GLU A 143 23.67 -17.37 -6.24
CA GLU A 143 24.52 -17.49 -5.06
C GLU A 143 25.84 -16.78 -5.32
N VAL A 144 26.46 -16.26 -4.25
CA VAL A 144 27.73 -15.56 -4.40
C VAL A 144 28.91 -16.52 -4.26
N LYS A 145 28.71 -17.77 -4.67
CA LYS A 145 29.78 -18.76 -4.56
C LYS A 145 30.36 -18.72 -3.16
N ASP A 146 31.43 -19.48 -2.93
CA ASP A 146 32.06 -19.49 -1.60
C ASP A 146 33.54 -19.84 -1.73
N ALA A 147 33.85 -21.13 -1.76
CA ALA A 147 35.24 -21.56 -1.88
C ALA A 147 36.10 -20.86 -0.83
N MET A 1 -6.27 26.18 -6.23
CA MET A 1 -5.59 27.19 -5.38
C MET A 1 -4.52 26.50 -4.56
N LYS A 2 -3.52 27.27 -4.11
CA LYS A 2 -2.43 26.72 -3.30
C LYS A 2 -2.72 26.97 -1.82
N LYS A 3 -1.83 26.53 -0.94
CA LYS A 3 -2.04 26.72 0.50
C LYS A 3 -3.14 25.81 0.98
N VAL A 4 -3.34 25.79 2.28
CA VAL A 4 -4.36 24.95 2.87
C VAL A 4 -5.09 25.71 3.96
N VAL A 5 -6.30 25.27 4.30
CA VAL A 5 -7.08 25.91 5.36
C VAL A 5 -7.34 24.91 6.48
N ALA A 6 -7.34 23.62 6.18
CA ALA A 6 -7.54 22.64 7.26
C ALA A 6 -6.94 21.30 6.89
N VAL A 7 -5.94 20.89 7.66
CA VAL A 7 -5.26 19.61 7.46
C VAL A 7 -5.62 18.67 8.59
N VAL A 8 -6.36 17.60 8.34
CA VAL A 8 -6.73 16.72 9.46
C VAL A 8 -5.73 15.58 9.60
N LYS A 9 -4.70 15.82 10.40
CA LYS A 9 -3.67 14.80 10.64
C LYS A 9 -4.22 13.76 11.60
N LEU A 10 -4.28 12.50 11.14
CA LEU A 10 -4.80 11.44 12.00
C LEU A 10 -4.61 10.08 11.33
N GLN A 11 -5.14 9.03 11.95
CA GLN A 11 -5.08 7.69 11.38
C GLN A 11 -6.35 7.41 10.62
N LEU A 12 -6.30 6.45 9.71
CA LEU A 12 -7.47 6.08 8.90
C LEU A 12 -7.57 4.55 8.82
N PRO A 13 -8.32 3.92 9.71
CA PRO A 13 -8.44 2.43 9.70
C PRO A 13 -9.00 1.85 8.40
N ALA A 14 -8.51 0.65 8.05
CA ALA A 14 -9.02 -0.07 6.87
C ALA A 14 -9.97 -1.13 7.43
N GLY A 15 -11.07 -1.41 6.73
CA GLY A 15 -12.02 -2.41 7.20
C GLY A 15 -12.36 -2.13 8.66
N LYS A 16 -12.59 -0.86 8.95
CA LYS A 16 -12.89 -0.38 10.30
C LYS A 16 -13.43 1.04 10.25
N ALA A 17 -13.40 1.65 9.07
CA ALA A 17 -13.93 3.00 8.93
C ALA A 17 -15.44 2.89 8.83
N THR A 18 -16.17 3.89 9.29
CA THR A 18 -17.62 3.83 9.25
C THR A 18 -18.24 5.22 9.34
N PRO A 19 -19.54 5.34 9.07
CA PRO A 19 -20.24 6.65 9.19
C PRO A 19 -20.18 7.23 10.61
N ALA A 20 -19.03 7.13 11.25
CA ALA A 20 -18.85 7.65 12.60
C ALA A 20 -17.39 7.58 13.03
N PRO A 21 -16.50 8.22 12.30
CA PRO A 21 -15.05 8.20 12.65
C PRO A 21 -14.73 9.16 13.79
N PRO A 22 -13.51 9.12 14.30
CA PRO A 22 -13.11 10.08 15.37
C PRO A 22 -13.33 11.53 14.93
N VAL A 23 -13.34 11.74 13.61
CA VAL A 23 -13.54 13.08 13.07
C VAL A 23 -15.03 13.38 13.02
N GLY A 24 -15.75 12.61 12.19
CA GLY A 24 -17.20 12.81 12.00
C GLY A 24 -17.53 14.29 11.86
N PRO A 25 -17.94 14.97 12.91
CA PRO A 25 -18.24 16.41 12.77
C PRO A 25 -17.11 17.12 12.02
N ALA A 26 -15.90 17.06 12.58
CA ALA A 26 -14.77 17.73 11.97
C ALA A 26 -14.72 17.41 10.47
N LEU A 27 -15.32 16.27 10.08
CA LEU A 27 -15.37 15.87 8.66
C LEU A 27 -16.82 15.82 8.18
N GLY A 28 -17.66 16.63 8.81
CA GLY A 28 -19.07 16.66 8.45
C GLY A 28 -19.70 17.99 8.81
N GLN A 29 -18.97 19.08 8.57
CA GLN A 29 -19.48 20.42 8.88
C GLN A 29 -19.06 21.39 7.78
N HIS A 30 -18.15 20.93 6.93
CA HIS A 30 -17.65 21.74 5.82
C HIS A 30 -18.78 21.97 4.83
N GLY A 31 -19.84 21.18 4.95
CA GLY A 31 -21.00 21.28 4.07
C GLY A 31 -20.96 20.17 3.02
N ALA A 32 -19.76 19.70 2.73
CA ALA A 32 -19.53 18.63 1.74
C ALA A 32 -20.41 17.42 2.00
N ASN A 33 -19.83 16.22 1.98
CA ASN A 33 -20.59 14.99 2.23
C ASN A 33 -19.83 14.11 3.23
N ILE A 34 -20.28 12.86 3.38
CA ILE A 34 -19.63 11.90 4.29
C ILE A 34 -19.42 10.58 3.56
N MET A 35 -20.50 9.81 3.42
CA MET A 35 -20.40 8.54 2.72
C MET A 35 -19.52 8.66 1.50
N GLU A 36 -19.63 9.73 0.75
CA GLU A 36 -18.77 9.87 -0.40
C GLU A 36 -17.32 9.71 0.07
N PHE A 37 -16.96 10.45 1.12
CA PHE A 37 -15.61 10.34 1.66
C PHE A 37 -15.30 8.87 1.93
N VAL A 38 -16.06 8.34 2.90
CA VAL A 38 -15.90 6.97 3.36
C VAL A 38 -16.05 5.98 2.21
N LYS A 39 -17.10 6.14 1.42
CA LYS A 39 -17.31 5.26 0.28
C LYS A 39 -15.99 5.08 -0.47
N ALA A 40 -15.39 6.17 -0.93
CA ALA A 40 -14.13 6.07 -1.67
C ALA A 40 -13.09 5.36 -0.83
N PHE A 41 -12.98 5.72 0.44
CA PHE A 41 -12.07 5.02 1.31
C PHE A 41 -12.50 3.56 1.37
N ASN A 42 -13.59 3.29 2.08
CA ASN A 42 -14.05 1.93 2.25
C ASN A 42 -13.92 1.12 0.96
N ALA A 43 -14.26 1.79 -0.13
CA ALA A 43 -14.22 1.19 -1.46
C ALA A 43 -12.81 0.77 -1.85
N ALA A 44 -11.81 1.53 -1.42
CA ALA A 44 -10.42 1.17 -1.74
C ALA A 44 -9.89 0.20 -0.70
N THR A 45 -10.17 0.49 0.57
CA THR A 45 -9.74 -0.40 1.61
C THR A 45 -10.45 -1.74 1.43
N ALA A 46 -11.69 -1.68 0.95
CA ALA A 46 -12.45 -2.91 0.68
C ALA A 46 -11.79 -3.61 -0.49
N ASN A 47 -11.40 -2.82 -1.50
CA ASN A 47 -10.73 -3.36 -2.66
C ASN A 47 -9.39 -3.97 -2.23
N MET A 48 -8.92 -3.54 -1.07
CA MET A 48 -7.66 -4.03 -0.50
C MET A 48 -7.95 -4.98 0.67
N GLY A 49 -8.14 -4.46 1.87
CA GLY A 49 -8.42 -5.32 3.02
C GLY A 49 -8.37 -4.54 4.32
N ASP A 50 -8.80 -5.17 5.42
CA ASP A 50 -8.79 -4.50 6.73
C ASP A 50 -7.35 -4.23 7.15
N ALA A 51 -7.08 -3.04 7.67
CA ALA A 51 -5.72 -2.69 8.09
C ALA A 51 -5.69 -1.32 8.76
N ILE A 52 -4.54 -0.65 8.70
CA ILE A 52 -4.39 0.70 9.27
C ILE A 52 -3.52 1.52 8.37
N VAL A 53 -3.97 2.74 8.03
CA VAL A 53 -3.17 3.60 7.16
C VAL A 53 -3.16 5.07 7.68
N PRO A 54 -1.99 5.68 7.84
CA PRO A 54 -1.93 7.10 8.28
C PRO A 54 -2.40 8.04 7.18
N VAL A 55 -3.01 9.16 7.55
CA VAL A 55 -3.49 10.11 6.54
C VAL A 55 -3.55 11.53 7.09
N GLU A 56 -3.57 12.48 6.18
CA GLU A 56 -3.69 13.89 6.52
C GLU A 56 -4.65 14.53 5.54
N ILE A 57 -5.87 14.77 5.98
CA ILE A 57 -6.89 15.33 5.08
C ILE A 57 -6.57 16.77 4.70
N THR A 58 -5.78 16.92 3.64
CA THR A 58 -5.39 18.25 3.19
C THR A 58 -6.62 18.92 2.59
N ILE A 59 -7.24 19.83 3.35
CA ILE A 59 -8.45 20.52 2.88
C ILE A 59 -8.14 21.94 2.43
N TYR A 60 -8.53 22.27 1.18
CA TYR A 60 -8.33 23.62 0.63
C TYR A 60 -9.67 24.33 0.65
N ALA A 61 -9.63 25.63 0.98
CA ALA A 61 -10.85 26.44 1.13
C ALA A 61 -11.75 26.31 -0.09
N ASP A 62 -11.20 25.92 -1.23
CA ASP A 62 -12.02 25.74 -2.41
C ASP A 62 -12.93 24.54 -2.16
N ARG A 63 -12.92 24.07 -0.91
CA ARG A 63 -13.70 22.91 -0.51
C ARG A 63 -13.27 21.70 -1.30
N SER A 64 -12.05 21.25 -1.01
CA SER A 64 -11.49 20.08 -1.67
C SER A 64 -10.59 19.32 -0.69
N PHE A 65 -10.76 18.00 -0.59
CA PHE A 65 -9.96 17.20 0.34
C PHE A 65 -8.97 16.33 -0.43
N THR A 66 -7.69 16.76 -0.45
CA THR A 66 -6.66 15.97 -1.13
C THR A 66 -5.98 15.12 -0.08
N PHE A 67 -6.06 13.80 -0.26
CA PHE A 67 -5.52 12.83 0.71
C PHE A 67 -5.91 11.40 0.34
N VAL A 68 -4.94 10.57 0.01
CA VAL A 68 -5.21 9.18 -0.33
C VAL A 68 -3.97 8.33 -0.04
N THR A 69 -4.19 7.16 0.56
CA THR A 69 -3.08 6.25 0.88
C THR A 69 -3.52 4.81 0.64
N LYS A 70 -2.59 3.97 0.22
CA LYS A 70 -2.89 2.56 -0.06
C LYS A 70 -1.74 1.67 0.39
N THR A 71 -1.96 0.36 0.37
CA THR A 71 -0.94 -0.61 0.78
C THR A 71 0.45 -0.19 0.27
N PRO A 72 1.28 0.45 1.09
CA PRO A 72 2.61 0.95 0.61
C PRO A 72 3.35 -0.05 -0.29
N PRO A 73 4.52 0.31 -0.81
CA PRO A 73 5.29 -0.60 -1.72
C PRO A 73 5.49 -2.00 -1.11
N ALA A 74 4.88 -3.00 -1.73
CA ALA A 74 4.98 -4.38 -1.25
C ALA A 74 4.03 -5.26 -2.04
N SER A 75 3.55 -6.35 -1.44
CA SER A 75 2.66 -7.28 -2.11
C SER A 75 1.70 -6.52 -3.03
N TYR A 76 1.51 -5.24 -2.71
CA TYR A 76 0.64 -4.39 -3.49
C TYR A 76 0.95 -4.53 -4.98
N LEU A 77 2.23 -4.69 -5.31
CA LEU A 77 2.68 -4.85 -6.72
C LEU A 77 3.36 -6.21 -6.89
N ILE A 78 4.06 -6.64 -5.84
CA ILE A 78 4.74 -7.92 -5.89
C ILE A 78 3.80 -8.99 -6.43
N ARG A 79 2.53 -8.89 -6.01
CA ARG A 79 1.51 -9.84 -6.44
C ARG A 79 1.51 -9.96 -7.96
N LYS A 80 1.56 -8.83 -8.66
CA LYS A 80 1.59 -8.88 -10.10
C LYS A 80 2.92 -9.50 -10.55
N ALA A 81 4.02 -8.83 -10.23
CA ALA A 81 5.33 -9.36 -10.62
C ALA A 81 5.49 -10.81 -10.16
N ALA A 82 4.66 -11.21 -9.20
CA ALA A 82 4.69 -12.56 -8.67
C ALA A 82 3.77 -13.50 -9.44
N GLY A 83 2.46 -13.42 -9.17
CA GLY A 83 1.49 -14.27 -9.86
C GLY A 83 0.81 -15.23 -8.88
N LEU A 84 0.39 -14.69 -7.74
CA LEU A 84 -0.28 -15.51 -6.72
C LEU A 84 -1.79 -15.32 -6.82
N GLU A 85 -2.51 -16.38 -7.17
CA GLU A 85 -3.97 -16.30 -7.30
C GLU A 85 -4.64 -16.62 -5.97
N LYS A 86 -4.18 -17.69 -5.32
CA LYS A 86 -4.75 -18.11 -4.04
C LYS A 86 -3.68 -18.80 -3.20
N GLY A 87 -3.81 -18.72 -1.88
CA GLY A 87 -2.84 -19.35 -1.00
C GLY A 87 -2.74 -20.85 -1.26
N ALA A 88 -3.63 -21.35 -2.12
CA ALA A 88 -3.63 -22.78 -2.44
C ALA A 88 -3.71 -23.57 -1.14
N HIS A 89 -3.72 -24.90 -1.26
CA HIS A 89 -3.80 -25.74 -0.06
C HIS A 89 -3.17 -27.11 -0.32
N LYS A 90 -3.73 -27.84 -1.28
CA LYS A 90 -3.21 -29.16 -1.61
C LYS A 90 -1.95 -29.05 -2.49
N PRO A 91 -0.99 -29.95 -2.38
CA PRO A 91 0.22 -29.87 -3.23
C PRO A 91 -0.13 -29.83 -4.73
N GLY A 92 0.68 -29.12 -5.51
CA GLY A 92 0.45 -29.02 -6.96
C GLY A 92 1.78 -28.97 -7.70
N ARG A 93 2.17 -27.77 -8.11
CA ARG A 93 3.43 -27.59 -8.83
C ARG A 93 4.52 -27.14 -7.87
N GLU A 94 5.70 -27.75 -7.97
CA GLU A 94 6.80 -27.38 -7.09
C GLU A 94 7.45 -26.08 -7.54
N LYS A 95 6.66 -25.21 -8.17
CA LYS A 95 7.17 -23.93 -8.65
C LYS A 95 6.11 -22.83 -8.51
N VAL A 96 6.24 -22.00 -7.48
CA VAL A 96 5.28 -20.93 -7.24
C VAL A 96 5.98 -19.71 -6.65
N GLY A 97 5.40 -18.53 -6.84
CA GLY A 97 6.00 -17.32 -6.31
C GLY A 97 7.38 -17.10 -6.92
N ARG A 98 7.42 -16.52 -8.12
CA ARG A 98 8.70 -16.28 -8.80
C ARG A 98 8.74 -14.88 -9.40
N ILE A 99 9.47 -13.99 -8.74
CA ILE A 99 9.61 -12.61 -9.21
C ILE A 99 10.99 -12.44 -9.84
N THR A 100 11.10 -11.54 -10.81
CA THR A 100 12.39 -11.34 -11.47
C THR A 100 13.21 -10.29 -10.71
N TRP A 101 14.53 -10.37 -10.89
CA TRP A 101 15.42 -9.45 -10.19
C TRP A 101 15.17 -7.99 -10.58
N GLU A 102 15.20 -7.66 -11.86
CA GLU A 102 14.98 -6.28 -12.24
C GLU A 102 13.61 -5.79 -11.77
N GLN A 103 12.61 -6.63 -11.87
CA GLN A 103 11.28 -6.21 -11.48
C GLN A 103 11.26 -5.80 -10.02
N VAL A 104 11.84 -6.60 -9.13
CA VAL A 104 11.85 -6.20 -7.73
C VAL A 104 12.69 -4.95 -7.57
N LEU A 105 13.69 -4.77 -8.42
CA LEU A 105 14.51 -3.57 -8.33
C LEU A 105 13.66 -2.35 -8.62
N GLU A 106 13.31 -2.13 -9.89
CA GLU A 106 12.49 -0.97 -10.23
C GLU A 106 11.35 -0.81 -9.24
N ILE A 107 10.64 -1.91 -8.99
CA ILE A 107 9.53 -1.86 -8.04
C ILE A 107 10.02 -1.44 -6.66
N ALA A 108 11.30 -1.69 -6.39
CA ALA A 108 11.88 -1.32 -5.10
C ALA A 108 12.78 -0.10 -5.25
N LYS A 109 12.91 0.40 -6.48
CA LYS A 109 13.75 1.57 -6.74
C LYS A 109 12.95 2.85 -6.57
N GLN A 110 12.09 3.15 -7.53
CA GLN A 110 11.30 4.37 -7.47
C GLN A 110 10.20 4.24 -6.41
N LYS A 111 9.57 3.07 -6.35
CA LYS A 111 8.50 2.83 -5.40
C LYS A 111 9.04 2.63 -3.97
N MET A 112 9.48 3.72 -3.35
CA MET A 112 10.00 3.62 -1.99
C MET A 112 10.40 4.99 -1.44
N PRO A 113 9.47 5.90 -1.33
CA PRO A 113 9.79 7.26 -0.79
C PRO A 113 10.52 7.19 0.56
N ASP A 114 10.05 6.31 1.43
CA ASP A 114 10.66 6.15 2.76
C ASP A 114 10.65 4.68 3.16
N LEU A 115 9.45 4.11 3.28
CA LEU A 115 9.30 2.71 3.66
C LEU A 115 10.22 2.36 4.83
N ASN A 116 11.47 2.02 4.55
CA ASN A 116 12.42 1.66 5.59
C ASN A 116 13.81 1.43 5.02
N THR A 117 14.00 1.77 3.74
CA THR A 117 15.30 1.55 3.10
C THR A 117 15.66 2.68 2.16
N THR A 118 16.89 2.65 1.68
CA THR A 118 17.40 3.69 0.78
C THR A 118 18.29 3.09 -0.31
N ASP A 119 19.12 2.12 0.08
CA ASP A 119 20.01 1.46 -0.87
C ASP A 119 19.26 0.34 -1.59
N LEU A 120 19.70 0.01 -2.81
CA LEU A 120 19.02 -1.04 -3.56
C LEU A 120 19.09 -2.36 -2.80
N GLU A 121 20.27 -2.66 -2.30
CA GLU A 121 20.51 -3.87 -1.52
C GLU A 121 19.54 -3.95 -0.34
N ALA A 122 19.30 -2.84 0.34
CA ALA A 122 18.36 -2.91 1.45
C ALA A 122 16.95 -3.11 0.90
N ALA A 123 16.41 -2.12 0.19
CA ALA A 123 15.07 -2.26 -0.38
C ALA A 123 14.96 -3.60 -1.11
N ALA A 124 15.99 -3.97 -1.86
CA ALA A 124 15.97 -5.23 -2.57
C ALA A 124 15.65 -6.34 -1.58
N ARG A 125 16.61 -6.68 -0.74
CA ARG A 125 16.40 -7.73 0.26
C ARG A 125 15.02 -7.58 0.89
N MET A 126 14.55 -6.35 0.99
CA MET A 126 13.23 -6.11 1.56
C MET A 126 12.18 -6.84 0.71
N ILE A 127 11.89 -6.32 -0.49
CA ILE A 127 10.90 -6.97 -1.36
C ILE A 127 11.17 -8.47 -1.48
N ALA A 128 12.41 -8.83 -1.76
CA ALA A 128 12.75 -10.24 -1.87
C ALA A 128 12.59 -10.88 -0.50
N GLY A 129 13.49 -10.56 0.40
CA GLY A 129 13.43 -11.13 1.75
C GLY A 129 11.98 -11.13 2.25
N SER A 130 11.31 -10.00 2.13
CA SER A 130 9.90 -9.93 2.53
C SER A 130 9.14 -11.03 1.79
N ALA A 131 9.42 -11.20 0.50
CA ALA A 131 8.76 -12.24 -0.27
C ALA A 131 9.00 -13.57 0.44
N ARG A 132 10.26 -13.81 0.80
CA ARG A 132 10.59 -15.03 1.53
C ARG A 132 9.72 -15.07 2.77
N SER A 133 9.54 -13.93 3.44
CA SER A 133 8.67 -13.90 4.60
C SER A 133 7.33 -14.48 4.16
N MET A 134 6.61 -13.71 3.34
CA MET A 134 5.32 -14.16 2.83
C MET A 134 5.37 -15.62 2.41
N GLY A 135 6.23 -15.93 1.44
CA GLY A 135 6.37 -17.31 0.96
C GLY A 135 6.61 -17.32 -0.55
N VAL A 136 7.56 -16.50 -0.98
CA VAL A 136 7.89 -16.37 -2.40
C VAL A 136 9.40 -16.41 -2.56
N GLU A 137 9.89 -16.62 -3.80
CA GLU A 137 11.33 -16.66 -4.04
C GLU A 137 11.67 -15.81 -5.27
N VAL A 138 12.93 -15.40 -5.39
CA VAL A 138 13.35 -14.62 -6.56
C VAL A 138 13.98 -15.60 -7.54
N VAL A 139 13.97 -15.22 -8.82
CA VAL A 139 14.53 -16.06 -9.86
C VAL A 139 16.04 -15.85 -9.97
N GLY A 140 16.55 -14.93 -9.17
CA GLY A 140 17.98 -14.63 -9.18
C GLY A 140 18.43 -14.12 -7.82
N ALA A 141 19.10 -14.99 -7.07
CA ALA A 141 19.58 -14.62 -5.75
C ALA A 141 20.75 -15.52 -5.33
N PRO A 142 21.88 -15.43 -5.98
CA PRO A 142 23.06 -16.27 -5.64
C PRO A 142 23.51 -16.05 -4.19
N GLU A 143 23.96 -17.12 -3.54
CA GLU A 143 24.44 -17.01 -2.17
C GLU A 143 25.90 -16.55 -2.19
N VAL A 144 26.34 -15.89 -1.12
CA VAL A 144 27.72 -15.41 -1.05
C VAL A 144 28.65 -16.58 -0.77
N LYS A 145 29.62 -16.81 -1.66
CA LYS A 145 30.53 -17.92 -1.47
C LYS A 145 29.75 -19.21 -1.22
N ASP A 146 30.43 -20.33 -1.06
CA ASP A 146 29.76 -21.60 -0.81
C ASP A 146 30.67 -22.54 -0.03
N ALA A 147 31.51 -23.28 -0.74
CA ALA A 147 32.42 -24.21 -0.08
C ALA A 147 33.31 -23.46 0.89
N MET A 1 -13.22 29.99 0.23
CA MET A 1 -12.93 29.54 -1.16
C MET A 1 -11.50 29.89 -1.54
N LYS A 2 -10.60 29.95 -0.56
CA LYS A 2 -9.20 30.27 -0.84
C LYS A 2 -8.42 28.97 -1.02
N LYS A 3 -7.10 29.05 -0.95
CA LYS A 3 -6.27 27.86 -1.11
C LYS A 3 -6.55 26.88 0.02
N VAL A 4 -5.66 25.91 0.23
CA VAL A 4 -5.82 24.95 1.30
C VAL A 4 -6.06 25.70 2.60
N VAL A 5 -7.19 25.44 3.26
CA VAL A 5 -7.49 26.09 4.54
C VAL A 5 -7.49 25.07 5.66
N ALA A 6 -7.74 23.79 5.36
CA ALA A 6 -7.71 22.78 6.41
C ALA A 6 -6.97 21.54 5.95
N VAL A 7 -6.11 21.02 6.81
CA VAL A 7 -5.33 19.83 6.51
C VAL A 7 -5.53 18.80 7.59
N VAL A 8 -5.91 17.57 7.28
CA VAL A 8 -6.11 16.59 8.36
C VAL A 8 -5.08 15.48 8.30
N LYS A 9 -3.96 15.68 9.00
CA LYS A 9 -2.92 14.66 9.04
C LYS A 9 -3.28 13.60 10.08
N LEU A 10 -3.48 12.37 9.63
CA LEU A 10 -3.86 11.30 10.56
C LEU A 10 -3.76 9.94 9.88
N GLN A 11 -4.24 8.90 10.56
CA GLN A 11 -4.24 7.56 9.98
C GLN A 11 -5.57 7.28 9.32
N LEU A 12 -5.58 6.39 8.33
CA LEU A 12 -6.80 6.04 7.62
C LEU A 12 -6.88 4.51 7.45
N PRO A 13 -7.51 3.80 8.37
CA PRO A 13 -7.53 2.31 8.31
C PRO A 13 -8.41 1.73 7.20
N ALA A 14 -7.81 1.05 6.23
CA ALA A 14 -8.60 0.41 5.18
C ALA A 14 -9.47 -0.63 5.88
N GLY A 15 -10.69 -0.85 5.42
CA GLY A 15 -11.54 -1.83 6.09
C GLY A 15 -11.76 -1.38 7.52
N LYS A 16 -12.90 -1.73 8.13
CA LYS A 16 -13.15 -1.30 9.50
C LYS A 16 -13.46 0.18 9.56
N ALA A 17 -13.67 0.79 8.39
CA ALA A 17 -14.01 2.21 8.34
C ALA A 17 -15.52 2.31 8.34
N THR A 18 -16.07 3.41 8.85
CA THR A 18 -17.50 3.53 8.91
C THR A 18 -17.92 4.96 9.26
N PRO A 19 -19.20 5.28 9.17
CA PRO A 19 -19.70 6.63 9.56
C PRO A 19 -19.39 6.95 11.03
N ALA A 20 -18.19 6.63 11.49
CA ALA A 20 -17.80 6.91 12.86
C ALA A 20 -16.29 6.87 13.00
N PRO A 21 -15.58 7.62 12.19
CA PRO A 21 -14.10 7.65 12.26
C PRO A 21 -13.58 8.48 13.45
N PRO A 22 -12.31 8.39 13.76
CA PRO A 22 -11.74 9.21 14.85
C PRO A 22 -11.98 10.70 14.61
N VAL A 23 -12.02 11.10 13.35
CA VAL A 23 -12.21 12.49 13.00
C VAL A 23 -13.68 12.85 13.22
N GLY A 24 -14.57 12.17 12.49
CA GLY A 24 -16.00 12.44 12.56
C GLY A 24 -16.27 13.94 12.55
N PRO A 25 -16.51 14.57 13.68
CA PRO A 25 -16.75 16.03 13.67
C PRO A 25 -15.70 16.75 12.83
N ALA A 26 -14.45 16.62 13.23
CA ALA A 26 -13.37 17.28 12.52
C ALA A 26 -13.54 17.06 11.01
N LEU A 27 -14.19 15.95 10.63
CA LEU A 27 -14.43 15.66 9.21
C LEU A 27 -15.92 15.59 8.94
N GLY A 28 -16.70 16.22 9.80
CA GLY A 28 -18.15 16.22 9.66
C GLY A 28 -18.78 17.45 10.26
N GLN A 29 -18.12 18.59 10.11
CA GLN A 29 -18.64 19.84 10.65
C GLN A 29 -18.37 20.98 9.68
N HIS A 30 -17.66 20.66 8.61
CA HIS A 30 -17.34 21.64 7.59
C HIS A 30 -18.56 21.85 6.72
N GLY A 31 -19.55 20.97 6.85
CA GLY A 31 -20.77 21.06 6.06
C GLY A 31 -20.70 20.11 4.87
N ALA A 32 -19.47 19.80 4.43
CA ALA A 32 -19.23 18.93 3.29
C ALA A 32 -20.05 17.65 3.35
N ASN A 33 -19.42 16.51 3.09
CA ASN A 33 -20.12 15.23 3.14
C ASN A 33 -19.28 14.17 3.84
N ILE A 34 -19.92 13.28 4.61
CA ILE A 34 -19.18 12.21 5.29
C ILE A 34 -19.18 10.96 4.42
N MET A 35 -20.32 10.28 4.33
CA MET A 35 -20.42 9.07 3.54
C MET A 35 -19.64 9.23 2.24
N GLU A 36 -19.71 10.41 1.63
CA GLU A 36 -18.95 10.63 0.40
C GLU A 36 -17.46 10.42 0.70
N PHE A 37 -16.95 11.11 1.72
CA PHE A 37 -15.56 10.94 2.11
C PHE A 37 -15.22 9.46 2.19
N VAL A 38 -15.92 8.80 3.10
CA VAL A 38 -15.74 7.39 3.35
C VAL A 38 -15.99 6.57 2.10
N LYS A 39 -17.06 6.89 1.37
CA LYS A 39 -17.35 6.19 0.12
C LYS A 39 -16.07 6.06 -0.70
N ALA A 40 -15.54 7.18 -1.19
CA ALA A 40 -14.34 7.12 -2.01
C ALA A 40 -13.23 6.37 -1.26
N PHE A 41 -13.08 6.61 0.03
CA PHE A 41 -12.10 5.86 0.79
C PHE A 41 -12.49 4.40 0.75
N ASN A 42 -13.48 4.02 1.55
CA ASN A 42 -13.88 2.63 1.62
C ASN A 42 -13.88 1.96 0.26
N ALA A 43 -14.44 2.68 -0.71
CA ALA A 43 -14.56 2.20 -2.08
C ALA A 43 -13.22 1.84 -2.68
N ALA A 44 -12.16 2.59 -2.33
CA ALA A 44 -10.83 2.26 -2.86
C ALA A 44 -10.18 1.19 -2.00
N THR A 45 -10.25 1.36 -0.70
CA THR A 45 -9.69 0.36 0.18
C THR A 45 -10.46 -0.93 0.00
N ALA A 46 -11.75 -0.81 -0.32
CA ALA A 46 -12.56 -1.97 -0.58
C ALA A 46 -12.11 -2.59 -1.89
N ASN A 47 -11.84 -1.73 -2.87
CA ASN A 47 -11.36 -2.20 -4.16
C ASN A 47 -10.03 -2.91 -3.97
N MET A 48 -9.37 -2.62 -2.83
CA MET A 48 -8.09 -3.24 -2.51
C MET A 48 -8.27 -4.28 -1.40
N GLY A 49 -8.37 -3.84 -0.15
CA GLY A 49 -8.55 -4.80 0.95
C GLY A 49 -8.38 -4.12 2.30
N ASP A 50 -8.78 -4.79 3.38
CA ASP A 50 -8.64 -4.22 4.71
C ASP A 50 -7.16 -4.01 5.03
N ALA A 51 -6.78 -2.78 5.39
CA ALA A 51 -5.37 -2.50 5.69
C ALA A 51 -5.21 -1.21 6.50
N ILE A 52 -4.05 -0.57 6.37
CA ILE A 52 -3.80 0.70 7.06
C ILE A 52 -3.01 1.61 6.18
N VAL A 53 -3.44 2.86 6.04
CA VAL A 53 -2.72 3.80 5.19
C VAL A 53 -2.75 5.23 5.78
N PRO A 54 -1.61 5.83 6.08
CA PRO A 54 -1.59 7.22 6.57
C PRO A 54 -2.08 8.20 5.49
N VAL A 55 -2.86 9.21 5.87
CA VAL A 55 -3.34 10.19 4.88
C VAL A 55 -3.23 11.60 5.43
N GLU A 56 -3.24 12.56 4.52
CA GLU A 56 -3.21 13.97 4.86
C GLU A 56 -4.32 14.64 4.09
N ILE A 57 -5.51 14.61 4.67
CA ILE A 57 -6.68 15.17 3.99
C ILE A 57 -6.52 16.65 3.70
N THR A 58 -5.82 16.95 2.59
CA THR A 58 -5.61 18.34 2.23
C THR A 58 -6.93 18.90 1.70
N ILE A 59 -7.68 19.60 2.57
CA ILE A 59 -8.98 20.16 2.17
C ILE A 59 -8.84 21.63 1.79
N TYR A 60 -9.31 21.96 0.56
CA TYR A 60 -9.27 23.36 0.10
C TYR A 60 -10.64 23.98 0.31
N ALA A 61 -10.64 25.28 0.66
CA ALA A 61 -11.90 25.97 0.96
C ALA A 61 -12.92 25.84 -0.15
N ASP A 62 -12.46 25.60 -1.37
CA ASP A 62 -13.40 25.40 -2.46
C ASP A 62 -14.12 24.09 -2.23
N ARG A 63 -13.92 23.53 -1.04
CA ARG A 63 -14.51 22.26 -0.67
C ARG A 63 -14.01 21.17 -1.60
N SER A 64 -12.73 20.84 -1.45
CA SER A 64 -12.09 19.79 -2.26
C SER A 64 -11.10 19.04 -1.40
N PHE A 65 -11.21 17.70 -1.34
CA PHE A 65 -10.31 16.91 -0.48
C PHE A 65 -9.30 16.15 -1.33
N THR A 66 -8.06 16.64 -1.40
CA THR A 66 -7.02 15.92 -2.14
C THR A 66 -6.26 15.06 -1.16
N PHE A 67 -6.23 13.75 -1.39
CA PHE A 67 -5.59 12.82 -0.47
C PHE A 67 -5.80 11.40 -0.96
N VAL A 68 -5.80 10.44 -0.03
CA VAL A 68 -5.99 9.04 -0.36
C VAL A 68 -4.68 8.42 -0.86
N THR A 69 -4.50 7.12 -0.69
CA THR A 69 -3.29 6.47 -1.16
C THR A 69 -3.61 5.04 -1.60
N LYS A 70 -2.64 4.35 -2.19
CA LYS A 70 -2.88 3.00 -2.67
C LYS A 70 -1.57 2.37 -3.08
N THR A 71 -1.62 1.32 -3.90
CA THR A 71 -0.41 0.64 -4.33
C THR A 71 0.56 0.44 -3.18
N PRO A 72 0.16 -0.20 -2.12
CA PRO A 72 1.06 -0.38 -0.97
C PRO A 72 2.08 -1.50 -1.21
N PRO A 73 3.19 -1.50 -0.52
CA PRO A 73 4.25 -2.57 -0.69
C PRO A 73 3.79 -3.92 -0.16
N ALA A 74 4.60 -4.96 -0.32
CA ALA A 74 4.24 -6.29 0.17
C ALA A 74 3.26 -6.97 -0.79
N SER A 75 2.79 -8.17 -0.43
CA SER A 75 1.86 -8.91 -1.30
C SER A 75 0.82 -7.97 -1.90
N TYR A 76 0.65 -6.81 -1.28
CA TYR A 76 -0.32 -5.84 -1.79
C TYR A 76 -0.24 -5.73 -3.32
N LEU A 77 0.99 -5.84 -3.84
CA LEU A 77 1.22 -5.76 -5.29
C LEU A 77 2.15 -6.91 -5.70
N ILE A 78 2.95 -7.35 -4.74
CA ILE A 78 3.87 -8.44 -4.98
C ILE A 78 3.10 -9.62 -5.55
N ARG A 79 1.86 -9.80 -5.07
CA ARG A 79 1.03 -10.88 -5.54
C ARG A 79 0.95 -10.86 -7.07
N LYS A 80 0.77 -9.69 -7.64
CA LYS A 80 0.73 -9.58 -9.09
C LYS A 80 2.11 -9.91 -9.66
N ALA A 81 3.09 -9.06 -9.35
CA ALA A 81 4.45 -9.31 -9.86
C ALA A 81 4.90 -10.72 -9.52
N ALA A 82 4.15 -11.39 -8.66
CA ALA A 82 4.50 -12.75 -8.24
C ALA A 82 3.91 -13.79 -9.18
N GLY A 83 2.60 -14.06 -9.05
CA GLY A 83 1.95 -15.04 -9.92
C GLY A 83 1.01 -15.93 -9.13
N LEU A 84 -0.03 -15.34 -8.54
CA LEU A 84 -1.01 -16.08 -7.77
C LEU A 84 -2.37 -16.04 -8.45
N GLU A 85 -3.05 -17.18 -8.52
CA GLU A 85 -4.37 -17.23 -9.15
C GLU A 85 -5.29 -18.16 -8.36
N LYS A 86 -6.50 -18.39 -8.87
CA LYS A 86 -7.43 -19.28 -8.18
C LYS A 86 -6.77 -20.64 -7.99
N GLY A 87 -6.74 -21.13 -6.75
CA GLY A 87 -6.13 -22.44 -6.46
C GLY A 87 -5.45 -22.41 -5.09
N ALA A 88 -4.31 -23.08 -4.98
CA ALA A 88 -3.60 -23.11 -3.70
C ALA A 88 -4.55 -23.50 -2.57
N HIS A 89 -5.54 -24.33 -2.87
CA HIS A 89 -6.49 -24.75 -1.85
C HIS A 89 -5.88 -25.87 -1.00
N LYS A 90 -5.95 -27.10 -1.48
CA LYS A 90 -5.40 -28.23 -0.73
C LYS A 90 -3.93 -28.44 -1.10
N PRO A 91 -3.13 -29.01 -0.21
CA PRO A 91 -1.69 -29.25 -0.52
C PRO A 91 -1.53 -30.05 -1.83
N GLY A 92 -0.50 -29.72 -2.61
CA GLY A 92 -0.25 -30.42 -3.85
C GLY A 92 1.09 -30.00 -4.44
N ARG A 93 1.05 -29.24 -5.52
CA ARG A 93 2.28 -28.78 -6.15
C ARG A 93 2.94 -27.74 -5.26
N GLU A 94 4.28 -27.66 -5.28
CA GLU A 94 5.00 -26.69 -4.45
C GLU A 94 5.95 -25.86 -5.30
N LYS A 95 5.41 -25.17 -6.30
CA LYS A 95 6.25 -24.35 -7.18
C LYS A 95 5.54 -23.03 -7.51
N VAL A 96 5.50 -22.12 -6.53
CA VAL A 96 4.84 -20.83 -6.74
C VAL A 96 5.58 -19.74 -5.99
N GLY A 97 5.38 -18.48 -6.39
CA GLY A 97 6.07 -17.37 -5.73
C GLY A 97 7.36 -17.02 -6.44
N ARG A 98 7.25 -16.49 -7.66
CA ARG A 98 8.43 -16.12 -8.43
C ARG A 98 8.38 -14.64 -8.83
N ILE A 99 9.10 -13.81 -8.08
CA ILE A 99 9.15 -12.38 -8.39
C ILE A 99 10.39 -12.09 -9.21
N THR A 100 10.27 -11.23 -10.22
CA THR A 100 11.42 -10.94 -11.07
C THR A 100 12.32 -9.91 -10.39
N TRP A 101 13.60 -9.91 -10.76
CA TRP A 101 14.56 -9.00 -10.15
C TRP A 101 14.21 -7.53 -10.39
N GLU A 102 14.31 -7.04 -11.62
CA GLU A 102 14.02 -5.64 -11.86
C GLU A 102 12.70 -5.22 -11.22
N GLN A 103 11.69 -6.04 -11.33
CA GLN A 103 10.39 -5.68 -10.81
C GLN A 103 10.46 -5.41 -9.32
N VAL A 104 11.11 -6.28 -8.56
CA VAL A 104 11.20 -6.02 -7.13
C VAL A 104 11.99 -4.74 -6.91
N LEU A 105 12.93 -4.43 -7.80
CA LEU A 105 13.69 -3.20 -7.64
C LEU A 105 12.75 -2.01 -7.71
N GLU A 106 12.22 -1.72 -8.90
CA GLU A 106 11.31 -0.60 -9.04
C GLU A 106 10.31 -0.57 -7.89
N ILE A 107 9.73 -1.72 -7.57
CA ILE A 107 8.77 -1.79 -6.48
C ILE A 107 9.46 -1.45 -5.16
N ALA A 108 10.76 -1.68 -5.07
CA ALA A 108 11.49 -1.38 -3.84
C ALA A 108 12.27 -0.07 -4.00
N LYS A 109 12.21 0.53 -5.19
CA LYS A 109 12.93 1.77 -5.43
C LYS A 109 12.09 2.98 -5.05
N GLN A 110 11.12 3.31 -5.88
CA GLN A 110 10.27 4.46 -5.60
C GLN A 110 9.35 4.18 -4.42
N LYS A 111 8.80 2.97 -4.35
CA LYS A 111 7.89 2.62 -3.27
C LYS A 111 8.64 2.46 -1.94
N MET A 112 8.87 3.56 -1.23
CA MET A 112 9.54 3.47 0.04
C MET A 112 9.69 4.84 0.70
N PRO A 113 8.63 5.54 0.93
CA PRO A 113 8.73 6.89 1.55
C PRO A 113 9.00 6.81 3.05
N ASP A 114 8.14 6.10 3.78
CA ASP A 114 8.30 5.96 5.22
C ASP A 114 9.17 4.76 5.55
N LEU A 115 9.11 3.74 4.72
CA LEU A 115 9.89 2.53 4.94
C LEU A 115 11.33 2.89 5.31
N ASN A 116 11.85 2.24 6.35
CA ASN A 116 13.22 2.49 6.78
C ASN A 116 14.21 2.05 5.71
N THR A 117 14.25 2.77 4.57
CA THR A 117 15.16 2.40 3.49
C THR A 117 15.74 3.62 2.79
N THR A 118 16.86 3.41 2.11
CA THR A 118 17.53 4.50 1.41
C THR A 118 18.25 3.98 0.16
N ASP A 119 18.92 2.84 0.30
CA ASP A 119 19.64 2.24 -0.82
C ASP A 119 18.74 1.26 -1.55
N LEU A 120 18.91 1.11 -2.86
CA LEU A 120 18.06 0.22 -3.62
C LEU A 120 18.18 -1.21 -3.08
N GLU A 121 19.42 -1.62 -2.86
CA GLU A 121 19.76 -2.93 -2.31
C GLU A 121 19.07 -3.12 -0.97
N ALA A 122 18.95 -2.09 -0.16
CA ALA A 122 18.28 -2.27 1.12
C ALA A 122 16.82 -2.66 0.86
N ALA A 123 16.04 -1.76 0.26
CA ALA A 123 14.64 -2.08 -0.03
C ALA A 123 14.56 -3.35 -0.86
N ALA A 124 15.64 -3.68 -1.57
CA ALA A 124 15.63 -4.90 -2.37
C ALA A 124 15.50 -6.08 -1.44
N ARG A 125 16.58 -6.41 -0.72
CA ARG A 125 16.54 -7.53 0.21
C ARG A 125 15.22 -7.50 0.99
N MET A 126 14.70 -6.30 1.24
CA MET A 126 13.42 -6.19 1.94
C MET A 126 12.36 -6.96 1.17
N ILE A 127 11.92 -6.42 0.03
CA ILE A 127 10.89 -7.09 -0.78
C ILE A 127 11.25 -8.55 -1.04
N ALA A 128 12.48 -8.79 -1.52
CA ALA A 128 12.90 -10.15 -1.77
C ALA A 128 12.94 -10.88 -0.44
N GLY A 129 13.92 -10.57 0.39
CA GLY A 129 14.04 -11.22 1.69
C GLY A 129 12.66 -11.39 2.32
N SER A 130 11.84 -10.33 2.29
CA SER A 130 10.49 -10.42 2.80
C SER A 130 9.77 -11.56 2.08
N ALA A 131 9.92 -11.62 0.76
CA ALA A 131 9.30 -12.69 -0.01
C ALA A 131 9.79 -14.01 0.57
N ARG A 132 11.10 -14.14 0.72
CA ARG A 132 11.66 -15.34 1.30
C ARG A 132 10.89 -15.62 2.59
N SER A 133 10.62 -14.58 3.38
CA SER A 133 9.82 -14.79 4.58
C SER A 133 8.53 -15.47 4.14
N MET A 134 7.73 -14.74 3.35
CA MET A 134 6.49 -15.29 2.82
C MET A 134 6.74 -16.63 2.12
N GLY A 135 8.00 -17.05 2.06
CA GLY A 135 8.34 -18.30 1.40
C GLY A 135 8.64 -18.03 -0.07
N VAL A 136 7.99 -17.00 -0.61
CA VAL A 136 8.20 -16.61 -1.99
C VAL A 136 9.69 -16.60 -2.27
N GLU A 137 10.09 -16.58 -3.55
CA GLU A 137 11.52 -16.55 -3.89
C GLU A 137 11.76 -15.67 -5.10
N VAL A 138 13.00 -15.29 -5.35
CA VAL A 138 13.30 -14.50 -6.54
C VAL A 138 13.50 -15.47 -7.70
N VAL A 139 13.28 -14.98 -8.92
CA VAL A 139 13.43 -15.83 -10.10
C VAL A 139 14.77 -15.57 -10.79
N GLY A 140 15.49 -14.55 -10.32
CA GLY A 140 16.77 -14.19 -10.91
C GLY A 140 17.90 -14.38 -9.95
N ALA A 141 17.59 -14.39 -8.63
CA ALA A 141 18.61 -14.56 -7.60
C ALA A 141 19.70 -15.53 -8.09
N PRO A 142 20.75 -15.02 -8.70
CA PRO A 142 21.83 -15.89 -9.25
C PRO A 142 22.55 -16.67 -8.16
N GLU A 143 23.04 -17.86 -8.49
CA GLU A 143 23.76 -18.66 -7.51
C GLU A 143 24.97 -17.87 -7.01
N VAL A 144 25.16 -17.81 -5.69
CA VAL A 144 26.29 -17.07 -5.14
C VAL A 144 27.62 -17.73 -5.51
N LYS A 145 27.55 -18.89 -6.13
CA LYS A 145 28.77 -19.60 -6.52
C LYS A 145 29.66 -19.78 -5.29
N ASP A 146 29.72 -21.00 -4.76
CA ASP A 146 30.55 -21.28 -3.59
C ASP A 146 31.38 -22.53 -3.83
N ALA A 147 32.70 -22.38 -3.86
CA ALA A 147 33.58 -23.52 -4.08
C ALA A 147 34.98 -23.24 -3.52
N MET A 1 -7.59 31.78 -5.30
CA MET A 1 -6.61 30.68 -5.53
C MET A 1 -7.09 29.39 -4.87
N LYS A 2 -8.02 29.51 -3.92
CA LYS A 2 -8.52 28.32 -3.25
C LYS A 2 -7.36 27.47 -2.75
N LYS A 3 -6.91 27.71 -1.52
CA LYS A 3 -5.81 26.95 -0.95
C LYS A 3 -6.31 25.98 0.12
N VAL A 4 -5.40 25.20 0.68
CA VAL A 4 -5.78 24.26 1.73
C VAL A 4 -6.13 25.03 2.98
N VAL A 5 -7.33 24.78 3.54
CA VAL A 5 -7.75 25.47 4.77
C VAL A 5 -7.81 24.47 5.90
N ALA A 6 -8.01 23.19 5.62
CA ALA A 6 -8.06 22.18 6.69
C ALA A 6 -7.30 20.93 6.29
N VAL A 7 -6.26 20.61 7.06
CA VAL A 7 -5.45 19.43 6.81
C VAL A 7 -5.67 18.39 7.90
N VAL A 8 -6.41 17.34 7.65
CA VAL A 8 -6.61 16.38 8.74
C VAL A 8 -5.42 15.43 8.84
N LYS A 9 -4.46 15.79 9.68
CA LYS A 9 -3.27 14.96 9.85
C LYS A 9 -3.54 13.87 10.88
N LEU A 10 -3.63 12.62 10.44
CA LEU A 10 -3.88 11.51 11.37
C LEU A 10 -3.74 10.17 10.65
N GLN A 11 -4.05 9.09 11.36
CA GLN A 11 -3.98 7.76 10.76
C GLN A 11 -5.38 7.30 10.41
N LEU A 12 -5.47 6.15 9.74
CA LEU A 12 -6.77 5.61 9.41
C LEU A 12 -6.62 4.13 9.03
N PRO A 13 -7.52 3.27 9.47
CA PRO A 13 -7.42 1.82 9.14
C PRO A 13 -7.96 1.43 7.76
N ALA A 14 -7.36 0.38 7.18
CA ALA A 14 -7.86 -0.15 5.92
C ALA A 14 -8.88 -1.22 6.28
N GLY A 15 -9.95 -1.37 5.48
CA GLY A 15 -10.97 -2.38 5.81
C GLY A 15 -11.39 -2.21 7.26
N LYS A 16 -11.90 -1.02 7.58
CA LYS A 16 -12.30 -0.68 8.94
C LYS A 16 -12.68 0.79 9.03
N ALA A 17 -13.00 1.39 7.89
CA ALA A 17 -13.42 2.79 7.88
C ALA A 17 -14.93 2.82 7.85
N THR A 18 -15.54 3.86 8.42
CA THR A 18 -16.99 3.92 8.45
C THR A 18 -17.47 5.34 8.73
N PRO A 19 -18.76 5.59 8.57
CA PRO A 19 -19.34 6.93 8.87
C PRO A 19 -19.19 7.29 10.36
N ALA A 20 -18.03 7.02 10.94
CA ALA A 20 -17.81 7.33 12.34
C ALA A 20 -16.31 7.50 12.62
N PRO A 21 -15.66 8.42 11.96
CA PRO A 21 -14.22 8.65 12.18
C PRO A 21 -13.95 9.49 13.43
N PRO A 22 -12.72 9.54 13.89
CA PRO A 22 -12.40 10.36 15.08
C PRO A 22 -12.78 11.84 14.86
N VAL A 23 -12.71 12.27 13.60
CA VAL A 23 -13.05 13.64 13.28
C VAL A 23 -14.55 13.86 13.42
N GLY A 24 -15.33 13.06 12.68
CA GLY A 24 -16.77 13.17 12.70
C GLY A 24 -17.19 14.62 12.72
N PRO A 25 -17.55 15.19 13.86
CA PRO A 25 -17.95 16.62 13.87
C PRO A 25 -16.94 17.47 13.12
N ALA A 26 -15.70 17.49 13.62
CA ALA A 26 -14.66 18.30 12.99
C ALA A 26 -14.73 18.15 11.48
N LEU A 27 -15.43 17.11 11.00
CA LEU A 27 -15.58 16.89 9.57
C LEU A 27 -17.06 16.98 9.18
N GLY A 28 -17.93 16.67 10.13
CA GLY A 28 -19.36 16.67 9.88
C GLY A 28 -19.82 18.03 9.40
N GLN A 29 -19.54 19.09 10.17
CA GLN A 29 -19.96 20.42 9.77
C GLN A 29 -18.92 21.08 8.89
N HIS A 30 -18.39 20.31 7.95
CA HIS A 30 -17.42 20.80 6.98
C HIS A 30 -18.18 21.39 5.79
N GLY A 31 -19.35 20.82 5.49
CA GLY A 31 -20.18 21.29 4.37
C GLY A 31 -20.19 20.27 3.23
N ALA A 32 -19.00 19.80 2.85
CA ALA A 32 -18.84 18.83 1.78
C ALA A 32 -19.76 17.62 1.97
N ASN A 33 -19.22 16.41 1.86
CA ASN A 33 -20.04 15.21 2.03
C ASN A 33 -19.29 14.14 2.85
N ILE A 34 -19.91 13.61 3.90
CA ILE A 34 -19.25 12.57 4.70
C ILE A 34 -19.23 11.29 3.89
N MET A 35 -20.39 10.66 3.74
CA MET A 35 -20.47 9.40 2.98
C MET A 35 -19.55 9.47 1.78
N GLU A 36 -19.48 10.63 1.11
CA GLU A 36 -18.57 10.76 -0.03
C GLU A 36 -17.15 10.47 0.44
N PHE A 37 -16.73 11.11 1.54
CA PHE A 37 -15.41 10.86 2.09
C PHE A 37 -15.18 9.37 2.21
N VAL A 38 -15.99 8.78 3.08
CA VAL A 38 -15.90 7.36 3.36
C VAL A 38 -16.07 6.53 2.09
N LYS A 39 -17.04 6.90 1.26
CA LYS A 39 -17.25 6.19 0.01
C LYS A 39 -15.92 6.00 -0.70
N ALA A 40 -15.16 7.08 -0.90
CA ALA A 40 -13.89 6.95 -1.60
C ALA A 40 -12.90 6.13 -0.77
N PHE A 41 -12.92 6.29 0.55
CA PHE A 41 -12.06 5.47 1.38
C PHE A 41 -12.54 4.05 1.25
N ASN A 42 -13.65 3.71 1.87
CA ASN A 42 -14.16 2.35 1.83
C ASN A 42 -13.93 1.69 0.48
N ALA A 43 -14.24 2.45 -0.57
CA ALA A 43 -14.08 2.01 -1.94
C ALA A 43 -12.61 1.69 -2.25
N ALA A 44 -11.69 2.48 -1.68
CA ALA A 44 -10.27 2.22 -1.91
C ALA A 44 -9.73 1.25 -0.87
N THR A 45 -10.10 1.50 0.37
CA THR A 45 -9.68 0.62 1.45
C THR A 45 -10.23 -0.77 1.17
N ALA A 46 -11.23 -0.85 0.31
CA ALA A 46 -11.81 -2.12 -0.08
C ALA A 46 -11.01 -2.69 -1.24
N ASN A 47 -10.67 -1.83 -2.19
CA ASN A 47 -9.88 -2.26 -3.34
C ASN A 47 -8.53 -2.81 -2.85
N MET A 48 -8.19 -2.48 -1.62
CA MET A 48 -6.93 -2.90 -0.99
C MET A 48 -7.21 -3.73 0.26
N GLY A 49 -6.67 -4.93 0.38
CA GLY A 49 -6.96 -5.74 1.56
C GLY A 49 -6.97 -4.89 2.85
N ASP A 50 -7.56 -5.39 3.93
CA ASP A 50 -7.62 -4.62 5.18
C ASP A 50 -6.22 -4.37 5.69
N ALA A 51 -6.01 -3.26 6.42
CA ALA A 51 -4.65 -2.96 6.93
C ALA A 51 -4.66 -1.64 7.71
N ILE A 52 -3.52 -0.93 7.72
CA ILE A 52 -3.43 0.36 8.39
C ILE A 52 -2.55 1.28 7.58
N VAL A 53 -2.99 2.53 7.40
CA VAL A 53 -2.20 3.47 6.63
C VAL A 53 -2.37 4.91 7.17
N PRO A 54 -1.32 5.72 7.12
CA PRO A 54 -1.42 7.15 7.54
C PRO A 54 -2.13 7.98 6.48
N VAL A 55 -2.85 9.02 6.89
CA VAL A 55 -3.54 9.88 5.92
C VAL A 55 -3.48 11.34 6.36
N GLU A 56 -3.34 12.23 5.39
CA GLU A 56 -3.34 13.66 5.65
C GLU A 56 -4.38 14.28 4.73
N ILE A 57 -5.63 14.27 5.19
CA ILE A 57 -6.73 14.75 4.35
C ILE A 57 -6.59 16.25 4.05
N THR A 58 -5.80 16.56 3.03
CA THR A 58 -5.61 17.96 2.66
C THR A 58 -6.92 18.48 2.08
N ILE A 59 -7.76 19.10 2.92
CA ILE A 59 -9.04 19.61 2.46
C ILE A 59 -8.94 21.07 2.06
N TYR A 60 -9.36 21.38 0.81
CA TYR A 60 -9.35 22.77 0.34
C TYR A 60 -10.76 23.32 0.44
N ALA A 61 -10.86 24.61 0.83
CA ALA A 61 -12.16 25.24 1.05
C ALA A 61 -13.10 25.03 -0.12
N ASP A 62 -12.56 24.77 -1.31
CA ASP A 62 -13.40 24.49 -2.46
C ASP A 62 -14.18 23.21 -2.16
N ARG A 63 -14.01 22.71 -0.94
CA ARG A 63 -14.64 21.48 -0.52
C ARG A 63 -14.16 20.32 -1.37
N SER A 64 -12.91 19.93 -1.12
CA SER A 64 -12.31 18.80 -1.85
C SER A 64 -11.25 18.15 -0.98
N PHE A 65 -11.26 16.81 -0.86
CA PHE A 65 -10.27 16.14 -0.01
C PHE A 65 -9.16 15.55 -0.86
N THR A 66 -8.01 16.22 -0.92
CA THR A 66 -6.88 15.70 -1.68
C THR A 66 -5.96 14.94 -0.74
N PHE A 67 -5.56 13.74 -1.14
CA PHE A 67 -4.70 12.92 -0.30
C PHE A 67 -4.23 11.68 -1.06
N VAL A 68 -2.91 11.51 -1.16
CA VAL A 68 -2.35 10.34 -1.86
C VAL A 68 -1.76 9.36 -0.86
N THR A 69 -2.43 8.22 -0.67
CA THR A 69 -1.95 7.21 0.28
C THR A 69 -2.51 5.87 -0.10
N LYS A 70 -2.44 4.89 0.82
CA LYS A 70 -2.97 3.55 0.53
C LYS A 70 -1.97 2.80 -0.36
N THR A 71 -2.29 1.56 -0.73
CA THR A 71 -1.43 0.80 -1.62
C THR A 71 -0.10 0.50 -0.94
N PRO A 72 -0.09 -0.33 0.07
CA PRO A 72 1.16 -0.65 0.78
C PRO A 72 2.01 -1.68 0.02
N PRO A 73 3.30 -1.70 0.25
CA PRO A 73 4.22 -2.68 -0.43
C PRO A 73 3.97 -4.12 0.04
N ALA A 74 3.47 -4.97 -0.83
CA ALA A 74 3.20 -6.36 -0.49
C ALA A 74 2.39 -7.01 -1.60
N SER A 75 1.84 -8.20 -1.34
CA SER A 75 1.04 -8.90 -2.34
C SER A 75 0.13 -7.92 -3.08
N TYR A 76 -0.06 -6.73 -2.50
CA TYR A 76 -0.93 -5.73 -3.10
C TYR A 76 -0.69 -5.67 -4.62
N LEU A 77 0.54 -5.96 -5.02
CA LEU A 77 0.92 -5.96 -6.44
C LEU A 77 1.86 -7.14 -6.69
N ILE A 78 2.57 -7.52 -5.62
CA ILE A 78 3.51 -8.61 -5.72
C ILE A 78 2.80 -9.80 -6.35
N ARG A 79 1.51 -9.96 -6.01
CA ARG A 79 0.74 -11.07 -6.55
C ARG A 79 0.82 -11.07 -8.08
N LYS A 80 0.66 -9.91 -8.70
CA LYS A 80 0.74 -9.84 -10.15
C LYS A 80 2.14 -10.27 -10.59
N ALA A 81 3.15 -9.49 -10.19
CA ALA A 81 4.53 -9.84 -10.58
C ALA A 81 4.86 -11.28 -10.20
N ALA A 82 4.09 -11.82 -9.26
CA ALA A 82 4.31 -13.17 -8.79
C ALA A 82 3.62 -14.20 -9.67
N GLY A 83 2.31 -14.37 -9.50
CA GLY A 83 1.55 -15.33 -10.32
C GLY A 83 0.62 -16.18 -9.45
N LEU A 84 0.26 -15.66 -8.29
CA LEU A 84 -0.63 -16.40 -7.40
C LEU A 84 -2.06 -16.26 -7.88
N GLU A 85 -2.80 -17.38 -7.95
CA GLU A 85 -4.18 -17.32 -8.41
C GLU A 85 -5.11 -17.08 -7.22
N LYS A 86 -5.42 -18.14 -6.47
CA LYS A 86 -6.30 -18.01 -5.31
C LYS A 86 -5.87 -18.94 -4.18
N GLY A 87 -5.08 -19.95 -4.52
CA GLY A 87 -4.61 -20.90 -3.53
C GLY A 87 -3.48 -21.76 -4.11
N ALA A 88 -3.52 -23.06 -3.82
CA ALA A 88 -2.49 -23.96 -4.34
C ALA A 88 -2.97 -25.40 -4.37
N HIS A 89 -4.21 -25.62 -3.95
CA HIS A 89 -4.75 -26.97 -3.93
C HIS A 89 -3.76 -27.91 -3.24
N LYS A 90 -4.03 -29.21 -3.25
CA LYS A 90 -3.13 -30.16 -2.61
C LYS A 90 -1.68 -29.90 -3.05
N PRO A 91 -0.70 -30.26 -2.25
CA PRO A 91 0.72 -30.05 -2.63
C PRO A 91 1.03 -30.64 -4.02
N GLY A 92 1.86 -29.94 -4.79
CA GLY A 92 2.22 -30.41 -6.12
C GLY A 92 3.56 -29.83 -6.55
N ARG A 93 3.52 -28.84 -7.44
CA ARG A 93 4.75 -28.21 -7.90
C ARG A 93 5.14 -27.09 -6.94
N GLU A 94 6.43 -27.03 -6.58
CA GLU A 94 6.89 -25.99 -5.65
C GLU A 94 7.43 -24.79 -6.40
N LYS A 95 7.23 -24.77 -7.72
CA LYS A 95 7.70 -23.65 -8.55
C LYS A 95 6.61 -22.59 -8.66
N VAL A 96 6.68 -21.55 -7.83
CA VAL A 96 5.68 -20.48 -7.87
C VAL A 96 6.23 -19.22 -7.23
N GLY A 97 5.73 -18.06 -7.65
CA GLY A 97 6.20 -16.81 -7.07
C GLY A 97 7.65 -16.55 -7.48
N ARG A 98 7.85 -15.99 -8.67
CA ARG A 98 9.19 -15.70 -9.16
C ARG A 98 9.23 -14.36 -9.88
N ILE A 99 10.10 -13.47 -9.42
CA ILE A 99 10.24 -12.14 -10.02
C ILE A 99 11.70 -11.88 -10.32
N THR A 100 11.99 -10.98 -11.26
CA THR A 100 13.38 -10.68 -11.60
C THR A 100 13.92 -9.55 -10.74
N TRP A 101 15.23 -9.37 -10.75
CA TRP A 101 15.86 -8.34 -9.93
C TRP A 101 15.34 -6.94 -10.27
N GLU A 102 15.40 -6.53 -11.53
CA GLU A 102 14.96 -5.18 -11.87
C GLU A 102 13.52 -4.94 -11.42
N GLN A 103 12.67 -5.92 -11.60
CA GLN A 103 11.29 -5.73 -11.25
C GLN A 103 11.14 -5.43 -9.77
N VAL A 104 11.78 -6.21 -8.92
CA VAL A 104 11.68 -5.91 -7.49
C VAL A 104 12.35 -4.58 -7.19
N LEU A 105 13.35 -4.20 -7.98
CA LEU A 105 14.01 -2.93 -7.75
C LEU A 105 13.02 -1.81 -7.97
N GLU A 106 12.63 -1.56 -9.22
CA GLU A 106 11.68 -0.49 -9.50
C GLU A 106 10.53 -0.54 -8.49
N ILE A 107 9.98 -1.73 -8.25
CA ILE A 107 8.90 -1.85 -7.29
C ILE A 107 9.36 -1.43 -5.91
N ALA A 108 10.65 -1.57 -5.65
CA ALA A 108 11.21 -1.18 -4.35
C ALA A 108 11.98 0.13 -4.47
N LYS A 109 12.02 0.71 -5.67
CA LYS A 109 12.73 1.96 -5.88
C LYS A 109 11.85 3.15 -5.52
N GLN A 110 10.88 3.44 -6.38
CA GLN A 110 9.98 4.56 -6.13
C GLN A 110 9.28 4.38 -4.78
N LYS A 111 8.96 3.14 -4.44
CA LYS A 111 8.28 2.86 -3.17
C LYS A 111 9.21 3.07 -1.99
N MET A 112 9.91 4.21 -1.94
CA MET A 112 10.82 4.48 -0.82
C MET A 112 10.80 5.96 -0.43
N PRO A 113 9.65 6.51 -0.16
CA PRO A 113 9.58 7.95 0.24
C PRO A 113 10.42 8.25 1.48
N ASP A 114 10.30 7.41 2.50
CA ASP A 114 11.05 7.59 3.73
C ASP A 114 10.84 6.41 4.66
N LEU A 115 10.53 5.25 4.08
CA LEU A 115 10.28 4.06 4.87
C LEU A 115 11.30 3.91 6.00
N ASN A 116 12.52 3.53 5.65
CA ASN A 116 13.55 3.36 6.67
C ASN A 116 14.91 3.12 6.04
N THR A 117 14.96 3.11 4.71
CA THR A 117 16.23 2.85 4.02
C THR A 117 16.38 3.72 2.78
N THR A 118 17.54 3.57 2.13
CA THR A 118 17.83 4.36 0.94
C THR A 118 18.57 3.52 -0.10
N ASP A 119 19.21 2.45 0.35
CA ASP A 119 19.94 1.57 -0.55
C ASP A 119 18.98 0.59 -1.22
N LEU A 120 19.23 0.27 -2.49
CA LEU A 120 18.36 -0.66 -3.21
C LEU A 120 18.38 -2.04 -2.55
N GLU A 121 19.58 -2.43 -2.15
CA GLU A 121 19.80 -3.71 -1.48
C GLU A 121 18.92 -3.85 -0.24
N ALA A 122 18.68 -2.75 0.48
CA ALA A 122 17.82 -2.86 1.65
C ALA A 122 16.39 -3.07 1.19
N ALA A 123 15.77 -2.06 0.60
CA ALA A 123 14.40 -2.21 0.13
C ALA A 123 14.26 -3.50 -0.68
N ALA A 124 15.27 -3.82 -1.49
CA ALA A 124 15.22 -5.05 -2.26
C ALA A 124 14.99 -6.21 -1.32
N ARG A 125 15.99 -6.49 -0.46
CA ARG A 125 15.85 -7.58 0.49
C ARG A 125 14.45 -7.54 1.13
N MET A 126 13.90 -6.34 1.28
CA MET A 126 12.57 -6.21 1.85
C MET A 126 11.58 -6.98 0.97
N ILE A 127 11.28 -6.45 -0.21
CA ILE A 127 10.33 -7.11 -1.10
C ILE A 127 10.68 -8.59 -1.30
N ALA A 128 11.94 -8.85 -1.64
CA ALA A 128 12.37 -10.22 -1.82
C ALA A 128 12.30 -10.93 -0.49
N GLY A 129 13.20 -10.59 0.42
CA GLY A 129 13.21 -11.22 1.73
C GLY A 129 11.78 -11.38 2.24
N SER A 130 10.97 -10.33 2.10
CA SER A 130 9.57 -10.43 2.51
C SER A 130 8.91 -11.57 1.73
N ALA A 131 9.16 -11.63 0.44
CA ALA A 131 8.60 -12.70 -0.38
C ALA A 131 9.00 -14.03 0.24
N ARG A 132 10.29 -14.18 0.53
CA ARG A 132 10.75 -15.40 1.19
C ARG A 132 9.86 -15.63 2.39
N SER A 133 9.56 -14.59 3.16
CA SER A 133 8.64 -14.76 4.28
C SER A 133 7.38 -15.41 3.72
N MET A 134 6.68 -14.67 2.87
CA MET A 134 5.47 -15.18 2.24
C MET A 134 5.75 -16.53 1.58
N GLY A 135 7.01 -16.95 1.58
CA GLY A 135 7.39 -18.22 0.96
C GLY A 135 7.76 -17.98 -0.50
N VAL A 136 7.20 -16.90 -1.06
CA VAL A 136 7.50 -16.54 -2.44
C VAL A 136 9.01 -16.59 -2.64
N GLU A 137 9.47 -16.62 -3.91
CA GLU A 137 10.91 -16.65 -4.17
C GLU A 137 11.25 -15.59 -5.21
N VAL A 138 12.49 -15.11 -5.18
CA VAL A 138 12.94 -14.11 -6.16
C VAL A 138 14.06 -14.71 -6.98
N VAL A 139 13.94 -14.59 -8.31
CA VAL A 139 14.95 -15.12 -9.20
C VAL A 139 15.96 -14.05 -9.58
N GLY A 140 15.71 -12.82 -9.14
CA GLY A 140 16.60 -11.71 -9.44
C GLY A 140 17.99 -12.02 -8.88
N ALA A 141 19.03 -11.40 -9.45
CA ALA A 141 20.39 -11.66 -8.98
C ALA A 141 20.85 -13.05 -9.44
N PRO A 142 20.98 -13.25 -10.73
CA PRO A 142 21.41 -14.57 -11.27
C PRO A 142 22.90 -14.82 -11.01
N GLU A 143 23.39 -15.99 -11.41
CA GLU A 143 24.79 -16.32 -11.22
C GLU A 143 25.65 -15.27 -11.93
N VAL A 144 26.77 -14.86 -11.31
CA VAL A 144 27.65 -13.86 -11.90
C VAL A 144 29.07 -14.40 -11.95
N LYS A 145 29.69 -14.36 -13.13
CA LYS A 145 31.07 -14.84 -13.30
C LYS A 145 31.85 -13.93 -14.21
N ASP A 146 33.13 -13.69 -13.89
CA ASP A 146 33.96 -12.82 -14.72
C ASP A 146 34.90 -13.65 -15.58
N ALA A 147 35.96 -14.19 -14.98
CA ALA A 147 36.92 -15.00 -15.72
C ALA A 147 37.92 -15.65 -14.76
N MET A 1 -5.76 33.11 -4.45
CA MET A 1 -5.94 31.75 -5.02
C MET A 1 -6.25 30.77 -3.90
N LYS A 2 -6.99 29.71 -4.21
CA LYS A 2 -7.32 28.71 -3.20
C LYS A 2 -6.08 27.93 -2.81
N LYS A 3 -5.93 27.65 -1.52
CA LYS A 3 -4.75 26.91 -1.04
C LYS A 3 -5.15 26.00 0.13
N VAL A 4 -4.23 25.10 0.50
CA VAL A 4 -4.51 24.21 1.61
C VAL A 4 -4.81 25.04 2.85
N VAL A 5 -5.97 24.83 3.47
CA VAL A 5 -6.35 25.57 4.68
C VAL A 5 -6.44 24.62 5.86
N ALA A 6 -6.68 23.34 5.61
CA ALA A 6 -6.77 22.37 6.72
C ALA A 6 -6.21 21.03 6.31
N VAL A 7 -5.32 20.52 7.18
CA VAL A 7 -4.69 19.24 6.95
C VAL A 7 -5.02 18.29 8.09
N VAL A 8 -5.92 17.35 7.90
CA VAL A 8 -6.23 16.46 9.02
C VAL A 8 -5.17 15.36 9.13
N LYS A 9 -4.17 15.61 9.96
CA LYS A 9 -3.10 14.62 10.16
C LYS A 9 -3.61 13.50 11.05
N LEU A 10 -3.79 12.31 10.48
CA LEU A 10 -4.28 11.18 11.25
C LEU A 10 -4.15 9.91 10.44
N GLN A 11 -4.71 8.82 10.96
CA GLN A 11 -4.67 7.54 10.26
C GLN A 11 -6.07 7.21 9.78
N LEU A 12 -6.19 6.15 8.97
CA LEU A 12 -7.50 5.74 8.52
C LEU A 12 -7.55 4.20 8.45
N PRO A 13 -8.62 3.57 8.92
CA PRO A 13 -8.73 2.08 8.88
C PRO A 13 -9.21 1.54 7.52
N ALA A 14 -8.92 0.27 7.28
CA ALA A 14 -9.39 -0.44 6.08
C ALA A 14 -10.29 -1.57 6.56
N GLY A 15 -11.38 -1.84 5.83
CA GLY A 15 -12.28 -2.93 6.23
C GLY A 15 -12.66 -2.73 7.69
N LYS A 16 -12.80 -1.46 8.07
CA LYS A 16 -13.13 -1.08 9.43
C LYS A 16 -13.28 0.43 9.54
N ALA A 17 -14.22 0.98 8.78
CA ALA A 17 -14.50 2.41 8.82
C ALA A 17 -16.00 2.60 8.91
N THR A 18 -16.44 3.74 9.43
CA THR A 18 -17.87 3.97 9.57
C THR A 18 -18.17 5.43 9.90
N PRO A 19 -19.43 5.84 9.84
CA PRO A 19 -19.82 7.22 10.19
C PRO A 19 -19.50 7.57 11.66
N ALA A 20 -18.36 7.11 12.16
CA ALA A 20 -17.96 7.41 13.52
C ALA A 20 -16.45 7.52 13.63
N PRO A 21 -15.83 8.34 12.80
CA PRO A 21 -14.35 8.52 12.85
C PRO A 21 -13.94 9.48 13.97
N PRO A 22 -12.68 9.53 14.32
CA PRO A 22 -12.20 10.47 15.36
C PRO A 22 -12.53 11.92 14.97
N VAL A 23 -12.58 12.18 13.67
CA VAL A 23 -12.87 13.53 13.20
C VAL A 23 -14.37 13.76 13.24
N GLY A 24 -15.10 12.96 12.45
CA GLY A 24 -16.56 13.09 12.35
C GLY A 24 -16.96 14.55 12.26
N PRO A 25 -17.41 15.19 13.32
CA PRO A 25 -17.77 16.63 13.21
C PRO A 25 -16.68 17.41 12.48
N ALA A 26 -15.47 17.40 13.05
CA ALA A 26 -14.36 18.14 12.47
C ALA A 26 -14.31 17.93 10.96
N LEU A 27 -15.01 16.89 10.48
CA LEU A 27 -15.05 16.59 9.04
C LEU A 27 -16.47 16.70 8.50
N GLY A 28 -17.44 16.27 9.30
CA GLY A 28 -18.82 16.30 8.88
C GLY A 28 -19.26 17.68 8.51
N GLN A 29 -19.03 18.66 9.38
CA GLN A 29 -19.46 20.02 9.07
C GLN A 29 -18.50 20.66 8.07
N HIS A 30 -18.12 19.87 7.07
CA HIS A 30 -17.25 20.34 5.99
C HIS A 30 -18.12 20.85 4.85
N GLY A 31 -19.30 20.25 4.69
CA GLY A 31 -20.25 20.65 3.64
C GLY A 31 -20.33 19.57 2.57
N ALA A 32 -19.17 19.04 2.20
CA ALA A 32 -19.06 17.99 1.18
C ALA A 32 -19.98 16.82 1.46
N ASN A 33 -19.47 15.59 1.39
CA ASN A 33 -20.31 14.42 1.67
C ASN A 33 -19.54 13.38 2.50
N ILE A 34 -20.08 13.00 3.66
CA ILE A 34 -19.42 11.98 4.48
C ILE A 34 -19.38 10.68 3.70
N MET A 35 -20.54 10.03 3.56
CA MET A 35 -20.61 8.76 2.86
C MET A 35 -19.69 8.78 1.65
N GLU A 36 -19.68 9.88 0.89
CA GLU A 36 -18.77 9.97 -0.25
C GLU A 36 -17.34 9.78 0.24
N PHE A 37 -16.96 10.50 1.30
CA PHE A 37 -15.62 10.36 1.88
C PHE A 37 -15.33 8.89 2.10
N VAL A 38 -16.08 8.33 3.04
CA VAL A 38 -15.93 6.94 3.44
C VAL A 38 -16.11 6.01 2.25
N LYS A 39 -17.09 6.30 1.41
CA LYS A 39 -17.34 5.48 0.23
C LYS A 39 -16.02 5.27 -0.51
N ALA A 40 -15.40 6.35 -0.97
CA ALA A 40 -14.16 6.21 -1.72
C ALA A 40 -13.10 5.48 -0.89
N PHE A 41 -13.00 5.78 0.39
CA PHE A 41 -12.09 5.03 1.24
C PHE A 41 -12.57 3.58 1.24
N ASN A 42 -13.63 3.30 1.99
CA ASN A 42 -14.12 1.93 2.12
C ASN A 42 -14.04 1.18 0.80
N ALA A 43 -14.50 1.86 -0.25
CA ALA A 43 -14.51 1.31 -1.60
C ALA A 43 -13.12 0.90 -2.06
N ALA A 44 -12.10 1.65 -1.67
CA ALA A 44 -10.72 1.30 -2.06
C ALA A 44 -10.12 0.33 -1.05
N THR A 45 -10.33 0.62 0.22
CA THR A 45 -9.82 -0.24 1.25
C THR A 45 -10.54 -1.58 1.17
N ALA A 46 -11.71 -1.57 0.53
CA ALA A 46 -12.48 -2.80 0.34
C ALA A 46 -12.02 -3.46 -0.95
N ASN A 47 -11.65 -2.62 -1.93
CA ASN A 47 -11.16 -3.13 -3.20
C ASN A 47 -9.85 -3.89 -2.97
N MET A 48 -9.16 -3.54 -1.89
CA MET A 48 -7.90 -4.20 -1.54
C MET A 48 -8.08 -5.15 -0.35
N GLY A 49 -8.75 -4.70 0.71
CA GLY A 49 -8.97 -5.56 1.88
C GLY A 49 -8.87 -4.76 3.17
N ASP A 50 -9.09 -5.43 4.31
CA ASP A 50 -9.00 -4.75 5.60
C ASP A 50 -7.53 -4.51 5.95
N ALA A 51 -7.25 -3.42 6.66
CA ALA A 51 -5.85 -3.10 7.02
C ALA A 51 -5.76 -1.75 7.75
N ILE A 52 -4.61 -1.10 7.68
CA ILE A 52 -4.41 0.22 8.30
C ILE A 52 -3.53 1.06 7.41
N VAL A 53 -3.89 2.33 7.22
CA VAL A 53 -3.07 3.19 6.37
C VAL A 53 -2.99 4.62 6.93
N PRO A 54 -1.80 5.20 7.03
CA PRO A 54 -1.68 6.61 7.50
C PRO A 54 -2.17 7.59 6.43
N VAL A 55 -2.64 8.76 6.85
CA VAL A 55 -3.13 9.74 5.88
C VAL A 55 -3.05 11.17 6.43
N GLU A 56 -2.77 12.11 5.53
CA GLU A 56 -2.77 13.53 5.85
C GLU A 56 -3.78 14.16 4.92
N ILE A 57 -4.99 14.34 5.41
CA ILE A 57 -6.06 14.85 4.57
C ILE A 57 -5.84 16.32 4.22
N THR A 58 -5.15 16.53 3.12
CA THR A 58 -4.86 17.89 2.68
C THR A 58 -6.16 18.51 2.17
N ILE A 59 -6.83 19.30 3.03
CA ILE A 59 -8.10 19.92 2.65
C ILE A 59 -7.89 21.37 2.22
N TYR A 60 -8.46 21.74 1.06
CA TYR A 60 -8.36 23.13 0.56
C TYR A 60 -9.72 23.78 0.76
N ALA A 61 -9.68 25.08 1.13
CA ALA A 61 -10.90 25.83 1.43
C ALA A 61 -11.93 25.69 0.32
N ASP A 62 -11.47 25.46 -0.91
CA ASP A 62 -12.41 25.28 -2.00
C ASP A 62 -13.27 24.08 -1.68
N ARG A 63 -12.91 23.41 -0.59
CA ARG A 63 -13.61 22.22 -0.13
C ARG A 63 -13.21 21.03 -0.97
N SER A 64 -11.96 20.61 -0.79
CA SER A 64 -11.41 19.46 -1.52
C SER A 64 -10.46 18.70 -0.61
N PHE A 65 -10.69 17.40 -0.43
CA PHE A 65 -9.82 16.59 0.44
C PHE A 65 -8.90 15.71 -0.39
N THR A 66 -7.63 16.11 -0.50
CA THR A 66 -6.65 15.30 -1.21
C THR A 66 -5.91 14.43 -0.21
N PHE A 67 -5.73 13.15 -0.52
CA PHE A 67 -5.06 12.21 0.40
C PHE A 67 -3.88 11.55 -0.32
N VAL A 68 -3.12 10.76 0.41
CA VAL A 68 -1.97 10.06 -0.17
C VAL A 68 -1.67 8.79 0.63
N THR A 69 -2.35 7.70 0.26
CA THR A 69 -2.14 6.41 0.92
C THR A 69 -3.00 5.34 0.26
N LYS A 70 -2.43 4.15 0.07
CA LYS A 70 -3.16 3.05 -0.55
C LYS A 70 -2.32 1.80 -0.56
N THR A 71 -2.81 0.82 0.13
CA THR A 71 -2.15 -0.47 0.24
C THR A 71 -0.68 -0.30 0.68
N PRO A 72 -0.13 -1.13 1.54
CA PRO A 72 1.31 -0.97 1.91
C PRO A 72 2.28 -1.51 0.84
N PRO A 73 3.56 -1.21 0.96
CA PRO A 73 4.59 -1.74 0.00
C PRO A 73 4.77 -3.27 0.10
N ALA A 74 4.01 -4.02 -0.69
CA ALA A 74 4.07 -5.48 -0.64
C ALA A 74 3.14 -6.04 -1.70
N SER A 75 2.47 -7.16 -1.40
CA SER A 75 1.54 -7.79 -2.35
C SER A 75 0.77 -6.72 -3.14
N TYR A 76 0.83 -5.47 -2.65
CA TYR A 76 0.16 -4.36 -3.30
C TYR A 76 0.43 -4.40 -4.81
N LEU A 77 1.68 -4.70 -5.19
CA LEU A 77 2.09 -4.79 -6.61
C LEU A 77 2.83 -6.11 -6.83
N ILE A 78 3.23 -6.71 -5.71
CA ILE A 78 3.95 -7.97 -5.74
C ILE A 78 3.05 -9.04 -6.31
N ARG A 79 1.78 -9.01 -5.89
CA ARG A 79 0.83 -9.99 -6.35
C ARG A 79 0.88 -10.10 -7.86
N LYS A 80 0.97 -8.96 -8.54
CA LYS A 80 1.03 -8.98 -9.98
C LYS A 80 2.40 -9.53 -10.42
N ALA A 81 3.47 -8.84 -10.04
CA ALA A 81 4.81 -9.28 -10.43
C ALA A 81 5.03 -10.73 -10.02
N ALA A 82 4.24 -11.18 -9.04
CA ALA A 82 4.36 -12.55 -8.55
C ALA A 82 3.49 -13.52 -9.36
N GLY A 83 2.18 -13.52 -9.11
CA GLY A 83 1.28 -14.41 -9.85
C GLY A 83 0.86 -15.60 -8.99
N LEU A 84 0.29 -15.32 -7.82
CA LEU A 84 -0.13 -16.39 -6.93
C LEU A 84 -1.60 -16.72 -7.20
N GLU A 85 -1.85 -17.94 -7.69
CA GLU A 85 -3.22 -18.37 -7.97
C GLU A 85 -3.90 -18.83 -6.68
N LYS A 86 -5.14 -19.27 -6.78
CA LYS A 86 -5.86 -19.74 -5.60
C LYS A 86 -5.43 -21.17 -5.27
N GLY A 87 -5.36 -21.50 -3.98
CA GLY A 87 -4.93 -22.84 -3.58
C GLY A 87 -3.42 -22.92 -3.52
N ALA A 88 -2.88 -22.96 -2.29
CA ALA A 88 -1.43 -23.02 -2.13
C ALA A 88 -1.06 -23.53 -0.74
N HIS A 89 -2.06 -23.89 0.05
CA HIS A 89 -1.80 -24.39 1.39
C HIS A 89 -1.04 -25.71 1.33
N LYS A 90 -1.50 -26.62 0.48
CA LYS A 90 -0.83 -27.92 0.35
C LYS A 90 0.29 -27.85 -0.69
N PRO A 91 1.36 -28.60 -0.53
CA PRO A 91 2.47 -28.58 -1.54
C PRO A 91 1.95 -28.85 -2.95
N GLY A 92 2.53 -28.17 -3.94
CA GLY A 92 2.13 -28.38 -5.34
C GLY A 92 3.14 -27.73 -6.27
N ARG A 93 3.50 -28.43 -7.33
CA ARG A 93 4.47 -27.89 -8.27
C ARG A 93 5.80 -27.68 -7.56
N GLU A 94 6.77 -27.10 -8.25
CA GLU A 94 8.09 -26.83 -7.64
C GLU A 94 8.10 -25.46 -7.00
N LYS A 95 7.63 -25.37 -5.75
CA LYS A 95 7.59 -24.09 -5.05
C LYS A 95 6.86 -23.07 -5.91
N VAL A 96 6.55 -21.92 -5.34
CA VAL A 96 5.84 -20.87 -6.09
C VAL A 96 6.19 -19.49 -5.52
N GLY A 97 5.89 -18.44 -6.27
CA GLY A 97 6.20 -17.08 -5.81
C GLY A 97 7.61 -16.68 -6.22
N ARG A 98 7.73 -16.18 -7.45
CA ARG A 98 9.04 -15.75 -7.97
C ARG A 98 8.90 -14.44 -8.75
N ILE A 99 9.73 -13.46 -8.40
CA ILE A 99 9.71 -12.17 -9.09
C ILE A 99 11.08 -11.93 -9.73
N THR A 100 11.12 -11.17 -10.82
CA THR A 100 12.40 -10.93 -11.49
C THR A 100 13.19 -9.87 -10.74
N TRP A 101 14.51 -9.91 -10.89
CA TRP A 101 15.37 -8.98 -10.19
C TRP A 101 15.04 -7.54 -10.52
N GLU A 102 15.03 -7.16 -11.80
CA GLU A 102 14.73 -5.78 -12.15
C GLU A 102 13.36 -5.36 -11.63
N GLN A 103 12.38 -6.23 -11.77
CA GLN A 103 11.05 -5.89 -11.33
C GLN A 103 11.05 -5.54 -9.85
N VAL A 104 11.69 -6.35 -9.02
CA VAL A 104 11.72 -6.01 -7.60
C VAL A 104 12.52 -4.74 -7.39
N LEU A 105 13.52 -4.49 -8.24
CA LEU A 105 14.30 -3.28 -8.09
C LEU A 105 13.39 -2.07 -8.27
N GLU A 106 12.94 -1.83 -9.51
CA GLU A 106 12.07 -0.69 -9.77
C GLU A 106 10.96 -0.63 -8.71
N ILE A 107 10.30 -1.76 -8.48
CA ILE A 107 9.23 -1.80 -7.48
C ILE A 107 9.78 -1.38 -6.13
N ALA A 108 11.08 -1.58 -5.91
CA ALA A 108 11.69 -1.20 -4.64
C ALA A 108 12.54 0.07 -4.81
N LYS A 109 12.53 0.62 -6.03
CA LYS A 109 13.32 1.82 -6.30
C LYS A 109 12.50 3.06 -5.94
N GLN A 110 11.51 3.38 -6.76
CA GLN A 110 10.68 4.55 -6.52
C GLN A 110 9.88 4.38 -5.23
N LYS A 111 9.36 3.18 -5.01
CA LYS A 111 8.56 2.90 -3.82
C LYS A 111 9.39 3.12 -2.56
N MET A 112 9.30 4.32 -1.99
CA MET A 112 10.06 4.63 -0.78
C MET A 112 9.38 5.75 0.03
N PRO A 113 8.12 5.60 0.38
CA PRO A 113 7.42 6.65 1.16
C PRO A 113 8.23 7.09 2.40
N ASP A 114 8.73 6.11 3.14
CA ASP A 114 9.51 6.40 4.35
C ASP A 114 10.15 5.13 4.88
N LEU A 115 10.64 4.30 3.96
CA LEU A 115 11.28 3.04 4.35
C LEU A 115 12.66 3.29 4.95
N ASN A 116 13.02 2.50 5.94
CA ASN A 116 14.33 2.63 6.58
C ASN A 116 15.43 2.20 5.63
N THR A 117 15.26 2.47 4.33
CA THR A 117 16.27 2.07 3.36
C THR A 117 16.49 3.15 2.30
N THR A 118 17.60 3.04 1.59
CA THR A 118 17.96 4.01 0.56
C THR A 118 18.62 3.32 -0.63
N ASP A 119 19.55 2.42 -0.34
CA ASP A 119 20.23 1.69 -1.41
C ASP A 119 19.27 0.67 -2.01
N LEU A 120 19.49 0.35 -3.30
CA LEU A 120 18.62 -0.61 -3.97
C LEU A 120 18.66 -1.95 -3.25
N GLU A 121 19.85 -2.34 -2.85
CA GLU A 121 20.07 -3.58 -2.12
C GLU A 121 19.26 -3.62 -0.83
N ALA A 122 19.24 -2.53 -0.08
CA ALA A 122 18.45 -2.53 1.14
C ALA A 122 16.97 -2.63 0.77
N ALA A 123 16.39 -1.56 0.20
CA ALA A 123 14.99 -1.61 -0.19
C ALA A 123 14.68 -2.94 -0.89
N ALA A 124 15.43 -3.27 -1.94
CA ALA A 124 15.20 -4.53 -2.63
C ALA A 124 15.03 -5.64 -1.60
N ARG A 125 16.08 -5.87 -0.80
CA ARG A 125 16.03 -6.90 0.23
C ARG A 125 14.70 -6.81 0.98
N MET A 126 14.18 -5.59 1.11
CA MET A 126 12.89 -5.41 1.76
C MET A 126 11.84 -6.21 1.01
N ILE A 127 11.56 -5.80 -0.22
CA ILE A 127 10.53 -6.45 -1.03
C ILE A 127 10.80 -7.93 -1.16
N ALA A 128 12.03 -8.25 -1.51
CA ALA A 128 12.40 -9.65 -1.63
C ALA A 128 12.34 -10.26 -0.24
N GLY A 129 13.27 -9.86 0.62
CA GLY A 129 13.30 -10.41 1.98
C GLY A 129 11.88 -10.47 2.55
N SER A 130 11.12 -9.40 2.41
CA SER A 130 9.73 -9.42 2.88
C SER A 130 8.99 -10.55 2.18
N ALA A 131 9.23 -10.70 0.87
CA ALA A 131 8.59 -11.78 0.13
C ALA A 131 8.89 -13.08 0.85
N ARG A 132 10.16 -13.30 1.19
CA ARG A 132 10.52 -14.48 1.92
C ARG A 132 9.59 -14.59 3.12
N SER A 133 9.33 -13.46 3.77
CA SER A 133 8.40 -13.48 4.90
C SER A 133 7.05 -13.99 4.39
N MET A 134 6.36 -13.15 3.63
CA MET A 134 5.06 -13.52 3.06
C MET A 134 5.12 -14.92 2.46
N GLY A 135 6.32 -15.46 2.29
CA GLY A 135 6.49 -16.77 1.68
C GLY A 135 6.64 -16.64 0.17
N VAL A 136 7.73 -16.03 -0.26
CA VAL A 136 8.00 -15.81 -1.68
C VAL A 136 9.50 -15.62 -1.87
N GLU A 137 10.06 -16.18 -2.95
CA GLU A 137 11.50 -16.04 -3.22
C GLU A 137 11.71 -15.26 -4.50
N VAL A 138 12.95 -14.91 -4.80
CA VAL A 138 13.26 -14.19 -6.04
C VAL A 138 13.70 -15.23 -7.06
N VAL A 139 13.42 -14.96 -8.33
CA VAL A 139 13.78 -15.88 -9.40
C VAL A 139 15.30 -16.05 -9.46
N GLY A 140 16.01 -15.44 -8.51
CA GLY A 140 17.47 -15.50 -8.49
C GLY A 140 18.04 -14.22 -9.07
N ALA A 141 19.27 -13.87 -8.70
CA ALA A 141 19.90 -12.66 -9.20
C ALA A 141 21.41 -12.88 -9.36
N PRO A 142 21.81 -13.71 -10.30
CA PRO A 142 23.26 -13.99 -10.52
C PRO A 142 23.99 -12.79 -11.11
N GLU A 143 25.28 -12.68 -10.81
CA GLU A 143 26.08 -11.57 -11.34
C GLU A 143 27.57 -11.78 -11.06
N VAL A 144 27.98 -13.02 -10.88
CA VAL A 144 29.38 -13.34 -10.61
C VAL A 144 29.83 -14.49 -11.50
N LYS A 145 31.01 -14.33 -12.12
CA LYS A 145 31.55 -15.37 -13.00
C LYS A 145 32.69 -16.10 -12.30
N ASP A 146 32.35 -17.08 -11.47
CA ASP A 146 33.36 -17.84 -10.75
C ASP A 146 32.77 -19.15 -10.22
N ALA A 147 32.91 -20.23 -10.98
CA ALA A 147 32.40 -21.53 -10.56
C ALA A 147 33.45 -22.29 -9.75
N MET A 1 -9.67 29.81 0.15
CA MET A 1 -9.07 30.78 -0.80
C MET A 1 -8.27 30.03 -1.87
N LYS A 2 -7.28 29.24 -1.44
CA LYS A 2 -6.46 28.49 -2.38
C LYS A 2 -5.52 27.56 -1.62
N LYS A 3 -5.01 26.52 -2.29
CA LYS A 3 -4.11 25.60 -1.63
C LYS A 3 -4.80 24.90 -0.48
N VAL A 4 -4.36 23.69 -0.14
CA VAL A 4 -4.96 22.97 0.97
C VAL A 4 -4.92 23.81 2.24
N VAL A 5 -6.06 24.38 2.62
CA VAL A 5 -6.09 25.20 3.82
C VAL A 5 -6.18 24.33 5.06
N ALA A 6 -7.07 23.32 5.05
CA ALA A 6 -7.21 22.44 6.21
C ALA A 6 -6.49 21.13 5.97
N VAL A 7 -5.87 20.61 7.02
CA VAL A 7 -5.14 19.35 6.94
C VAL A 7 -5.52 18.45 8.11
N VAL A 8 -6.40 17.49 7.93
CA VAL A 8 -6.79 16.67 9.08
C VAL A 8 -5.83 15.50 9.28
N LYS A 9 -4.77 15.72 10.05
CA LYS A 9 -3.81 14.66 10.32
C LYS A 9 -4.37 13.71 11.38
N LEU A 10 -4.58 12.45 11.01
CA LEU A 10 -5.13 11.49 11.97
C LEU A 10 -5.06 10.07 11.40
N GLN A 11 -5.65 9.12 12.12
CA GLN A 11 -5.69 7.73 11.65
C GLN A 11 -7.05 7.48 11.01
N LEU A 12 -7.15 6.42 10.22
CA LEU A 12 -8.39 6.08 9.55
C LEU A 12 -8.50 4.55 9.38
N PRO A 13 -9.20 3.88 10.27
CA PRO A 13 -9.30 2.39 10.20
C PRO A 13 -9.79 1.84 8.87
N ALA A 14 -9.30 0.65 8.51
CA ALA A 14 -9.75 -0.02 7.29
C ALA A 14 -10.87 -0.98 7.72
N GLY A 15 -11.91 -1.13 6.90
CA GLY A 15 -13.00 -2.02 7.27
C GLY A 15 -13.38 -1.79 8.73
N LYS A 16 -13.21 -0.54 9.17
CA LYS A 16 -13.47 -0.14 10.54
C LYS A 16 -13.81 1.34 10.62
N ALA A 17 -14.49 1.85 9.59
CA ALA A 17 -14.91 3.25 9.58
C ALA A 17 -16.43 3.27 9.55
N THR A 18 -17.03 4.32 10.09
CA THR A 18 -18.48 4.39 10.13
C THR A 18 -18.97 5.83 10.23
N PRO A 19 -20.25 6.07 10.03
CA PRO A 19 -20.82 7.44 10.18
C PRO A 19 -20.65 7.99 11.59
N ALA A 20 -19.53 7.68 12.25
CA ALA A 20 -19.28 8.18 13.59
C ALA A 20 -17.80 8.13 13.91
N PRO A 21 -16.97 8.78 13.11
CA PRO A 21 -15.51 8.79 13.35
C PRO A 21 -15.11 9.80 14.44
N PRO A 22 -13.88 9.75 14.89
CA PRO A 22 -13.41 10.73 15.90
C PRO A 22 -13.62 12.16 15.43
N VAL A 23 -13.60 12.35 14.11
CA VAL A 23 -13.78 13.68 13.53
C VAL A 23 -15.27 13.98 13.41
N GLY A 24 -15.98 13.16 12.61
CA GLY A 24 -17.40 13.34 12.38
C GLY A 24 -17.72 14.82 12.16
N PRO A 25 -18.18 15.54 13.16
CA PRO A 25 -18.47 16.98 12.94
C PRO A 25 -17.31 17.65 12.21
N ALA A 26 -16.15 17.63 12.84
CA ALA A 26 -14.98 18.27 12.23
C ALA A 26 -14.85 17.83 10.78
N LEU A 27 -15.38 16.63 10.45
CA LEU A 27 -15.31 16.13 9.07
C LEU A 27 -16.72 16.07 8.50
N GLY A 28 -17.59 16.90 9.00
CA GLY A 28 -18.96 16.92 8.52
C GLY A 28 -19.63 18.24 8.83
N GLN A 29 -18.92 19.34 8.63
CA GLN A 29 -19.46 20.66 8.89
C GLN A 29 -18.99 21.63 7.81
N HIS A 30 -17.96 21.22 7.09
CA HIS A 30 -17.42 22.04 6.02
C HIS A 30 -18.52 22.30 4.99
N GLY A 31 -19.63 21.58 5.13
CA GLY A 31 -20.75 21.74 4.22
C GLY A 31 -20.76 20.62 3.17
N ALA A 32 -19.63 19.94 3.05
CA ALA A 32 -19.45 18.85 2.10
C ALA A 32 -20.42 17.70 2.35
N ASN A 33 -19.90 16.46 2.38
CA ASN A 33 -20.75 15.29 2.62
C ASN A 33 -20.09 14.38 3.65
N ILE A 34 -20.58 13.14 3.76
CA ILE A 34 -20.01 12.16 4.70
C ILE A 34 -19.94 10.80 4.01
N MET A 35 -21.10 10.15 3.87
CA MET A 35 -21.15 8.84 3.25
C MET A 35 -20.22 8.80 2.03
N GLU A 36 -20.16 9.90 1.30
CA GLU A 36 -19.27 9.95 0.14
C GLU A 36 -17.83 9.72 0.61
N PHE A 37 -17.38 10.53 1.57
CA PHE A 37 -16.04 10.38 2.13
C PHE A 37 -15.76 8.91 2.41
N VAL A 38 -16.63 8.37 3.25
CA VAL A 38 -16.55 6.98 3.66
C VAL A 38 -16.71 6.03 2.49
N LYS A 39 -17.69 6.32 1.62
CA LYS A 39 -17.90 5.48 0.44
C LYS A 39 -16.57 5.16 -0.20
N ALA A 40 -15.82 6.19 -0.60
CA ALA A 40 -14.54 5.96 -1.24
C ALA A 40 -13.59 5.25 -0.28
N PHE A 41 -13.59 5.63 0.98
CA PHE A 41 -12.76 4.92 1.93
C PHE A 41 -13.24 3.47 1.98
N ASN A 42 -14.38 3.24 2.63
CA ASN A 42 -14.89 1.89 2.78
C ASN A 42 -14.68 1.06 1.51
N ALA A 43 -14.99 1.69 0.38
CA ALA A 43 -14.87 1.07 -0.92
C ALA A 43 -13.46 0.58 -1.20
N ALA A 44 -12.46 1.34 -0.75
CA ALA A 44 -11.06 0.94 -0.97
C ALA A 44 -10.61 0.02 0.16
N THR A 45 -10.90 0.43 1.37
CA THR A 45 -10.53 -0.38 2.52
C THR A 45 -11.25 -1.72 2.43
N ALA A 46 -12.33 -1.74 1.64
CA ALA A 46 -13.07 -2.97 1.42
C ALA A 46 -12.46 -3.70 0.23
N ASN A 47 -11.98 -2.92 -0.74
CA ASN A 47 -11.35 -3.49 -1.93
C ASN A 47 -10.12 -4.29 -1.50
N MET A 48 -9.55 -3.91 -0.36
CA MET A 48 -8.37 -4.58 0.18
C MET A 48 -8.76 -5.45 1.38
N GLY A 49 -8.80 -4.87 2.59
CA GLY A 49 -9.18 -5.63 3.77
C GLY A 49 -9.25 -4.74 5.01
N ASP A 50 -9.79 -5.26 6.11
CA ASP A 50 -9.89 -4.48 7.35
C ASP A 50 -8.50 -4.29 7.93
N ALA A 51 -8.21 -3.08 8.42
CA ALA A 51 -6.87 -2.80 8.96
C ALA A 51 -6.81 -1.39 9.57
N ILE A 52 -5.63 -0.79 9.54
CA ILE A 52 -5.46 0.59 10.05
C ILE A 52 -4.56 1.35 9.09
N VAL A 53 -5.05 2.50 8.59
CA VAL A 53 -4.26 3.29 7.66
C VAL A 53 -4.09 4.74 8.13
N PRO A 54 -2.86 5.22 8.33
CA PRO A 54 -2.64 6.65 8.71
C PRO A 54 -2.83 7.56 7.49
N VAL A 55 -3.43 8.73 7.70
CA VAL A 55 -3.63 9.65 6.59
C VAL A 55 -3.85 11.07 7.07
N GLU A 56 -3.70 12.01 6.16
CA GLU A 56 -3.93 13.42 6.46
C GLU A 56 -4.86 13.96 5.38
N ILE A 57 -6.06 14.36 5.77
CA ILE A 57 -7.03 14.84 4.80
C ILE A 57 -6.73 16.26 4.35
N THR A 58 -5.90 16.36 3.30
CA THR A 58 -5.51 17.68 2.81
C THR A 58 -6.71 18.25 2.07
N ILE A 59 -7.29 19.33 2.62
CA ILE A 59 -8.46 19.97 2.01
C ILE A 59 -8.16 21.40 1.61
N TYR A 60 -8.62 21.77 0.40
CA TYR A 60 -8.48 23.14 -0.10
C TYR A 60 -9.85 23.79 -0.16
N ALA A 61 -9.84 25.12 0.07
CA ALA A 61 -11.09 25.87 0.15
C ALA A 61 -11.96 25.66 -1.08
N ASP A 62 -11.35 25.26 -2.19
CA ASP A 62 -12.15 24.98 -3.37
C ASP A 62 -13.07 23.80 -3.06
N ARG A 63 -13.09 23.43 -1.78
CA ARG A 63 -13.88 22.32 -1.32
C ARG A 63 -13.48 21.04 -2.04
N SER A 64 -12.30 20.55 -1.67
CA SER A 64 -11.77 19.31 -2.25
C SER A 64 -10.90 18.62 -1.22
N PHE A 65 -10.86 17.28 -1.23
CA PHE A 65 -10.09 16.53 -0.23
C PHE A 65 -9.08 15.59 -0.89
N THR A 66 -7.80 15.93 -0.84
CA THR A 66 -6.78 15.03 -1.39
C THR A 66 -6.25 14.18 -0.25
N PHE A 67 -6.36 12.87 -0.40
CA PHE A 67 -5.96 11.95 0.67
C PHE A 67 -6.26 10.53 0.24
N VAL A 68 -6.53 9.65 1.23
CA VAL A 68 -6.83 8.25 0.95
C VAL A 68 -5.54 7.47 0.71
N THR A 69 -5.58 6.15 0.86
CA THR A 69 -4.38 5.34 0.63
C THR A 69 -4.66 3.89 0.98
N LYS A 70 -4.52 3.01 0.00
CA LYS A 70 -4.76 1.59 0.24
C LYS A 70 -3.87 0.75 -0.64
N THR A 71 -3.47 -0.41 -0.16
CA THR A 71 -2.65 -1.30 -0.97
C THR A 71 -2.19 -2.51 -0.14
N PRO A 72 -2.14 -3.69 -0.72
CA PRO A 72 -1.65 -4.89 0.03
C PRO A 72 -0.15 -4.84 0.27
N PRO A 73 0.38 -5.73 1.10
CA PRO A 73 1.86 -5.81 1.38
C PRO A 73 2.69 -5.77 0.10
N ALA A 74 3.93 -6.29 0.16
CA ALA A 74 4.81 -6.28 -1.01
C ALA A 74 3.99 -6.50 -2.29
N SER A 75 2.92 -7.32 -2.16
CA SER A 75 2.05 -7.60 -3.29
C SER A 75 1.82 -6.33 -4.10
N TYR A 76 2.24 -5.16 -3.57
CA TYR A 76 2.04 -3.88 -4.25
C TYR A 76 2.12 -4.12 -5.76
N LEU A 77 3.33 -4.19 -6.28
CA LEU A 77 3.55 -4.51 -7.70
C LEU A 77 4.13 -5.92 -7.78
N ILE A 78 4.40 -6.49 -6.60
CA ILE A 78 4.94 -7.83 -6.53
C ILE A 78 3.96 -8.83 -7.11
N ARG A 79 2.68 -8.65 -6.76
CA ARG A 79 1.65 -9.55 -7.24
C ARG A 79 1.71 -9.68 -8.75
N LYS A 80 2.03 -8.60 -9.45
CA LYS A 80 2.11 -8.64 -10.90
C LYS A 80 3.42 -9.33 -11.31
N ALA A 81 4.54 -8.69 -11.03
CA ALA A 81 5.83 -9.29 -11.40
C ALA A 81 5.94 -10.72 -10.88
N ALA A 82 5.04 -11.08 -9.96
CA ALA A 82 5.05 -12.41 -9.38
C ALA A 82 4.20 -13.39 -10.18
N GLY A 83 2.87 -13.31 -10.03
CA GLY A 83 1.97 -14.19 -10.76
C GLY A 83 1.02 -14.92 -9.80
N LEU A 84 0.57 -14.22 -8.77
CA LEU A 84 -0.33 -14.84 -7.80
C LEU A 84 -1.78 -14.61 -8.22
N GLU A 85 -2.43 -15.65 -8.74
CA GLU A 85 -3.81 -15.52 -9.17
C GLU A 85 -4.77 -15.69 -7.99
N LYS A 86 -4.51 -16.70 -7.17
CA LYS A 86 -5.35 -16.97 -6.00
C LYS A 86 -4.75 -18.11 -5.17
N GLY A 87 -5.10 -18.18 -3.90
CA GLY A 87 -4.56 -19.22 -3.03
C GLY A 87 -3.31 -18.72 -2.32
N ALA A 88 -3.10 -19.18 -1.09
CA ALA A 88 -1.92 -18.74 -0.34
C ALA A 88 -1.86 -19.41 1.03
N HIS A 89 -2.88 -20.22 1.34
CA HIS A 89 -2.91 -20.90 2.63
C HIS A 89 -1.69 -21.79 2.81
N LYS A 90 -1.36 -22.57 1.77
CA LYS A 90 -0.20 -23.44 1.84
C LYS A 90 0.18 -23.96 0.45
N PRO A 91 1.44 -24.27 0.22
CA PRO A 91 1.86 -24.79 -1.12
C PRO A 91 1.03 -26.01 -1.54
N GLY A 92 0.78 -26.14 -2.84
CA GLY A 92 0.00 -27.26 -3.35
C GLY A 92 -0.06 -27.25 -4.86
N ARG A 93 1.09 -27.28 -5.51
CA ARG A 93 1.13 -27.27 -6.96
C ARG A 93 2.49 -27.74 -7.47
N GLU A 94 3.46 -26.83 -7.57
CA GLU A 94 4.78 -27.18 -8.04
C GLU A 94 5.74 -26.01 -7.86
N LYS A 95 5.50 -24.92 -8.59
CA LYS A 95 6.34 -23.73 -8.49
C LYS A 95 5.48 -22.47 -8.59
N VAL A 96 5.77 -21.49 -7.74
CA VAL A 96 5.00 -20.25 -7.76
C VAL A 96 5.79 -19.12 -7.09
N GLY A 97 5.56 -17.88 -7.52
CA GLY A 97 6.28 -16.77 -6.93
C GLY A 97 7.68 -16.67 -7.52
N ARG A 98 7.79 -16.01 -8.68
CA ARG A 98 9.09 -15.86 -9.33
C ARG A 98 9.23 -14.49 -9.98
N ILE A 99 10.00 -13.61 -9.33
CA ILE A 99 10.23 -12.27 -9.85
C ILE A 99 11.66 -12.20 -10.37
N THR A 100 11.95 -11.23 -11.24
CA THR A 100 13.30 -11.14 -11.79
C THR A 100 14.15 -10.19 -10.96
N TRP A 101 15.46 -10.42 -10.96
CA TRP A 101 16.37 -9.61 -10.17
C TRP A 101 16.33 -8.14 -10.60
N GLU A 102 16.47 -7.83 -11.87
CA GLU A 102 16.45 -6.44 -12.29
C GLU A 102 15.13 -5.76 -11.91
N GLN A 103 14.03 -6.45 -12.11
CA GLN A 103 12.75 -5.85 -11.82
C GLN A 103 12.64 -5.44 -10.37
N VAL A 104 13.07 -6.31 -9.45
CA VAL A 104 12.99 -5.92 -8.05
C VAL A 104 13.90 -4.71 -7.82
N LEU A 105 15.02 -4.63 -8.54
CA LEU A 105 15.90 -3.47 -8.39
C LEU A 105 15.14 -2.22 -8.77
N GLU A 106 14.89 -2.03 -10.08
CA GLU A 106 14.16 -0.85 -10.51
C GLU A 106 12.96 -0.59 -9.61
N ILE A 107 12.09 -1.59 -9.47
CA ILE A 107 10.92 -1.44 -8.60
C ILE A 107 11.35 -0.94 -7.23
N ALA A 108 12.60 -1.22 -6.85
CA ALA A 108 13.10 -0.74 -5.56
C ALA A 108 13.71 0.64 -5.70
N LYS A 109 14.51 0.85 -6.74
CA LYS A 109 15.14 2.16 -6.94
C LYS A 109 14.13 3.28 -6.70
N GLN A 110 13.15 3.38 -7.58
CA GLN A 110 12.12 4.42 -7.46
C GLN A 110 11.41 4.28 -6.12
N LYS A 111 10.68 3.20 -5.93
CA LYS A 111 9.95 2.98 -4.68
C LYS A 111 10.83 3.27 -3.48
N MET A 112 10.91 4.54 -3.06
CA MET A 112 11.72 4.88 -1.90
C MET A 112 11.26 6.19 -1.26
N PRO A 113 9.99 6.35 -0.98
CA PRO A 113 9.50 7.57 -0.31
C PRO A 113 10.05 7.72 1.11
N ASP A 114 10.24 6.59 1.78
CA ASP A 114 10.76 6.59 3.14
C ASP A 114 11.31 5.22 3.49
N LEU A 115 10.43 4.27 3.79
CA LEU A 115 10.87 2.92 4.12
C LEU A 115 12.06 2.96 5.06
N ASN A 116 12.69 1.81 5.27
CA ASN A 116 13.86 1.74 6.16
C ASN A 116 15.07 1.20 5.41
N THR A 117 15.20 1.57 4.13
CA THR A 117 16.32 1.08 3.32
C THR A 117 16.95 2.19 2.49
N THR A 118 18.11 1.88 1.93
CA THR A 118 18.85 2.85 1.12
C THR A 118 19.43 2.17 -0.12
N ASP A 119 20.62 1.58 0.03
CA ASP A 119 21.26 0.90 -1.09
C ASP A 119 20.30 -0.15 -1.66
N LEU A 120 20.58 -0.64 -2.86
CA LEU A 120 19.73 -1.65 -3.47
C LEU A 120 19.70 -2.90 -2.63
N GLU A 121 20.86 -3.26 -2.11
CA GLU A 121 21.00 -4.44 -1.27
C GLU A 121 19.97 -4.44 -0.15
N ALA A 122 19.77 -3.32 0.53
CA ALA A 122 18.76 -3.30 1.58
C ALA A 122 17.38 -3.40 0.94
N ALA A 123 16.96 -2.39 0.18
CA ALA A 123 15.65 -2.45 -0.46
C ALA A 123 15.47 -3.79 -1.17
N ALA A 124 16.47 -4.19 -1.95
CA ALA A 124 16.40 -5.48 -2.65
C ALA A 124 15.94 -6.53 -1.66
N ARG A 125 16.85 -6.93 -0.75
CA ARG A 125 16.50 -7.94 0.25
C ARG A 125 15.08 -7.67 0.78
N MET A 126 14.74 -6.40 0.95
CA MET A 126 13.40 -6.05 1.40
C MET A 126 12.36 -6.69 0.48
N ILE A 127 12.22 -6.14 -0.73
CA ILE A 127 11.23 -6.68 -1.67
C ILE A 127 11.40 -8.18 -1.84
N ALA A 128 12.62 -8.63 -2.13
CA ALA A 128 12.84 -10.06 -2.28
C ALA A 128 12.54 -10.72 -0.94
N GLY A 129 13.40 -10.48 0.04
CA GLY A 129 13.19 -11.07 1.36
C GLY A 129 11.70 -11.02 1.73
N SER A 130 11.06 -9.88 1.45
CA SER A 130 9.63 -9.77 1.70
C SER A 130 8.90 -10.88 0.92
N ALA A 131 9.27 -11.05 -0.36
CA ALA A 131 8.66 -12.10 -1.16
C ALA A 131 8.76 -13.41 -0.39
N ARG A 132 9.97 -13.71 0.09
CA ARG A 132 10.15 -14.90 0.92
C ARG A 132 9.10 -14.87 2.01
N SER A 133 8.77 -13.68 2.51
CA SER A 133 7.72 -13.59 3.52
C SER A 133 6.43 -14.05 2.86
N MET A 134 5.90 -13.24 1.95
CA MET A 134 4.69 -13.59 1.21
C MET A 134 4.78 -15.02 0.67
N GLY A 135 5.94 -15.65 0.81
CA GLY A 135 6.11 -16.99 0.31
C GLY A 135 6.39 -16.96 -1.18
N VAL A 136 7.41 -16.20 -1.55
CA VAL A 136 7.79 -16.05 -2.95
C VAL A 136 9.31 -16.12 -3.05
N GLU A 137 9.84 -16.38 -4.25
CA GLU A 137 11.29 -16.45 -4.44
C GLU A 137 11.71 -15.64 -5.66
N VAL A 138 12.98 -15.24 -5.72
CA VAL A 138 13.46 -14.50 -6.89
C VAL A 138 14.18 -15.50 -7.78
N VAL A 139 14.28 -15.15 -9.07
CA VAL A 139 14.94 -16.02 -10.04
C VAL A 139 16.46 -15.80 -10.03
N GLY A 140 16.90 -14.83 -9.23
CA GLY A 140 18.32 -14.51 -9.15
C GLY A 140 18.75 -14.38 -7.69
N ALA A 141 19.25 -15.46 -7.12
CA ALA A 141 19.70 -15.45 -5.72
C ALA A 141 20.77 -16.52 -5.50
N PRO A 142 21.94 -16.34 -6.09
CA PRO A 142 23.03 -17.35 -5.93
C PRO A 142 23.43 -17.53 -4.46
N GLU A 143 23.81 -18.76 -4.10
CA GLU A 143 24.22 -19.04 -2.74
C GLU A 143 25.13 -20.27 -2.68
N VAL A 144 25.79 -20.58 -3.80
CA VAL A 144 26.69 -21.74 -3.83
C VAL A 144 28.02 -21.32 -4.42
N LYS A 145 29.12 -21.67 -3.75
CA LYS A 145 30.44 -21.31 -4.25
C LYS A 145 30.44 -19.82 -4.62
N ASP A 146 31.47 -19.39 -5.35
CA ASP A 146 31.54 -17.99 -5.75
C ASP A 146 30.64 -17.75 -6.97
N ALA A 147 29.58 -16.97 -6.81
CA ALA A 147 28.66 -16.70 -7.92
C ALA A 147 29.10 -15.43 -8.65
#